data_7RZ5
#
_entry.id   7RZ5
#
_cell.length_a   1.00
_cell.length_b   1.00
_cell.length_c   1.00
_cell.angle_alpha   90.00
_cell.angle_beta   90.00
_cell.angle_gamma   90.00
#
_symmetry.space_group_name_H-M   'P 1'
#
loop_
_entity.id
_entity.type
_entity.pdbx_description
1 polymer 'Glutamate receptor 2'
2 non-polymer '{[7-morpholin-4-yl-2,3-dioxo-6-(trifluoromethyl)-3,4-dihydroquinoxalin-1(2H)-yl]methyl}phosphonic acid'
3 non-polymer 1,2-DIOLEOYL-SN-GLYCERO-3-PHOSPHOCHOLINE
#
_entity_poly.entity_id   1
_entity_poly.type   'polypeptide(L)'
_entity_poly.pdbx_seq_one_letter_code
;NSIQIGGLFPRGADQEYSAFRVGMVQFSTSEFRLTPHIDNLEVANSFAVTNAFCSQFSRGVYAIFGFYDKKSVNTITSFC
GTLHVSFITPSFPTDGTHPFVIQMRPDLKGALLSLIEYYQWDKFAYLYDSDRGLSTLQAVLDSAAEKKWQVTAINVGNIN
NDKKDETYRSLFQDLELKKERRVILDCERDKVNDIVDQVITIGKHVKGYHYIIANLGFTDGDLLKIQFGGAEVSGFQIVD
YDDSLVSKFIERWSTLEEKEYPGAHTATIKYTSALTYDAVQVMTEAFRNLRKQRIEISRRGNAGDCLANPAVPWGQGVEI
ERALKQVQVEGLSGNIKFDQNGKRINYTINIMELKTNGPRKIGYWSEVDKMVLTEDDTSGLEQKTVVVTTILESPYVMMK
KNHEMLEGNERYEGYCVDLAAEIAKHCGFKYKLTIVGDGKYGARDADTKIWNGMVGELVYGKADIAIAPLTITLVREEVI
DFSKPFMSLGISIMIKKPQKSKPGVFSFLDPLAYEIWMCIVFAYIGVSVVLFLVSRFSPYEWHTEEFEDGRETQSSESTN
EFGIFNSLWFSLGAFMQQGCDISPRSLSGRIVGGVWWFFTLIIISSYTANLAAFLTVERMVSPIESAEDLSKQTEIAYGT
LDSGSTKEFFRRSKIAVFDKMWTYMRSAEPSVFVRTTAEGVARVRKSKGKYAYLLESTMNEYIEQRKPCDTMKVGGNLDS
KGYGIATPKGSSLGTPVNLAVLKLSEQGVLDKLKNKWWYDKGECGAKDSGSKEKTSALSLSNVAGVFYILVGGLGLAMLV
ALIEFCYKSRAEAKRMKGTGSACGRKALTLLSSVFAVCGLGLLGIAVSTDYWLYLEEGIILPQNQSTEVKMSLHSGLWRV
CFLAGEERGRCFTIEYVMPMNSQMTSESTVNVLKMIRSATPFPLVSLFFMFIGFILSNIGHIRPHRTILAFVSGIFFILS
GLSLVVGLVLYISSINDEMLNRTKDAETYFNYKYGWSFAFAAISFLLTESAGVMSVYLFMKRYTAETGGLVPRGSAAA
;
_entity_poly.pdbx_strand_id   A,B,C,D
#
loop_
_chem_comp.id
_chem_comp.type
_chem_comp.name
_chem_comp.formula
PCW non-polymer 1,2-DIOLEOYL-SN-GLYCERO-3-PHOSPHOCHOLINE 'C44 H85 N O8 P 1'
ZK1 non-polymer '{[7-morpholin-4-yl-2,3-dioxo-6-(trifluoromethyl)-3,4-dihydroquinoxalin-1(2H)-yl]methyl}phosphonic acid' 'C14 H15 F3 N3 O6 P'
#
# COMPACT_ATOMS: atom_id res chain seq x y z
N GLN A 383 20.59 -4.39 70.75
CA GLN A 383 20.48 -3.39 69.71
C GLN A 383 19.03 -3.07 69.41
N LYS A 384 18.77 -1.85 68.96
CA LYS A 384 17.41 -1.35 68.82
C LYS A 384 16.85 -1.66 67.43
N THR A 385 15.53 -1.58 67.32
CA THR A 385 14.85 -1.93 66.09
C THR A 385 15.01 -0.85 65.04
N VAL A 386 15.03 -1.25 63.78
CA VAL A 386 15.17 -0.31 62.67
C VAL A 386 13.79 0.10 62.17
N VAL A 387 13.57 1.40 62.06
CA VAL A 387 12.31 1.95 61.60
C VAL A 387 12.34 2.06 60.09
N VAL A 388 11.41 1.39 59.42
CA VAL A 388 11.38 1.29 57.97
C VAL A 388 10.19 2.09 57.45
N THR A 389 10.46 3.02 56.54
CA THR A 389 9.39 3.83 55.97
C THR A 389 9.02 3.32 54.58
N THR A 390 7.72 3.35 54.26
CA THR A 390 7.19 2.78 53.02
C THR A 390 5.97 3.61 52.63
N ILE A 391 5.54 3.48 51.37
CA ILE A 391 4.35 4.16 50.86
C ILE A 391 3.39 3.08 50.36
N LEU A 392 2.10 3.42 50.31
CA LEU A 392 1.05 2.46 49.95
C LEU A 392 0.81 2.48 48.44
N GLU A 393 1.36 1.49 47.75
CA GLU A 393 1.12 1.29 46.32
C GLU A 393 0.90 -0.19 46.07
N SER A 394 -0.02 -0.49 45.17
CA SER A 394 -0.26 -1.85 44.78
C SER A 394 0.56 -2.16 43.53
N PRO A 395 1.21 -3.31 43.43
CA PRO A 395 1.25 -4.40 44.41
C PRO A 395 2.45 -4.35 45.33
N TYR A 396 2.99 -3.17 45.59
CA TYR A 396 4.19 -3.12 46.41
C TYR A 396 3.87 -3.29 47.88
N VAL A 397 3.03 -2.43 48.44
CA VAL A 397 2.54 -2.60 49.80
C VAL A 397 1.04 -2.37 49.81
N MET A 398 0.29 -3.38 50.25
CA MET A 398 -1.17 -3.34 50.27
C MET A 398 -1.65 -3.70 51.66
N MET A 399 -2.87 -3.25 51.99
CA MET A 399 -3.52 -3.66 53.23
C MET A 399 -4.04 -5.08 53.10
N LYS A 400 -3.82 -5.88 54.15
CA LYS A 400 -4.45 -7.19 54.22
C LYS A 400 -5.91 -7.00 54.64
N LYS A 401 -6.74 -8.03 54.42
CA LYS A 401 -8.17 -7.89 54.64
C LYS A 401 -8.51 -7.76 56.12
N ASN A 402 -7.75 -8.42 56.99
CA ASN A 402 -7.99 -8.34 58.43
C ASN A 402 -7.10 -7.29 59.08
N HIS A 403 -7.15 -6.07 58.55
CA HIS A 403 -6.20 -5.05 59.01
C HIS A 403 -6.73 -4.28 60.21
N GLU A 404 -8.02 -4.45 60.53
CA GLU A 404 -8.52 -3.87 61.78
C GLU A 404 -8.21 -4.79 62.96
N MET A 405 -8.08 -6.09 62.71
CA MET A 405 -7.95 -7.07 63.78
C MET A 405 -6.50 -7.48 64.05
N LEU A 406 -5.55 -7.04 63.25
CA LEU A 406 -4.15 -7.40 63.42
C LEU A 406 -3.34 -6.20 63.88
N GLU A 407 -2.25 -6.47 64.60
CA GLU A 407 -1.37 -5.43 65.11
C GLU A 407 0.07 -5.77 64.76
N GLY A 408 0.83 -4.74 64.40
CA GLY A 408 2.24 -4.90 64.10
C GLY A 408 2.52 -5.03 62.63
N ASN A 409 3.50 -5.88 62.33
CA ASN A 409 3.95 -6.06 60.96
C ASN A 409 3.00 -6.93 60.14
N GLU A 410 2.07 -7.63 60.78
CA GLU A 410 1.21 -8.54 60.04
C GLU A 410 0.01 -7.84 59.41
N ARG A 411 -0.09 -6.52 59.54
CA ARG A 411 -1.18 -5.81 58.88
C ARG A 411 -0.95 -5.74 57.38
N TYR A 412 0.30 -5.76 56.95
CA TYR A 412 0.66 -5.45 55.58
C TYR A 412 1.08 -6.68 54.80
N GLU A 413 1.05 -6.58 53.47
CA GLU A 413 1.58 -7.59 52.58
C GLU A 413 1.93 -6.93 51.27
N GLY A 414 2.70 -7.64 50.45
CA GLY A 414 3.01 -7.17 49.12
C GLY A 414 4.40 -7.58 48.69
N TYR A 415 4.90 -6.88 47.67
CA TYR A 415 6.24 -7.14 47.17
C TYR A 415 7.29 -6.60 48.12
N CYS A 416 7.12 -5.36 48.58
CA CYS A 416 8.13 -4.73 49.43
C CYS A 416 8.11 -5.29 50.84
N VAL A 417 7.01 -5.93 51.22
CA VAL A 417 6.98 -6.59 52.53
C VAL A 417 7.78 -7.87 52.49
N ASP A 418 7.72 -8.59 51.37
CA ASP A 418 8.53 -9.79 51.23
C ASP A 418 9.99 -9.46 51.00
N LEU A 419 10.27 -8.29 50.41
CA LEU A 419 11.65 -7.88 50.20
C LEU A 419 12.28 -7.41 51.49
N ALA A 420 11.49 -6.83 52.39
CA ALA A 420 12.03 -6.37 53.67
C ALA A 420 12.38 -7.54 54.57
N ALA A 421 11.69 -8.67 54.40
CA ALA A 421 12.00 -9.84 55.22
C ALA A 421 13.29 -10.51 54.75
N GLU A 422 13.63 -10.35 53.47
CA GLU A 422 14.83 -10.99 52.93
C GLU A 422 16.08 -10.21 53.30
N ILE A 423 16.02 -8.88 53.27
CA ILE A 423 17.18 -8.06 53.57
C ILE A 423 17.49 -8.12 55.06
N ALA A 424 16.45 -8.18 55.90
CA ALA A 424 16.67 -8.25 57.34
C ALA A 424 17.22 -9.60 57.77
N LYS A 425 17.08 -10.62 56.92
CA LYS A 425 17.65 -11.92 57.23
C LYS A 425 19.15 -11.93 56.99
N HIS A 426 19.61 -11.24 55.95
CA HIS A 426 21.03 -11.27 55.63
C HIS A 426 21.83 -10.31 56.50
N CYS A 427 21.32 -9.09 56.70
CA CYS A 427 22.01 -8.12 57.53
C CYS A 427 21.86 -8.41 59.02
N GLY A 428 20.74 -9.01 59.44
CA GLY A 428 20.60 -9.45 60.81
C GLY A 428 20.09 -8.40 61.78
N PHE A 429 18.91 -7.85 61.53
CA PHE A 429 18.32 -6.89 62.46
C PHE A 429 16.82 -7.15 62.56
N LYS A 430 16.19 -6.46 63.51
CA LYS A 430 14.75 -6.50 63.70
C LYS A 430 14.16 -5.17 63.27
N TYR A 431 12.97 -5.21 62.68
CA TYR A 431 12.41 -4.02 62.04
C TYR A 431 10.94 -3.84 62.40
N LYS A 432 10.53 -2.59 62.50
CA LYS A 432 9.14 -2.20 62.66
C LYS A 432 8.74 -1.36 61.46
N LEU A 433 7.65 -1.73 60.81
CA LEU A 433 7.36 -1.23 59.47
C LEU A 433 6.25 -0.18 59.54
N THR A 434 6.55 1.02 59.07
CA THR A 434 5.62 2.15 59.15
C THR A 434 5.32 2.68 57.76
N ILE A 435 4.41 3.66 57.72
CA ILE A 435 3.96 4.31 56.49
C ILE A 435 4.27 5.80 56.61
N VAL A 436 4.74 6.40 55.52
CA VAL A 436 4.96 7.84 55.51
C VAL A 436 3.62 8.56 55.60
N GLY A 437 3.60 9.66 56.36
CA GLY A 437 2.34 10.32 56.64
C GLY A 437 1.84 11.17 55.49
N ASP A 438 2.77 11.75 54.72
CA ASP A 438 2.38 12.68 53.67
C ASP A 438 1.77 11.94 52.48
N GLY A 439 2.38 10.84 52.07
CA GLY A 439 1.94 10.14 50.87
C GLY A 439 2.66 10.57 49.62
N LYS A 440 3.79 11.25 49.74
CA LYS A 440 4.57 11.72 48.61
C LYS A 440 5.88 10.95 48.57
N TYR A 441 6.55 10.96 47.42
CA TYR A 441 7.83 10.29 47.33
C TYR A 441 8.96 11.20 47.79
N GLY A 442 9.01 12.43 47.30
CA GLY A 442 10.03 13.34 47.75
C GLY A 442 10.49 14.33 46.71
N ALA A 443 10.50 15.60 47.08
CA ALA A 443 10.93 16.67 46.20
C ALA A 443 11.30 17.86 47.08
N ARG A 444 12.00 18.82 46.49
CA ARG A 444 12.42 20.03 47.19
C ARG A 444 11.49 21.17 46.81
N ASP A 445 11.00 21.89 47.81
CA ASP A 445 10.29 23.13 47.57
C ASP A 445 11.26 24.20 47.10
N ALA A 446 10.87 24.95 46.07
CA ALA A 446 11.77 25.96 45.52
C ALA A 446 11.90 27.15 46.46
N ASP A 447 10.89 27.39 47.29
CA ASP A 447 10.95 28.51 48.22
C ASP A 447 11.71 28.15 49.48
N THR A 448 11.21 27.17 50.23
CA THR A 448 11.70 26.89 51.57
C THR A 448 12.88 25.93 51.61
N LYS A 449 13.18 25.27 50.48
CA LYS A 449 14.34 24.39 50.30
C LYS A 449 14.34 23.21 51.28
N ILE A 450 13.15 22.67 51.57
CA ILE A 450 13.01 21.51 52.44
C ILE A 450 12.38 20.38 51.64
N TRP A 451 12.64 19.15 52.07
CA TRP A 451 12.13 17.96 51.40
C TRP A 451 10.83 17.51 52.06
N ASN A 452 10.07 16.70 51.33
CA ASN A 452 8.87 16.07 51.85
C ASN A 452 8.90 14.58 51.56
N GLY A 453 7.87 13.87 52.02
CA GLY A 453 7.72 12.46 51.69
C GLY A 453 8.73 11.57 52.38
N MET A 454 9.12 10.50 51.67
CA MET A 454 10.04 9.53 52.25
C MET A 454 11.47 10.05 52.25
N VAL A 455 11.81 10.92 51.31
CA VAL A 455 13.14 11.51 51.29
C VAL A 455 13.29 12.47 52.48
N GLY A 456 12.18 13.08 52.89
CA GLY A 456 12.23 13.95 54.06
C GLY A 456 12.46 13.21 55.36
N GLU A 457 11.91 12.00 55.49
CA GLU A 457 12.07 11.26 56.73
C GLU A 457 13.47 10.68 56.86
N LEU A 458 14.21 10.57 55.75
CA LEU A 458 15.58 10.09 55.84
C LEU A 458 16.54 11.21 56.17
N VAL A 459 16.35 12.39 55.57
CA VAL A 459 17.28 13.49 55.77
C VAL A 459 17.12 14.09 57.16
N TYR A 460 15.88 14.21 57.63
CA TYR A 460 15.66 14.87 58.91
C TYR A 460 15.53 13.90 60.08
N GLY A 461 15.77 12.59 59.87
CA GLY A 461 16.07 11.69 60.95
C GLY A 461 14.93 10.84 61.45
N LYS A 462 13.75 10.89 60.83
CA LYS A 462 12.60 10.17 61.39
C LYS A 462 12.62 8.69 61.05
N ALA A 463 13.43 8.27 60.09
CA ALA A 463 13.48 6.87 59.66
C ALA A 463 14.92 6.46 59.42
N ASP A 464 15.11 5.14 59.24
CA ASP A 464 16.46 4.60 59.08
C ASP A 464 16.71 3.93 57.73
N ILE A 465 15.67 3.52 57.02
CA ILE A 465 15.80 2.91 55.71
C ILE A 465 14.46 3.04 55.00
N ALA A 466 14.48 3.06 53.67
CA ALA A 466 13.28 3.29 52.87
C ALA A 466 13.20 2.22 51.79
N ILE A 467 12.38 1.21 52.01
CA ILE A 467 12.22 0.09 51.09
C ILE A 467 10.94 0.33 50.31
N ALA A 468 11.05 0.94 49.14
CA ALA A 468 9.89 1.45 48.42
C ALA A 468 10.31 1.72 46.98
N PRO A 469 9.36 1.83 46.04
CA PRO A 469 9.74 2.19 44.66
C PRO A 469 10.24 3.61 44.50
N LEU A 470 11.49 3.84 44.90
CA LEU A 470 12.07 5.17 44.94
C LEU A 470 13.09 5.29 43.82
N THR A 471 12.83 6.20 42.88
CA THR A 471 13.63 6.28 41.67
C THR A 471 14.98 6.92 41.95
N ILE A 472 16.05 6.33 41.40
CA ILE A 472 17.40 6.86 41.53
C ILE A 472 17.54 8.03 40.57
N THR A 473 17.58 9.24 41.13
CA THR A 473 17.77 10.45 40.34
C THR A 473 18.99 11.22 40.86
N LEU A 474 19.27 12.35 40.22
CA LEU A 474 20.47 13.11 40.56
C LEU A 474 20.27 13.95 41.82
N VAL A 475 19.11 14.59 41.94
CA VAL A 475 18.91 15.51 43.07
C VAL A 475 18.66 14.72 44.35
N ARG A 476 18.29 13.45 44.24
CA ARG A 476 18.13 12.63 45.44
C ARG A 476 19.46 11.99 45.83
N GLU A 477 20.38 11.86 44.88
CA GLU A 477 21.65 11.18 45.17
C GLU A 477 22.55 12.04 46.04
N GLU A 478 22.37 13.36 46.00
CA GLU A 478 23.27 14.26 46.71
C GLU A 478 22.99 14.27 48.21
N VAL A 479 21.80 13.83 48.63
CA VAL A 479 21.43 13.94 50.03
C VAL A 479 21.36 12.57 50.72
N ILE A 480 21.01 11.50 50.00
CA ILE A 480 20.95 10.17 50.59
C ILE A 480 21.74 9.18 49.74
N ASP A 481 21.85 7.94 50.19
CA ASP A 481 22.61 6.91 49.50
C ASP A 481 21.67 5.83 48.98
N PHE A 482 21.72 5.58 47.68
CA PHE A 482 20.97 4.50 47.06
C PHE A 482 21.83 3.27 46.94
N SER A 483 21.19 2.11 46.88
CA SER A 483 21.90 0.88 46.55
C SER A 483 21.92 0.69 45.05
N LYS A 484 22.39 -0.47 44.61
CA LYS A 484 22.27 -0.84 43.22
C LYS A 484 20.81 -1.13 42.91
N PRO A 485 20.37 -0.97 41.66
CA PRO A 485 18.96 -1.15 41.34
C PRO A 485 18.49 -2.59 41.51
N PHE A 486 17.29 -2.75 42.08
CA PHE A 486 16.69 -4.07 42.16
C PHE A 486 15.58 -4.27 41.13
N MET A 487 15.28 -3.26 40.32
CA MET A 487 14.27 -3.38 39.28
C MET A 487 14.54 -2.32 38.23
N SER A 488 14.42 -2.71 36.97
CA SER A 488 14.64 -1.81 35.84
C SER A 488 13.32 -1.58 35.11
N LEU A 489 13.11 -0.37 34.62
CA LEU A 489 11.83 0.02 34.07
C LEU A 489 12.00 1.22 33.15
N GLY A 490 10.88 1.68 32.58
CA GLY A 490 10.89 2.82 31.67
C GLY A 490 9.50 3.24 31.29
N ILE A 491 9.43 4.08 30.24
CA ILE A 491 8.16 4.56 29.72
C ILE A 491 7.64 3.56 28.69
N SER A 492 6.35 3.22 28.79
CA SER A 492 5.75 2.26 27.88
C SER A 492 4.44 2.79 27.33
N ILE A 493 3.78 1.98 26.51
CA ILE A 493 2.58 2.37 25.75
C ILE A 493 1.46 1.43 26.12
N MET A 494 0.29 1.99 26.47
CA MET A 494 -0.91 1.22 26.75
C MET A 494 -1.97 1.48 25.69
N ILE A 495 -2.46 0.42 25.06
CA ILE A 495 -3.55 0.52 24.09
C ILE A 495 -4.63 -0.47 24.46
N LYS A 496 -5.81 -0.30 23.86
CA LYS A 496 -6.91 -1.23 24.09
C LYS A 496 -6.67 -2.52 23.31
N LYS A 497 -7.02 -3.64 23.91
CA LYS A 497 -6.76 -4.94 23.31
C LYS A 497 -7.62 -5.15 22.07
N PRO A 498 -7.07 -5.63 20.96
CA PRO A 498 -7.88 -5.91 19.78
C PRO A 498 -8.78 -7.12 19.99
N GLN A 499 -10.08 -6.92 19.80
CA GLN A 499 -11.06 -7.99 19.95
C GLN A 499 -11.55 -8.42 18.58
N LYS A 500 -12.15 -9.60 18.53
CA LYS A 500 -12.69 -10.11 17.28
C LYS A 500 -14.17 -9.80 17.17
N SER A 501 -14.55 -9.11 16.11
CA SER A 501 -15.95 -8.81 15.82
C SER A 501 -16.45 -9.79 14.76
N LYS A 502 -17.57 -10.42 15.04
CA LYS A 502 -18.12 -11.41 14.11
C LYS A 502 -18.77 -10.71 12.94
N PRO A 503 -18.49 -11.13 11.71
CA PRO A 503 -19.16 -10.52 10.55
C PRO A 503 -20.63 -10.93 10.49
N GLY A 504 -21.38 -10.19 9.71
CA GLY A 504 -22.78 -10.52 9.51
C GLY A 504 -22.94 -11.79 8.70
N VAL A 505 -24.14 -12.36 8.77
CA VAL A 505 -24.38 -13.59 8.02
C VAL A 505 -24.55 -13.29 6.54
N PHE A 506 -25.01 -12.08 6.18
CA PHE A 506 -25.14 -11.70 4.79
C PHE A 506 -24.13 -10.64 4.39
N SER A 507 -22.89 -10.77 4.86
CA SER A 507 -21.86 -9.82 4.49
C SER A 507 -21.21 -10.13 3.15
N PHE A 508 -21.63 -11.21 2.48
CA PHE A 508 -21.10 -11.47 1.14
C PHE A 508 -21.73 -10.56 0.10
N LEU A 509 -22.85 -9.92 0.46
CA LEU A 509 -23.53 -8.98 -0.42
C LEU A 509 -22.91 -7.59 -0.40
N ASP A 510 -21.94 -7.35 0.46
CA ASP A 510 -21.28 -6.05 0.64
C ASP A 510 -20.52 -5.41 -0.52
N PRO A 511 -19.92 -6.11 -1.49
CA PRO A 511 -19.27 -5.37 -2.59
C PRO A 511 -20.21 -4.56 -3.46
N LEU A 512 -21.48 -4.90 -3.54
CA LEU A 512 -22.44 -4.10 -4.25
C LEU A 512 -23.44 -3.49 -3.27
N ALA A 513 -23.94 -2.31 -3.59
CA ALA A 513 -24.95 -1.67 -2.78
C ALA A 513 -26.28 -2.39 -2.95
N TYR A 514 -27.19 -2.18 -1.99
CA TYR A 514 -28.45 -2.91 -2.02
C TYR A 514 -29.38 -2.39 -3.11
N GLU A 515 -29.08 -1.22 -3.65
CA GLU A 515 -29.88 -0.67 -4.73
C GLU A 515 -29.56 -1.33 -6.06
N ILE A 516 -28.38 -1.95 -6.17
CA ILE A 516 -28.06 -2.71 -7.37
C ILE A 516 -28.73 -4.08 -7.34
N TRP A 517 -28.78 -4.71 -6.16
CA TRP A 517 -29.39 -6.03 -6.05
C TRP A 517 -30.90 -5.97 -6.29
N MET A 518 -31.51 -4.81 -6.03
CA MET A 518 -32.92 -4.65 -6.33
C MET A 518 -33.16 -4.49 -7.83
N CYS A 519 -32.26 -3.79 -8.52
CA CYS A 519 -32.48 -3.48 -9.93
C CYS A 519 -32.11 -4.66 -10.83
N ILE A 520 -31.32 -5.61 -10.33
CA ILE A 520 -31.06 -6.83 -11.09
C ILE A 520 -32.32 -7.68 -11.17
N VAL A 521 -33.10 -7.69 -10.09
CA VAL A 521 -34.34 -8.46 -10.07
C VAL A 521 -35.39 -7.83 -10.97
N PHE A 522 -35.43 -6.49 -11.02
CA PHE A 522 -36.34 -5.81 -11.94
C PHE A 522 -35.95 -6.03 -13.39
N ALA A 523 -34.65 -6.08 -13.67
CA ALA A 523 -34.21 -6.29 -15.04
C ALA A 523 -34.38 -7.73 -15.46
N TYR A 524 -34.39 -8.66 -14.50
CA TYR A 524 -34.60 -10.07 -14.81
C TYR A 524 -36.04 -10.33 -15.23
N ILE A 525 -37.00 -9.66 -14.57
CA ILE A 525 -38.40 -9.80 -14.95
C ILE A 525 -38.64 -9.14 -16.30
N GLY A 526 -37.95 -8.02 -16.56
CA GLY A 526 -38.17 -7.28 -17.79
C GLY A 526 -37.69 -8.00 -19.04
N VAL A 527 -36.54 -8.69 -18.93
CA VAL A 527 -36.03 -9.42 -20.09
C VAL A 527 -36.88 -10.65 -20.37
N SER A 528 -37.36 -11.31 -19.32
CA SER A 528 -38.07 -12.57 -19.50
C SER A 528 -39.46 -12.36 -20.09
N VAL A 529 -40.06 -11.19 -19.84
CA VAL A 529 -41.37 -10.90 -20.40
C VAL A 529 -41.25 -10.51 -21.87
N VAL A 530 -40.27 -9.67 -22.19
CA VAL A 530 -40.08 -9.18 -23.55
C VAL A 530 -39.65 -10.31 -24.47
N LEU A 531 -38.83 -11.24 -23.97
CA LEU A 531 -38.40 -12.37 -24.78
C LEU A 531 -39.56 -13.33 -25.04
N PHE A 532 -40.54 -13.35 -24.15
CA PHE A 532 -41.76 -14.12 -24.41
C PHE A 532 -42.61 -13.45 -25.49
N LEU A 533 -42.85 -12.15 -25.37
CA LEU A 533 -43.72 -11.43 -26.29
C LEU A 533 -43.14 -11.39 -27.70
N VAL A 534 -41.83 -11.25 -27.80
CA VAL A 534 -41.20 -11.12 -29.11
C VAL A 534 -41.06 -12.48 -29.78
N SER A 535 -41.30 -13.55 -29.02
CA SER A 535 -41.24 -14.90 -29.58
C SER A 535 -42.63 -15.42 -29.95
N ARG A 536 -43.56 -15.43 -28.99
CA ARG A 536 -44.92 -15.89 -29.23
C ARG A 536 -45.75 -14.78 -29.87
N PHE A 537 -45.51 -14.57 -31.16
CA PHE A 537 -46.29 -13.62 -31.93
C PHE A 537 -47.43 -14.41 -32.58
N SER A 538 -48.24 -13.77 -33.43
CA SER A 538 -49.42 -14.44 -33.96
C SER A 538 -49.13 -15.49 -35.04
N PRO A 539 -48.22 -15.29 -35.99
CA PRO A 539 -47.76 -16.45 -36.79
C PRO A 539 -46.59 -17.21 -36.19
N TYR A 540 -46.32 -17.03 -34.89
CA TYR A 540 -45.19 -17.60 -34.15
C TYR A 540 -43.86 -17.20 -34.78
N SER A 558 -41.33 -22.64 -38.10
CA SER A 558 -42.28 -22.51 -36.99
C SER A 558 -41.84 -23.41 -35.84
N THR A 559 -42.84 -23.93 -35.11
CA THR A 559 -42.67 -24.81 -33.94
C THR A 559 -41.79 -24.15 -32.89
N ASN A 560 -42.29 -23.07 -32.30
CA ASN A 560 -41.50 -22.30 -31.34
C ASN A 560 -41.73 -22.84 -29.93
N GLU A 561 -40.74 -22.65 -29.06
CA GLU A 561 -40.69 -23.32 -27.77
C GLU A 561 -40.75 -22.34 -26.59
N PHE A 562 -40.43 -21.06 -26.83
CA PHE A 562 -40.28 -20.08 -25.76
C PHE A 562 -41.64 -19.67 -25.21
N GLY A 563 -42.17 -20.48 -24.29
CA GLY A 563 -43.23 -20.05 -23.41
C GLY A 563 -42.66 -19.24 -22.25
N ILE A 564 -43.53 -18.88 -21.31
CA ILE A 564 -43.09 -18.05 -20.19
C ILE A 564 -42.30 -18.89 -19.19
N PHE A 565 -42.52 -20.21 -19.17
CA PHE A 565 -41.77 -21.04 -18.25
C PHE A 565 -40.37 -21.33 -18.79
N ASN A 566 -40.23 -21.36 -20.12
CA ASN A 566 -38.90 -21.54 -20.71
C ASN A 566 -38.14 -20.22 -20.74
N SER A 567 -38.85 -19.10 -20.78
CA SER A 567 -38.18 -17.81 -20.90
C SER A 567 -37.55 -17.39 -19.58
N LEU A 568 -38.20 -17.69 -18.46
CA LEU A 568 -37.58 -17.40 -17.17
C LEU A 568 -36.45 -18.35 -16.86
N TRP A 569 -36.44 -19.53 -17.50
CA TRP A 569 -35.35 -20.46 -17.28
C TRP A 569 -34.17 -20.18 -18.20
N PHE A 570 -34.42 -19.61 -19.37
CA PHE A 570 -33.33 -19.21 -20.25
C PHE A 570 -32.54 -18.05 -19.68
N SER A 571 -33.24 -17.06 -19.11
CA SER A 571 -32.57 -15.87 -18.62
C SER A 571 -31.83 -16.14 -17.32
N LEU A 572 -32.31 -17.10 -16.53
CA LEU A 572 -31.63 -17.43 -15.29
C LEU A 572 -30.33 -18.17 -15.57
N GLY A 573 -30.32 -19.00 -16.61
CA GLY A 573 -29.10 -19.70 -16.96
C GLY A 573 -28.07 -18.80 -17.62
N ALA A 574 -28.54 -17.74 -18.27
CA ALA A 574 -27.61 -16.82 -18.93
C ALA A 574 -26.94 -15.90 -17.92
N PHE A 575 -27.64 -15.56 -16.84
CA PHE A 575 -27.04 -14.69 -15.83
C PHE A 575 -26.01 -15.43 -15.01
N MET A 576 -26.22 -16.72 -14.79
CA MET A 576 -25.29 -17.51 -13.99
C MET A 576 -24.15 -18.08 -14.80
N GLN A 577 -24.15 -17.84 -16.13
CA GLN A 577 -23.12 -18.32 -17.07
C GLN A 577 -22.96 -19.83 -17.03
N GLN A 578 -24.09 -20.55 -16.95
CA GLN A 578 -24.10 -22.00 -16.87
C GLN A 578 -24.62 -22.65 -18.14
N GLY A 579 -24.78 -21.90 -19.22
CA GLY A 579 -25.26 -22.45 -20.46
C GLY A 579 -26.77 -22.61 -20.49
N CYS A 580 -27.26 -23.03 -21.65
CA CYS A 580 -28.69 -23.14 -21.88
C CYS A 580 -28.97 -24.40 -22.70
N ASP A 581 -30.17 -24.94 -22.52
CA ASP A 581 -30.56 -26.11 -23.30
C ASP A 581 -30.94 -25.72 -24.73
N ILE A 582 -31.61 -24.59 -24.90
CA ILE A 582 -32.08 -24.14 -26.20
C ILE A 582 -31.76 -22.65 -26.36
N SER A 583 -31.72 -22.22 -27.62
CA SER A 583 -31.29 -20.88 -27.99
C SER A 583 -32.34 -20.22 -28.87
N PRO A 584 -32.39 -18.89 -28.91
CA PRO A 584 -33.29 -18.22 -29.85
C PRO A 584 -32.82 -18.40 -31.29
N ARG A 585 -33.78 -18.54 -32.20
CA ARG A 585 -33.48 -18.72 -33.61
C ARG A 585 -33.98 -17.60 -34.50
N SER A 586 -34.93 -16.80 -34.03
CA SER A 586 -35.42 -15.65 -34.77
C SER A 586 -34.50 -14.46 -34.52
N LEU A 587 -34.47 -13.52 -35.47
CA LEU A 587 -33.54 -12.40 -35.38
C LEU A 587 -33.93 -11.46 -34.25
N SER A 588 -35.22 -11.33 -33.97
CA SER A 588 -35.64 -10.48 -32.87
C SER A 588 -35.40 -11.16 -31.52
N GLY A 589 -35.31 -12.49 -31.53
CA GLY A 589 -34.99 -13.20 -30.30
C GLY A 589 -33.51 -13.15 -29.97
N ARG A 590 -32.66 -12.95 -30.98
CA ARG A 590 -31.22 -12.93 -30.72
C ARG A 590 -30.78 -11.57 -30.22
N ILE A 591 -31.56 -10.52 -30.51
CA ILE A 591 -31.20 -9.18 -30.04
C ILE A 591 -31.36 -9.09 -28.53
N VAL A 592 -32.48 -9.61 -28.01
CA VAL A 592 -32.73 -9.57 -26.57
C VAL A 592 -31.82 -10.56 -25.85
N GLY A 593 -31.43 -11.63 -26.52
CA GLY A 593 -30.51 -12.58 -25.91
C GLY A 593 -29.08 -12.08 -25.88
N GLY A 594 -28.75 -11.16 -26.80
CA GLY A 594 -27.38 -10.69 -26.89
C GLY A 594 -27.06 -9.58 -25.92
N VAL A 595 -28.05 -8.72 -25.64
CA VAL A 595 -27.81 -7.61 -24.73
C VAL A 595 -27.78 -8.10 -23.29
N TRP A 596 -28.57 -9.14 -23.00
CA TRP A 596 -28.56 -9.72 -21.67
C TRP A 596 -27.26 -10.48 -21.39
N TRP A 597 -26.54 -10.87 -22.45
CA TRP A 597 -25.21 -11.42 -22.27
C TRP A 597 -24.19 -10.35 -21.91
N PHE A 598 -24.38 -9.13 -22.41
CA PHE A 598 -23.43 -8.07 -22.13
C PHE A 598 -23.69 -7.44 -20.77
N PHE A 599 -24.94 -7.49 -20.29
CA PHE A 599 -25.25 -7.03 -18.96
C PHE A 599 -24.58 -7.90 -17.90
N THR A 600 -24.66 -9.23 -18.07
CA THR A 600 -24.18 -10.12 -17.03
C THR A 600 -22.66 -10.24 -17.06
N LEU A 601 -22.01 -9.76 -18.11
CA LEU A 601 -20.56 -9.79 -18.16
C LEU A 601 -19.96 -8.68 -17.31
N ILE A 602 -20.63 -7.52 -17.28
CA ILE A 602 -20.10 -6.37 -16.55
C ILE A 602 -20.39 -6.50 -15.06
N ILE A 603 -21.55 -7.08 -14.72
CA ILE A 603 -21.98 -7.16 -13.32
C ILE A 603 -21.14 -8.17 -12.55
N ILE A 604 -20.87 -9.33 -13.16
CA ILE A 604 -20.09 -10.36 -12.49
C ILE A 604 -18.63 -9.94 -12.36
N SER A 605 -18.11 -9.23 -13.36
CA SER A 605 -16.74 -8.74 -13.27
C SER A 605 -16.61 -7.59 -12.28
N SER A 606 -17.72 -6.92 -11.98
CA SER A 606 -17.70 -5.86 -10.98
C SER A 606 -17.73 -6.41 -9.57
N TYR A 607 -18.32 -7.60 -9.39
CA TYR A 607 -18.37 -8.20 -8.07
C TYR A 607 -17.02 -8.78 -7.67
N THR A 608 -16.34 -9.43 -8.61
CA THR A 608 -15.06 -10.04 -8.31
C THR A 608 -13.99 -8.98 -8.08
N ALA A 609 -14.09 -7.86 -8.79
CA ALA A 609 -13.07 -6.83 -8.69
C ALA A 609 -13.20 -6.04 -7.40
N ASN A 610 -14.42 -5.75 -6.97
CA ASN A 610 -14.59 -4.94 -5.76
C ASN A 610 -14.43 -5.78 -4.51
N LEU A 611 -14.67 -7.09 -4.60
CA LEU A 611 -14.42 -7.96 -3.46
C LEU A 611 -12.93 -8.11 -3.20
N ALA A 612 -12.12 -8.08 -4.27
CA ALA A 612 -10.68 -8.12 -4.10
C ALA A 612 -10.14 -6.82 -3.54
N ALA A 613 -10.89 -5.73 -3.71
CA ALA A 613 -10.47 -4.45 -3.15
C ALA A 613 -10.75 -4.39 -1.65
N PHE A 614 -11.79 -5.09 -1.19
CA PHE A 614 -12.05 -5.16 0.24
C PHE A 614 -10.97 -5.95 0.96
N LEU A 615 -10.57 -7.09 0.39
CA LEU A 615 -9.69 -7.99 1.11
C LEU A 615 -8.24 -7.52 1.07
N THR A 616 -7.90 -6.65 0.12
CA THR A 616 -6.54 -6.15 0.02
C THR A 616 -6.32 -4.98 0.97
N VAL A 617 -7.29 -4.08 1.07
CA VAL A 617 -7.17 -2.92 1.97
C VAL A 617 -7.22 -3.37 3.43
N GLU A 618 -7.99 -4.41 3.71
CA GLU A 618 -8.05 -4.96 5.07
C GLU A 618 -6.75 -5.65 5.44
N ARG A 619 -6.01 -6.15 4.45
CA ARG A 619 -4.77 -6.84 4.74
C ARG A 619 -3.61 -5.86 4.93
N MET A 620 -3.73 -4.66 4.36
CA MET A 620 -2.68 -3.66 4.55
C MET A 620 -2.75 -2.98 5.90
N VAL A 621 -3.86 -3.14 6.63
CA VAL A 621 -4.00 -2.51 7.93
C VAL A 621 -3.11 -3.20 8.94
N SER A 622 -2.15 -2.46 9.50
CA SER A 622 -1.21 -2.98 10.46
C SER A 622 -1.31 -2.19 11.76
N PRO A 623 -1.28 -2.86 12.91
CA PRO A 623 -1.40 -2.16 14.18
C PRO A 623 -0.11 -1.44 14.57
N ILE A 624 -0.13 -0.90 15.79
CA ILE A 624 1.00 -0.14 16.32
C ILE A 624 1.88 -1.08 17.14
N GLU A 625 3.18 -1.02 16.94
CA GLU A 625 4.10 -1.83 17.72
C GLU A 625 5.35 -1.09 18.19
N SER A 626 5.43 0.23 18.00
CA SER A 626 6.60 0.98 18.43
C SER A 626 6.21 2.43 18.64
N ALA A 627 7.15 3.21 19.18
CA ALA A 627 6.91 4.63 19.37
C ALA A 627 7.11 5.41 18.08
N GLU A 628 7.78 4.78 17.10
CA GLU A 628 7.88 5.39 15.78
C GLU A 628 6.52 5.44 15.10
N ASP A 629 5.69 4.42 15.32
CA ASP A 629 4.42 4.33 14.62
C ASP A 629 3.39 5.31 15.19
N LEU A 630 3.53 5.68 16.46
CA LEU A 630 2.63 6.68 17.01
C LEU A 630 2.92 8.07 16.46
N SER A 631 4.16 8.33 16.10
CA SER A 631 4.54 9.69 15.72
C SER A 631 4.08 10.02 14.31
N LYS A 632 4.05 9.03 13.42
CA LYS A 632 3.75 9.29 12.02
C LYS A 632 2.28 9.13 11.68
N GLN A 633 1.46 8.64 12.62
CA GLN A 633 0.12 8.17 12.32
C GLN A 633 -0.87 8.84 13.25
N THR A 634 -1.73 9.67 12.67
CA THR A 634 -2.47 10.66 13.44
C THR A 634 -3.98 10.49 13.28
N GLU A 635 -4.50 9.28 13.44
CA GLU A 635 -5.91 9.14 13.76
C GLU A 635 -6.13 8.66 15.18
N ILE A 636 -5.04 8.30 15.88
CA ILE A 636 -5.09 7.82 17.25
C ILE A 636 -4.39 8.84 18.14
N ALA A 637 -5.12 9.39 19.10
CA ALA A 637 -4.57 10.38 20.01
C ALA A 637 -3.83 9.70 21.14
N TYR A 638 -2.79 10.35 21.64
CA TYR A 638 -1.99 9.84 22.75
C TYR A 638 -1.59 10.95 23.68
N GLY A 639 -1.61 10.66 24.98
CA GLY A 639 -1.30 11.67 25.98
C GLY A 639 -0.78 11.03 27.25
N THR A 640 -0.27 11.88 28.13
CA THR A 640 0.35 11.47 29.38
C THR A 640 -0.44 12.05 30.54
N LEU A 641 0.12 11.91 31.74
CA LEU A 641 -0.48 12.53 32.91
C LEU A 641 -0.08 14.00 32.96
N ASP A 642 -0.87 14.80 33.69
CA ASP A 642 -0.78 16.25 33.58
C ASP A 642 0.45 16.81 34.28
N SER A 643 0.94 16.13 35.32
CA SER A 643 2.06 16.62 36.09
C SER A 643 2.86 15.46 36.66
N GLY A 644 4.07 15.26 36.17
CA GLY A 644 4.91 14.19 36.64
C GLY A 644 6.18 14.11 35.83
N SER A 645 6.94 13.04 36.08
CA SER A 645 8.22 12.88 35.41
C SER A 645 8.04 12.39 33.98
N THR A 646 6.88 11.81 33.67
CA THR A 646 6.63 11.35 32.31
C THR A 646 6.45 12.52 31.37
N LYS A 647 5.75 13.57 31.82
CA LYS A 647 5.58 14.76 31.00
C LYS A 647 6.87 15.55 30.87
N GLU A 648 7.67 15.58 31.94
CA GLU A 648 8.92 16.34 31.91
C GLU A 648 9.96 15.65 31.04
N PHE A 649 9.77 14.37 30.75
CA PHE A 649 10.67 13.67 29.83
C PHE A 649 10.49 14.17 28.41
N PHE A 650 9.24 14.36 27.97
CA PHE A 650 9.00 14.76 26.59
C PHE A 650 9.27 16.25 26.41
N ARG A 651 9.30 17.02 27.49
CA ARG A 651 9.51 18.45 27.36
C ARG A 651 10.96 18.77 27.00
N ARG A 652 11.90 18.32 27.83
CA ARG A 652 13.30 18.69 27.64
C ARG A 652 14.05 17.76 26.72
N SER A 653 13.37 16.83 26.05
CA SER A 653 14.07 15.86 25.21
C SER A 653 14.54 16.50 23.91
N LYS A 654 15.63 15.96 23.37
CA LYS A 654 16.21 16.43 22.12
C LYS A 654 16.29 15.34 21.06
N ILE A 655 15.73 14.17 21.32
CA ILE A 655 15.68 13.12 20.32
C ILE A 655 14.63 13.51 19.28
N ALA A 656 14.94 13.24 18.01
CA ALA A 656 14.09 13.72 16.91
C ALA A 656 12.75 13.00 16.89
N VAL A 657 12.70 11.77 17.38
CA VAL A 657 11.45 11.04 17.45
C VAL A 657 10.56 11.63 18.55
N PHE A 658 11.18 12.08 19.64
CA PHE A 658 10.42 12.50 20.81
C PHE A 658 10.08 13.99 20.72
N ASP A 659 10.82 14.74 19.89
CA ASP A 659 10.44 16.13 19.62
C ASP A 659 9.13 16.20 18.86
N LYS A 660 8.91 15.27 17.93
CA LYS A 660 7.70 15.31 17.14
C LYS A 660 6.48 14.86 17.94
N MET A 661 6.71 14.05 18.99
CA MET A 661 5.61 13.63 19.83
C MET A 661 5.19 14.73 20.80
N TRP A 662 6.13 15.56 21.25
CA TRP A 662 5.76 16.65 22.14
C TRP A 662 5.15 17.81 21.36
N THR A 663 5.48 17.91 20.07
CA THR A 663 4.86 18.93 19.23
C THR A 663 3.37 18.65 19.05
N TYR A 664 3.01 17.37 18.94
CA TYR A 664 1.61 17.01 18.82
C TYR A 664 0.86 17.20 20.14
N MET A 665 1.46 16.80 21.25
CA MET A 665 0.75 16.86 22.53
C MET A 665 0.65 18.28 23.06
N ARG A 666 1.53 19.17 22.60
CA ARG A 666 1.44 20.57 23.01
C ARG A 666 0.22 21.24 22.39
N SER A 667 0.11 21.19 21.06
CA SER A 667 -0.98 21.82 20.33
C SER A 667 -1.98 20.76 19.91
N ALA A 668 -2.92 20.47 20.80
CA ALA A 668 -3.95 19.49 20.54
C ALA A 668 -5.24 19.90 21.23
N GLU A 669 -6.34 19.88 20.47
CA GLU A 669 -7.65 20.26 20.98
C GLU A 669 -8.61 19.09 20.76
N PRO A 670 -9.27 18.59 21.80
CA PRO A 670 -9.21 18.98 23.21
C PRO A 670 -7.98 18.43 23.95
N SER A 671 -8.04 18.41 25.28
CA SER A 671 -6.89 18.02 26.08
C SER A 671 -6.66 16.51 26.00
N VAL A 672 -5.40 16.14 25.71
CA VAL A 672 -5.02 14.73 25.79
C VAL A 672 -4.48 14.40 27.17
N PHE A 673 -4.09 15.41 27.94
CA PHE A 673 -3.56 15.18 29.28
C PHE A 673 -4.70 14.86 30.24
N VAL A 674 -4.49 13.85 31.08
CA VAL A 674 -5.48 13.46 32.08
C VAL A 674 -4.95 13.85 33.44
N ARG A 675 -5.84 13.80 34.44
CA ARG A 675 -5.48 14.30 35.76
C ARG A 675 -4.84 13.23 36.63
N THR A 676 -5.27 11.98 36.48
CA THR A 676 -4.74 10.91 37.31
C THR A 676 -4.60 9.64 36.48
N THR A 677 -4.13 8.58 37.14
CA THR A 677 -3.88 7.32 36.45
C THR A 677 -5.18 6.59 36.13
N ALA A 678 -6.13 6.61 37.08
CA ALA A 678 -7.39 5.91 36.88
C ALA A 678 -8.24 6.59 35.80
N GLU A 679 -8.11 7.90 35.65
CA GLU A 679 -8.77 8.59 34.57
C GLU A 679 -8.12 8.27 33.23
N GLY A 680 -6.80 8.05 33.23
CA GLY A 680 -6.11 7.76 31.99
C GLY A 680 -6.39 6.36 31.47
N VAL A 681 -6.61 5.41 32.38
CA VAL A 681 -6.98 4.06 31.97
C VAL A 681 -8.43 4.04 31.49
N ALA A 682 -9.28 4.87 32.12
CA ALA A 682 -10.70 4.86 31.78
C ALA A 682 -10.97 5.45 30.42
N ARG A 683 -10.07 6.31 29.92
CA ARG A 683 -10.25 6.83 28.57
C ARG A 683 -9.87 5.77 27.54
N VAL A 684 -8.91 4.91 27.87
CA VAL A 684 -8.47 3.88 26.93
C VAL A 684 -9.56 2.83 26.72
N ARG A 685 -10.28 2.50 27.79
CA ARG A 685 -11.24 1.39 27.72
C ARG A 685 -12.50 1.78 26.97
N LYS A 686 -12.80 3.06 26.85
CA LYS A 686 -14.07 3.48 26.28
C LYS A 686 -13.93 4.20 24.94
N SER A 687 -12.74 4.53 24.49
CA SER A 687 -12.58 5.29 23.26
C SER A 687 -12.45 4.40 22.02
N LYS A 688 -12.79 3.12 22.13
CA LYS A 688 -12.91 2.19 20.99
C LYS A 688 -11.62 2.03 20.21
N GLY A 689 -10.49 2.12 20.91
CA GLY A 689 -9.21 1.95 20.26
C GLY A 689 -8.67 3.18 19.57
N LYS A 690 -9.13 4.38 19.95
CA LYS A 690 -8.66 5.62 19.37
C LYS A 690 -7.72 6.39 20.27
N TYR A 691 -7.44 5.90 21.47
CA TYR A 691 -6.62 6.61 22.44
C TYR A 691 -5.58 5.66 23.02
N ALA A 692 -4.36 6.19 23.20
CA ALA A 692 -3.24 5.44 23.76
C ALA A 692 -2.67 6.24 24.92
N TYR A 693 -2.15 5.55 25.93
CA TYR A 693 -1.71 6.19 27.16
C TYR A 693 -0.27 5.81 27.48
N LEU A 694 0.49 6.76 27.99
CA LEU A 694 1.92 6.59 28.25
C LEU A 694 2.16 6.62 29.75
N LEU A 695 2.71 5.53 30.30
CA LEU A 695 2.88 5.42 31.74
C LEU A 695 4.10 4.56 32.03
N GLU A 696 4.32 4.27 33.31
CA GLU A 696 5.47 3.48 33.75
C GLU A 696 5.36 2.05 33.27
N SER A 697 6.48 1.35 33.23
CA SER A 697 6.50 0.01 32.65
C SER A 697 5.92 -1.02 33.60
N THR A 698 5.97 -0.78 34.91
CA THR A 698 5.54 -1.80 35.86
C THR A 698 4.05 -1.68 36.16
N MET A 699 3.50 -0.46 36.12
CA MET A 699 2.05 -0.33 36.26
C MET A 699 1.34 -0.78 35.01
N ASN A 700 2.01 -0.71 33.86
CA ASN A 700 1.41 -1.16 32.61
C ASN A 700 1.29 -2.69 32.60
N GLU A 701 2.25 -3.37 33.23
CA GLU A 701 2.21 -4.82 33.26
C GLU A 701 1.31 -5.34 34.36
N TYR A 702 0.95 -4.47 35.32
CA TYR A 702 0.09 -4.91 36.41
C TYR A 702 -1.39 -4.74 36.06
N ILE A 703 -1.72 -3.65 35.35
CA ILE A 703 -3.10 -3.43 34.94
C ILE A 703 -3.51 -4.44 33.88
N GLU A 704 -2.54 -4.91 33.09
CA GLU A 704 -2.82 -5.89 32.04
C GLU A 704 -3.24 -7.24 32.61
N GLN A 705 -2.84 -7.55 33.85
CA GLN A 705 -3.20 -8.79 34.50
C GLN A 705 -4.37 -8.65 35.47
N ARG A 706 -5.30 -7.73 35.21
CA ARG A 706 -6.46 -7.54 36.06
C ARG A 706 -7.72 -7.52 35.22
N LYS A 707 -8.84 -7.86 35.85
CA LYS A 707 -10.13 -7.81 35.17
C LYS A 707 -10.53 -6.36 34.91
N PRO A 708 -11.22 -6.07 33.80
CA PRO A 708 -11.81 -6.92 32.76
C PRO A 708 -10.88 -7.43 31.65
N CYS A 709 -9.56 -7.30 31.79
CA CYS A 709 -8.56 -7.88 30.89
C CYS A 709 -8.70 -7.35 29.46
N ASP A 710 -8.70 -6.03 29.31
CA ASP A 710 -8.96 -5.41 28.01
C ASP A 710 -7.89 -4.41 27.58
N THR A 711 -6.72 -4.44 28.19
CA THR A 711 -5.62 -3.57 27.81
C THR A 711 -4.39 -4.42 27.48
N MET A 712 -3.47 -3.83 26.73
CA MET A 712 -2.30 -4.55 26.23
C MET A 712 -1.12 -3.61 26.13
N LYS A 713 0.07 -4.13 26.46
CA LYS A 713 1.32 -3.40 26.38
C LYS A 713 2.02 -3.73 25.07
N VAL A 714 2.42 -2.68 24.32
CA VAL A 714 3.09 -2.84 23.04
C VAL A 714 4.44 -2.13 23.09
N GLY A 715 5.35 -2.56 22.22
CA GLY A 715 6.60 -1.88 22.07
C GLY A 715 7.60 -2.19 23.17
N GLY A 716 8.69 -1.43 23.15
CA GLY A 716 9.71 -1.53 24.16
C GLY A 716 9.80 -0.25 24.96
N ASN A 717 10.65 -0.21 25.96
CA ASN A 717 10.73 0.95 26.84
C ASN A 717 11.39 2.12 26.11
N LEU A 718 11.06 3.33 26.53
CA LEU A 718 11.59 4.51 25.86
C LEU A 718 12.86 5.02 26.54
N ASP A 719 12.97 4.83 27.85
CA ASP A 719 14.18 5.18 28.59
C ASP A 719 14.50 4.09 29.59
N SER A 720 15.44 4.40 30.50
CA SER A 720 15.88 3.45 31.50
C SER A 720 16.03 4.13 32.85
N LYS A 721 15.39 3.56 33.88
CA LYS A 721 15.48 4.07 35.24
C LYS A 721 15.73 2.90 36.16
N GLY A 722 15.66 3.16 37.47
CA GLY A 722 15.85 2.11 38.44
C GLY A 722 15.21 2.46 39.77
N TYR A 723 14.92 1.42 40.55
CA TYR A 723 14.42 1.55 41.91
C TYR A 723 15.47 1.04 42.87
N GLY A 724 15.63 1.69 44.01
CA GLY A 724 16.69 1.34 44.92
C GLY A 724 16.30 1.50 46.38
N ILE A 725 17.05 0.80 47.24
CA ILE A 725 16.93 0.97 48.68
C ILE A 725 17.71 2.20 49.11
N ALA A 726 17.11 3.03 49.95
CA ALA A 726 17.72 4.29 50.36
C ALA A 726 17.94 4.31 51.86
N THR A 727 19.12 4.76 52.27
CA THR A 727 19.57 4.93 53.64
C THR A 727 20.08 6.34 53.82
N PRO A 728 20.15 6.86 55.06
CA PRO A 728 20.77 8.18 55.26
C PRO A 728 22.25 8.17 54.96
N LYS A 729 22.78 9.34 54.61
CA LYS A 729 24.17 9.44 54.23
C LYS A 729 25.06 9.29 55.46
N GLY A 730 26.04 8.40 55.37
CA GLY A 730 26.86 8.11 56.52
C GLY A 730 26.14 7.27 57.56
N SER A 731 25.86 6.00 57.22
CA SER A 731 25.22 5.08 58.13
C SER A 731 25.93 3.74 58.09
N SER A 732 25.72 2.92 59.12
CA SER A 732 26.37 1.62 59.17
C SER A 732 25.62 0.60 58.31
N LEU A 733 24.41 0.94 57.86
CA LEU A 733 23.66 0.04 57.01
C LEU A 733 23.93 0.29 55.53
N GLY A 734 24.94 1.08 55.20
CA GLY A 734 25.17 1.42 53.81
C GLY A 734 25.73 0.26 53.01
N THR A 735 26.81 -0.35 53.49
CA THR A 735 27.42 -1.46 52.75
C THR A 735 26.73 -2.82 52.90
N PRO A 736 26.19 -3.26 54.06
CA PRO A 736 25.57 -4.60 54.04
C PRO A 736 24.25 -4.67 53.29
N VAL A 737 23.57 -3.54 53.09
CA VAL A 737 22.36 -3.56 52.26
C VAL A 737 22.74 -3.69 50.79
N ASN A 738 23.83 -3.05 50.39
CA ASN A 738 24.24 -3.06 48.98
C ASN A 738 24.75 -4.44 48.56
N LEU A 739 25.34 -5.19 49.49
CA LEU A 739 25.77 -6.54 49.17
C LEU A 739 24.61 -7.52 49.20
N ALA A 740 23.55 -7.19 49.94
CA ALA A 740 22.42 -8.09 50.02
C ALA A 740 21.56 -8.02 48.75
N VAL A 741 21.53 -6.87 48.10
CA VAL A 741 20.75 -6.74 46.87
C VAL A 741 21.43 -7.48 45.73
N LEU A 742 22.77 -7.43 45.66
CA LEU A 742 23.49 -8.15 44.62
C LEU A 742 23.46 -9.66 44.86
N LYS A 743 23.30 -10.07 46.12
CA LYS A 743 23.21 -11.50 46.41
C LYS A 743 21.84 -12.05 46.04
N LEU A 744 20.78 -11.27 46.27
CA LEU A 744 19.44 -11.71 45.91
C LEU A 744 19.24 -11.70 44.41
N SER A 745 19.95 -10.83 43.70
CA SER A 745 19.74 -10.72 42.27
C SER A 745 20.39 -11.90 41.52
N GLU A 746 21.42 -12.50 42.11
CA GLU A 746 22.11 -13.59 41.43
C GLU A 746 21.56 -14.96 41.78
N GLN A 747 20.83 -15.08 42.89
CA GLN A 747 20.16 -16.32 43.23
C GLN A 747 18.76 -16.39 42.66
N GLY A 748 18.37 -15.42 41.83
CA GLY A 748 17.07 -15.43 41.21
C GLY A 748 15.91 -15.17 42.14
N VAL A 749 16.17 -14.64 43.33
CA VAL A 749 15.09 -14.44 44.29
C VAL A 749 14.29 -13.19 43.97
N LEU A 750 14.92 -12.20 43.34
CA LEU A 750 14.20 -11.01 42.91
C LEU A 750 13.29 -11.30 41.73
N ASP A 751 13.69 -12.26 40.89
CA ASP A 751 12.84 -12.65 39.77
C ASP A 751 11.74 -13.61 40.21
N LYS A 752 11.92 -14.24 41.37
CA LYS A 752 10.89 -15.15 41.88
C LYS A 752 9.74 -14.39 42.50
N LEU A 753 10.05 -13.29 43.20
CA LEU A 753 9.01 -12.50 43.84
C LEU A 753 8.19 -11.72 42.82
N LYS A 754 8.79 -11.35 41.69
CA LYS A 754 8.05 -10.62 40.66
C LYS A 754 7.05 -11.53 39.96
N ASN A 755 7.39 -12.81 39.82
CA ASN A 755 6.45 -13.75 39.20
C ASN A 755 5.28 -14.04 40.12
N LYS A 756 5.46 -13.85 41.42
CA LYS A 756 4.44 -14.26 42.37
C LYS A 756 3.36 -13.19 42.49
N TRP A 757 3.75 -11.92 42.48
CA TRP A 757 2.77 -10.86 42.71
C TRP A 757 2.19 -10.33 41.40
N TRP A 758 2.95 -10.38 40.31
CA TRP A 758 2.46 -9.84 39.05
C TRP A 758 1.67 -10.87 38.25
N TYR A 759 2.06 -12.15 38.32
CA TYR A 759 1.43 -13.12 37.41
C TYR A 759 0.63 -14.19 38.16
N ASP A 760 1.12 -14.66 39.31
CA ASP A 760 0.43 -15.75 40.00
C ASP A 760 -0.83 -15.26 40.69
N LYS A 761 -0.86 -13.99 41.10
CA LYS A 761 -2.12 -13.38 41.49
C LYS A 761 -2.82 -12.72 40.32
N GLY A 762 -2.58 -13.18 39.10
CA GLY A 762 -3.18 -12.57 37.93
C GLY A 762 -4.57 -13.12 37.66
N GLU A 763 -5.52 -12.22 37.44
CA GLU A 763 -6.90 -12.64 37.17
C GLU A 763 -7.10 -12.96 35.69
N CYS A 764 -6.27 -12.39 34.82
CA CYS A 764 -6.27 -12.71 33.40
C CYS A 764 -5.44 -13.98 33.20
N GLY A 765 -6.05 -15.11 33.56
CA GLY A 765 -5.33 -16.36 33.64
C GLY A 765 -4.80 -16.90 32.33
N ALA A 766 -3.47 -16.89 32.19
CA ALA A 766 -2.74 -17.34 30.99
C ALA A 766 -3.22 -16.61 29.74
N LYS A 767 -3.32 -15.28 29.82
CA LYS A 767 -3.77 -14.47 28.69
C LYS A 767 -2.73 -14.43 27.58
N ASP A 768 -1.45 -14.64 27.93
CA ASP A 768 -0.38 -14.54 26.94
C ASP A 768 -0.40 -15.70 25.96
N SER A 769 -1.09 -16.78 26.29
CA SER A 769 -1.23 -17.90 25.34
C SER A 769 -2.19 -17.54 24.21
N GLY A 770 -3.13 -16.64 24.46
CA GLY A 770 -4.12 -16.30 23.45
C GLY A 770 -3.61 -15.31 22.41
N SER A 771 -2.41 -14.77 22.63
CA SER A 771 -1.90 -13.75 21.73
C SER A 771 -1.15 -14.37 20.54
N LYS A 772 -1.04 -15.70 20.52
CA LYS A 772 -0.17 -16.34 19.53
C LYS A 772 -0.88 -16.54 18.19
N GLU A 773 -2.16 -16.85 18.22
CA GLU A 773 -2.86 -17.32 17.02
C GLU A 773 -3.16 -16.16 16.08
N LYS A 774 -2.81 -16.33 14.81
CA LYS A 774 -3.04 -15.32 13.78
C LYS A 774 -3.04 -15.98 12.41
N THR A 775 -4.10 -15.78 11.64
CA THR A 775 -4.20 -16.31 10.29
C THR A 775 -5.17 -15.44 9.49
N SER A 776 -5.16 -15.63 8.17
CA SER A 776 -6.01 -14.86 7.27
C SER A 776 -6.46 -15.73 6.12
N ALA A 777 -7.73 -16.12 6.15
CA ALA A 777 -8.41 -16.83 5.06
C ALA A 777 -9.90 -16.66 5.29
N LEU A 778 -10.69 -17.03 4.30
CA LEU A 778 -12.13 -17.03 4.51
C LEU A 778 -12.52 -18.20 5.39
N SER A 779 -13.47 -17.94 6.30
CA SER A 779 -14.01 -18.95 7.18
C SER A 779 -15.51 -19.05 6.97
N LEU A 780 -16.17 -19.90 7.77
CA LEU A 780 -17.61 -20.07 7.62
C LEU A 780 -18.40 -18.86 8.10
N SER A 781 -17.78 -18.01 8.92
CA SER A 781 -18.49 -16.81 9.36
C SER A 781 -18.63 -15.79 8.23
N ASN A 782 -17.72 -15.84 7.26
CA ASN A 782 -17.79 -14.89 6.16
C ASN A 782 -18.84 -15.29 5.13
N VAL A 783 -18.99 -16.58 4.88
CA VAL A 783 -19.87 -17.08 3.83
C VAL A 783 -21.01 -17.92 4.39
N ALA A 784 -21.50 -17.59 5.59
CA ALA A 784 -22.56 -18.38 6.21
C ALA A 784 -23.90 -18.22 5.49
N GLY A 785 -24.16 -17.03 4.94
CA GLY A 785 -25.47 -16.78 4.35
C GLY A 785 -25.65 -17.46 3.00
N VAL A 786 -24.56 -17.87 2.38
CA VAL A 786 -24.66 -18.57 1.11
C VAL A 786 -25.16 -19.99 1.34
N PHE A 787 -24.77 -20.60 2.46
CA PHE A 787 -25.25 -21.93 2.80
C PHE A 787 -26.69 -21.90 3.26
N TYR A 788 -27.14 -20.77 3.84
CA TYR A 788 -28.52 -20.67 4.30
C TYR A 788 -29.48 -20.55 3.14
N ILE A 789 -29.05 -19.91 2.04
CA ILE A 789 -29.88 -19.85 0.84
C ILE A 789 -29.94 -21.22 0.18
N LEU A 790 -28.85 -21.99 0.27
CA LEU A 790 -28.81 -23.32 -0.34
C LEU A 790 -29.73 -24.29 0.39
N VAL A 791 -29.75 -24.22 1.73
CA VAL A 791 -30.64 -25.09 2.50
C VAL A 791 -32.09 -24.67 2.31
N GLY A 792 -32.34 -23.35 2.29
CA GLY A 792 -33.70 -22.88 2.11
C GLY A 792 -34.25 -23.12 0.72
N GLY A 793 -33.36 -23.23 -0.26
CA GLY A 793 -33.80 -23.55 -1.61
C GLY A 793 -34.17 -25.01 -1.77
N LEU A 794 -33.45 -25.90 -1.07
CA LEU A 794 -33.79 -27.32 -1.13
C LEU A 794 -35.06 -27.62 -0.35
N GLY A 795 -35.30 -26.86 0.72
CA GLY A 795 -36.52 -27.08 1.49
C GLY A 795 -37.76 -26.62 0.75
N LEU A 796 -37.62 -25.60 -0.11
CA LEU A 796 -38.75 -25.14 -0.90
C LEU A 796 -39.09 -26.13 -2.01
N ALA A 797 -38.07 -26.81 -2.54
CA ALA A 797 -38.29 -27.76 -3.62
C ALA A 797 -38.99 -29.02 -3.13
N MET A 798 -38.84 -29.34 -1.84
CA MET A 798 -39.61 -30.43 -1.26
C MET A 798 -41.08 -30.08 -1.19
N LEU A 799 -41.39 -28.82 -0.93
CA LEU A 799 -42.79 -28.41 -0.79
C LEU A 799 -43.48 -28.33 -2.14
N VAL A 800 -42.76 -27.89 -3.18
CA VAL A 800 -43.36 -27.75 -4.50
C VAL A 800 -43.56 -29.13 -5.14
N ALA A 801 -42.65 -30.07 -4.86
CA ALA A 801 -42.79 -31.42 -5.38
C ALA A 801 -43.94 -32.16 -4.70
N LEU A 802 -44.28 -31.75 -3.47
CA LEU A 802 -45.32 -32.44 -2.72
C LEU A 802 -46.70 -31.99 -3.14
N ILE A 803 -46.90 -30.67 -3.25
CA ILE A 803 -48.24 -30.15 -3.50
C ILE A 803 -48.64 -30.37 -4.96
N GLU A 804 -47.65 -30.40 -5.86
CA GLU A 804 -47.95 -30.69 -7.26
C GLU A 804 -48.16 -32.18 -7.49
N PHE A 805 -47.67 -33.01 -6.55
CA PHE A 805 -47.94 -34.44 -6.62
C PHE A 805 -49.41 -34.73 -6.34
N CYS A 806 -49.98 -34.03 -5.36
CA CYS A 806 -51.38 -34.22 -5.03
C CYS A 806 -52.29 -33.50 -6.01
N TYR A 807 -51.76 -32.50 -6.72
CA TYR A 807 -52.58 -31.74 -7.67
C TYR A 807 -52.79 -32.52 -8.96
N LYS A 808 -51.80 -33.31 -9.37
CA LYS A 808 -51.95 -34.08 -10.60
C LYS A 808 -52.81 -35.32 -10.38
N SER A 809 -52.76 -35.90 -9.18
CA SER A 809 -53.54 -37.10 -8.89
C SER A 809 -55.02 -36.77 -8.77
N ARG A 810 -55.34 -35.54 -8.35
CA ARG A 810 -56.74 -35.15 -8.23
C ARG A 810 -57.35 -34.86 -9.59
N ALA A 811 -56.54 -34.37 -10.53
CA ALA A 811 -57.06 -34.03 -11.85
C ALA A 811 -57.31 -35.27 -12.70
N GLU A 812 -56.50 -36.31 -12.49
CA GLU A 812 -56.67 -37.54 -13.27
C GLU A 812 -57.89 -38.32 -12.84
N ALA A 813 -58.08 -38.48 -11.53
CA ALA A 813 -59.22 -39.22 -11.01
C ALA A 813 -60.45 -38.32 -10.89
N ALA A 822 -65.16 -23.13 -20.80
CA ALA A 822 -64.28 -21.99 -20.64
C ALA A 822 -63.98 -21.72 -19.16
N CYS A 823 -63.58 -22.78 -18.44
CA CYS A 823 -63.23 -22.63 -17.03
C CYS A 823 -61.92 -21.89 -16.87
N GLY A 824 -60.90 -22.28 -17.65
CA GLY A 824 -59.63 -21.58 -17.60
C GLY A 824 -59.70 -20.21 -18.25
N ARG A 825 -60.64 -20.03 -19.19
CA ARG A 825 -60.80 -18.72 -19.83
C ARG A 825 -61.47 -17.73 -18.89
N LYS A 826 -62.40 -18.21 -18.05
CA LYS A 826 -63.10 -17.32 -17.13
C LYS A 826 -62.20 -16.93 -15.97
N ALA A 827 -61.37 -17.87 -15.50
CA ALA A 827 -60.46 -17.57 -14.40
C ALA A 827 -59.34 -16.63 -14.85
N LEU A 828 -58.90 -16.77 -16.12
CA LEU A 828 -57.88 -15.88 -16.64
C LEU A 828 -58.45 -14.50 -16.92
N THR A 829 -59.75 -14.43 -17.19
CA THR A 829 -60.40 -13.14 -17.40
C THR A 829 -60.46 -12.33 -16.11
N LEU A 830 -60.83 -13.00 -15.01
CA LEU A 830 -61.03 -12.28 -13.74
C LEU A 830 -59.70 -11.94 -13.08
N LEU A 831 -58.68 -12.79 -13.26
CA LEU A 831 -57.37 -12.50 -12.68
C LEU A 831 -56.68 -11.35 -13.41
N SER A 832 -57.00 -11.16 -14.69
CA SER A 832 -56.40 -10.07 -15.44
C SER A 832 -56.95 -8.72 -15.01
N SER A 833 -58.19 -8.70 -14.53
CA SER A 833 -58.84 -7.42 -14.21
C SER A 833 -58.49 -6.96 -12.81
N VAL A 834 -58.34 -7.90 -11.86
CA VAL A 834 -58.04 -7.52 -10.48
C VAL A 834 -56.61 -6.98 -10.38
N PHE A 835 -55.68 -7.57 -11.13
CA PHE A 835 -54.31 -7.06 -11.14
C PHE A 835 -54.22 -5.71 -11.83
N ALA A 836 -55.11 -5.44 -12.78
CA ALA A 836 -55.09 -4.16 -13.49
C ALA A 836 -55.59 -3.03 -12.61
N VAL A 837 -56.66 -3.27 -11.85
CA VAL A 837 -57.20 -2.25 -10.95
C VAL A 837 -56.22 -1.97 -9.82
N CYS A 838 -55.60 -3.03 -9.29
CA CYS A 838 -54.55 -2.87 -8.28
C CYS A 838 -53.31 -2.22 -8.87
N GLY A 839 -53.07 -2.41 -10.17
CA GLY A 839 -51.94 -1.76 -10.80
C GLY A 839 -52.15 -0.27 -10.97
N LEU A 840 -53.38 0.15 -11.30
CA LEU A 840 -53.68 1.56 -11.47
C LEU A 840 -53.75 2.28 -10.12
N GLY A 841 -54.34 1.62 -9.12
CA GLY A 841 -54.61 2.29 -7.86
C GLY A 841 -53.36 2.47 -7.01
N LEU A 842 -52.39 1.57 -7.15
CA LEU A 842 -51.19 1.66 -6.31
C LEU A 842 -50.25 2.74 -6.83
N LEU A 843 -50.19 2.95 -8.14
CA LEU A 843 -49.38 4.04 -8.65
C LEU A 843 -50.08 5.37 -8.48
N GLY A 844 -51.42 5.37 -8.54
CA GLY A 844 -52.17 6.61 -8.39
C GLY A 844 -52.08 7.21 -7.00
N ILE A 845 -51.94 6.34 -5.99
CA ILE A 845 -51.71 6.82 -4.63
C ILE A 845 -50.29 7.37 -4.50
N ALA A 846 -49.33 6.73 -5.17
CA ALA A 846 -47.92 7.03 -4.94
C ALA A 846 -47.52 8.37 -5.55
N VAL A 847 -48.15 8.74 -6.66
CA VAL A 847 -47.82 10.03 -7.30
C VAL A 847 -48.43 11.18 -6.51
N SER A 848 -49.64 10.98 -5.97
CA SER A 848 -50.33 12.05 -5.24
C SER A 848 -49.65 12.34 -3.90
N THR A 849 -49.27 11.30 -3.17
CA THR A 849 -48.64 11.51 -1.87
C THR A 849 -47.19 11.93 -2.04
N ASP A 850 -46.57 12.29 -0.93
CA ASP A 850 -45.21 12.81 -0.93
C ASP A 850 -44.33 12.21 0.16
N TYR A 851 -44.50 10.93 0.48
CA TYR A 851 -43.61 10.24 1.42
C TYR A 851 -42.65 9.34 0.65
N TRP A 852 -41.69 9.98 -0.02
CA TRP A 852 -40.73 9.30 -0.89
C TRP A 852 -39.35 9.16 -0.25
N LEU A 853 -38.75 10.26 0.17
CA LEU A 853 -37.37 10.27 0.63
C LEU A 853 -37.26 11.00 1.96
N TYR A 854 -36.61 10.36 2.94
CA TYR A 854 -36.34 10.96 4.23
C TYR A 854 -34.89 11.41 4.24
N LEU A 855 -34.63 12.60 4.79
CA LEU A 855 -33.28 13.14 4.88
C LEU A 855 -33.07 13.74 6.26
N GLU A 856 -32.03 13.27 6.95
CA GLU A 856 -31.68 13.79 8.26
C GLU A 856 -30.24 14.27 8.25
N GLU A 857 -30.01 15.46 8.80
CA GLU A 857 -28.69 16.04 8.94
C GLU A 857 -28.48 16.44 10.39
N GLY A 858 -27.32 16.12 10.93
CA GLY A 858 -27.07 16.40 12.34
C GLY A 858 -25.59 16.61 12.61
N ILE A 859 -25.29 16.83 13.88
CA ILE A 859 -23.93 17.03 14.35
C ILE A 859 -23.74 16.20 15.61
N ILE A 860 -22.56 15.60 15.74
CA ILE A 860 -22.29 14.74 16.89
C ILE A 860 -21.86 15.58 18.09
N LEU A 861 -21.84 14.95 19.26
CA LEU A 861 -21.21 15.50 20.45
C LEU A 861 -20.04 14.63 20.84
N PRO A 862 -18.80 15.14 20.79
CA PRO A 862 -17.65 14.27 21.05
C PRO A 862 -17.49 13.94 22.52
N GLN A 863 -16.83 12.81 22.78
CA GLN A 863 -16.51 12.24 24.09
C GLN A 863 -17.74 11.97 24.95
N ASN A 864 -18.92 11.77 24.35
CA ASN A 864 -20.12 11.48 25.11
C ASN A 864 -20.98 10.43 24.43
N GLN A 865 -20.69 10.09 23.17
CA GLN A 865 -21.46 9.15 22.34
C GLN A 865 -22.94 9.56 22.26
N SER A 866 -23.18 10.71 21.63
CA SER A 866 -24.52 11.24 21.46
C SER A 866 -24.55 12.13 20.23
N THR A 867 -25.67 12.10 19.52
CA THR A 867 -25.85 12.88 18.30
C THR A 867 -27.04 13.81 18.48
N GLU A 868 -26.92 15.00 17.91
CA GLU A 868 -27.98 16.00 17.97
C GLU A 868 -28.33 16.43 16.55
N VAL A 869 -29.59 16.22 16.18
CA VAL A 869 -30.02 16.57 14.82
C VAL A 869 -30.16 18.07 14.69
N LYS A 870 -30.17 18.56 13.45
CA LYS A 870 -30.48 19.96 13.20
C LYS A 870 -31.65 20.14 12.24
N MET A 871 -31.92 19.13 11.40
CA MET A 871 -32.91 19.28 10.34
C MET A 871 -33.35 17.90 9.88
N SER A 872 -34.64 17.78 9.55
CA SER A 872 -35.21 16.56 9.02
C SER A 872 -36.44 16.91 8.20
N LEU A 873 -36.71 16.10 7.18
CA LEU A 873 -37.87 16.32 6.32
C LEU A 873 -38.20 15.05 5.56
N HIS A 874 -39.36 15.07 4.92
CA HIS A 874 -39.74 14.08 3.92
C HIS A 874 -40.17 14.81 2.66
N SER A 875 -39.88 14.22 1.51
CA SER A 875 -40.07 14.90 0.24
C SER A 875 -40.87 14.06 -0.73
N GLY A 876 -41.42 14.72 -1.74
CA GLY A 876 -42.15 14.07 -2.81
C GLY A 876 -41.76 14.67 -4.14
N LEU A 877 -42.60 14.49 -5.17
CA LEU A 877 -42.25 15.02 -6.48
C LEU A 877 -42.60 16.50 -6.61
N TRP A 878 -43.53 16.99 -5.79
CA TRP A 878 -43.93 18.39 -5.86
C TRP A 878 -44.06 19.09 -4.52
N ARG A 879 -44.09 18.36 -3.41
CA ARG A 879 -44.36 18.97 -2.11
C ARG A 879 -43.32 18.49 -1.10
N VAL A 880 -42.84 19.43 -0.29
CA VAL A 880 -41.86 19.17 0.76
C VAL A 880 -42.45 19.61 2.08
N CYS A 881 -42.46 18.72 3.08
CA CYS A 881 -42.95 19.04 4.41
C CYS A 881 -41.87 18.71 5.44
N PHE A 882 -41.48 19.70 6.23
CA PHE A 882 -40.41 19.54 7.20
C PHE A 882 -40.95 18.80 8.42
N LEU A 883 -40.24 17.74 8.84
CA LEU A 883 -40.64 17.02 10.04
C LEU A 883 -40.02 17.66 11.28
N ALA A 884 -38.77 18.13 11.16
CA ALA A 884 -38.08 18.79 12.25
C ALA A 884 -37.52 20.15 11.84
N GLY A 885 -37.78 20.59 10.61
CA GLY A 885 -37.38 21.92 10.18
C GLY A 885 -38.22 22.98 10.87
N GLU A 886 -37.54 23.86 11.63
CA GLU A 886 -38.13 24.88 12.50
C GLU A 886 -39.09 24.24 13.53
N GLU A 887 -38.78 22.99 13.93
CA GLU A 887 -39.60 22.09 14.78
C GLU A 887 -41.09 22.17 14.49
N ARG A 888 -41.44 22.21 13.21
CA ARG A 888 -42.79 22.56 12.76
C ARG A 888 -43.09 21.84 11.47
N GLY A 889 -44.33 21.37 11.33
CA GLY A 889 -44.81 20.74 10.12
C GLY A 889 -45.13 21.67 8.98
N ARG A 890 -44.24 22.61 8.67
CA ARG A 890 -44.46 23.56 7.58
C ARG A 890 -44.24 22.89 6.23
N CYS A 891 -45.03 23.30 5.24
CA CYS A 891 -45.01 22.66 3.92
C CYS A 891 -44.89 23.70 2.83
N PHE A 892 -43.81 23.61 2.06
CA PHE A 892 -43.59 24.42 0.87
C PHE A 892 -43.54 23.52 -0.36
N THR A 893 -43.77 24.12 -1.53
CA THR A 893 -43.47 23.42 -2.78
C THR A 893 -41.97 23.52 -3.07
N ILE A 894 -41.55 22.78 -4.09
CA ILE A 894 -40.12 22.75 -4.42
C ILE A 894 -39.72 24.05 -5.11
N GLU A 895 -40.68 24.72 -5.77
CA GLU A 895 -40.42 26.03 -6.35
C GLU A 895 -40.16 27.08 -5.28
N TYR A 896 -40.77 26.93 -4.10
CA TYR A 896 -40.56 27.84 -2.99
C TYR A 896 -39.32 27.39 -2.23
N VAL A 897 -38.16 27.71 -2.79
CA VAL A 897 -36.90 27.36 -2.15
C VAL A 897 -36.65 28.28 -0.96
N MET A 898 -35.93 27.75 0.04
CA MET A 898 -35.56 28.36 1.34
C MET A 898 -36.61 29.27 1.99
N GLU A 907 -28.20 25.02 0.58
CA GLU A 907 -27.05 24.13 0.71
C GLU A 907 -27.21 22.85 -0.12
N SER A 908 -26.65 21.75 0.37
CA SER A 908 -26.67 20.49 -0.38
C SER A 908 -28.08 19.93 -0.50
N THR A 909 -28.92 20.16 0.50
CA THR A 909 -30.27 19.61 0.47
C THR A 909 -31.16 20.35 -0.52
N VAL A 910 -30.79 21.57 -0.89
CA VAL A 910 -31.48 22.26 -1.98
C VAL A 910 -31.15 21.58 -3.30
N ASN A 911 -29.91 21.12 -3.45
CA ASN A 911 -29.48 20.50 -4.71
C ASN A 911 -30.11 19.12 -4.88
N VAL A 912 -30.40 18.44 -3.78
CA VAL A 912 -31.09 17.16 -3.85
C VAL A 912 -32.52 17.36 -4.33
N LEU A 913 -33.16 18.43 -3.88
CA LEU A 913 -34.57 18.66 -4.15
C LEU A 913 -34.80 19.07 -5.60
N LYS A 914 -33.78 19.63 -6.24
CA LYS A 914 -33.89 19.97 -7.66
C LYS A 914 -33.81 18.72 -8.52
N MET A 915 -33.08 17.71 -8.05
CA MET A 915 -32.90 16.48 -8.83
C MET A 915 -34.14 15.60 -8.77
N ILE A 916 -34.94 15.73 -7.71
CA ILE A 916 -36.22 15.04 -7.64
C ILE A 916 -37.16 15.58 -8.69
N ARG A 917 -37.05 16.88 -8.98
CA ARG A 917 -37.85 17.49 -10.04
C ARG A 917 -37.39 17.02 -11.42
N SER A 918 -36.13 16.58 -11.53
CA SER A 918 -35.59 16.19 -12.83
C SER A 918 -36.19 14.89 -13.34
N ALA A 919 -36.38 13.91 -12.47
CA ALA A 919 -36.88 12.59 -12.87
C ALA A 919 -38.41 12.49 -12.81
N THR A 920 -39.10 13.63 -12.82
CA THR A 920 -40.56 13.73 -12.82
C THR A 920 -41.29 13.04 -13.98
N PRO A 921 -40.91 13.19 -15.30
CA PRO A 921 -41.84 12.75 -16.36
C PRO A 921 -42.08 11.26 -16.48
N PHE A 922 -41.10 10.43 -16.10
CA PHE A 922 -41.17 8.99 -16.37
C PHE A 922 -42.28 8.24 -15.62
N PRO A 923 -42.62 8.55 -14.36
CA PRO A 923 -43.86 7.94 -13.82
C PRO A 923 -45.13 8.44 -14.49
N LEU A 924 -45.12 9.66 -15.05
CA LEU A 924 -46.31 10.16 -15.71
C LEU A 924 -46.49 9.53 -17.08
N VAL A 925 -45.41 9.05 -17.69
CA VAL A 925 -45.52 8.30 -18.94
C VAL A 925 -46.15 6.94 -18.68
N SER A 926 -45.78 6.31 -17.56
CA SER A 926 -46.28 4.98 -17.25
C SER A 926 -47.74 5.02 -16.82
N LEU A 927 -48.16 6.09 -16.15
CA LEU A 927 -49.55 6.20 -15.72
C LEU A 927 -50.45 6.51 -16.90
N PHE A 928 -49.91 7.18 -17.93
CA PHE A 928 -50.68 7.47 -19.13
C PHE A 928 -50.88 6.22 -19.97
N PHE A 929 -49.98 5.24 -19.84
CA PHE A 929 -50.05 4.06 -20.70
C PHE A 929 -50.95 2.98 -20.12
N MET A 930 -51.01 2.87 -18.79
CA MET A 930 -51.90 1.86 -18.20
C MET A 930 -53.36 2.26 -18.35
N PHE A 931 -53.64 3.57 -18.38
CA PHE A 931 -55.01 4.03 -18.53
C PHE A 931 -55.52 3.77 -19.95
N ILE A 932 -54.61 3.75 -20.92
CA ILE A 932 -54.99 3.35 -22.28
C ILE A 932 -55.28 1.85 -22.31
N GLY A 933 -54.42 1.06 -21.67
CA GLY A 933 -54.59 -0.40 -21.70
C GLY A 933 -55.76 -0.86 -20.86
N PHE A 934 -56.18 -0.06 -19.89
CA PHE A 934 -57.32 -0.43 -19.06
C PHE A 934 -58.62 -0.28 -19.81
N ILE A 935 -58.69 0.70 -20.71
CA ILE A 935 -59.92 0.94 -21.47
C ILE A 935 -60.12 -0.15 -22.52
N LEU A 936 -59.03 -0.53 -23.20
CA LEU A 936 -59.15 -1.56 -24.24
C LEU A 936 -59.36 -2.94 -23.64
N SER A 937 -58.95 -3.15 -22.39
CA SER A 937 -59.11 -4.47 -21.77
C SER A 937 -60.55 -4.71 -21.36
N ASN A 938 -61.25 -3.66 -20.90
CA ASN A 938 -62.63 -3.84 -20.48
C ASN A 938 -63.57 -3.97 -21.67
N ILE A 939 -63.32 -3.23 -22.75
CA ILE A 939 -64.21 -3.29 -23.90
C ILE A 939 -63.97 -4.58 -24.69
N GLY A 940 -62.83 -5.22 -24.47
CA GLY A 940 -62.66 -6.57 -24.96
C GLY A 940 -63.45 -7.58 -24.15
N HIS A 941 -63.67 -7.27 -22.87
CA HIS A 941 -64.52 -8.13 -22.05
C HIS A 941 -66.00 -7.86 -22.31
N ILE A 942 -66.33 -6.65 -22.77
CA ILE A 942 -67.69 -6.35 -23.17
C ILE A 942 -68.02 -7.08 -24.47
N ARG A 943 -67.15 -6.93 -25.47
CA ARG A 943 -67.34 -7.55 -26.78
C ARG A 943 -66.26 -8.58 -27.03
N PRO A 944 -66.55 -9.88 -26.86
CA PRO A 944 -65.52 -10.91 -27.11
C PRO A 944 -65.13 -11.06 -28.58
N HIS A 945 -65.96 -10.59 -29.51
CA HIS A 945 -65.54 -10.54 -30.90
C HIS A 945 -64.58 -9.36 -31.11
N ARG A 946 -63.94 -9.33 -32.28
CA ARG A 946 -62.81 -8.45 -32.60
C ARG A 946 -61.69 -8.66 -31.59
N THR A 947 -61.07 -9.84 -31.64
CA THR A 947 -60.16 -10.31 -30.60
C THR A 947 -58.79 -9.63 -30.59
N ILE A 948 -58.60 -8.55 -31.34
CA ILE A 948 -57.33 -7.84 -31.33
C ILE A 948 -57.17 -6.96 -30.10
N LEU A 949 -58.25 -6.74 -29.34
CA LEU A 949 -58.19 -5.80 -28.22
C LEU A 949 -57.37 -6.36 -27.07
N ALA A 950 -57.33 -7.68 -26.92
CA ALA A 950 -56.54 -8.27 -25.83
C ALA A 950 -55.05 -8.23 -26.13
N PHE A 951 -54.67 -8.39 -27.40
CA PHE A 951 -53.26 -8.45 -27.74
C PHE A 951 -52.63 -7.06 -27.74
N VAL A 952 -53.40 -6.04 -28.13
CA VAL A 952 -52.88 -4.68 -28.14
C VAL A 952 -52.79 -4.14 -26.72
N SER A 953 -53.74 -4.50 -25.87
CA SER A 953 -53.74 -4.03 -24.48
C SER A 953 -52.59 -4.65 -23.68
N GLY A 954 -52.10 -5.81 -24.11
CA GLY A 954 -50.98 -6.42 -23.43
C GLY A 954 -49.68 -5.68 -23.69
N ILE A 955 -49.59 -5.00 -24.84
CA ILE A 955 -48.36 -4.29 -25.18
C ILE A 955 -48.24 -3.01 -24.37
N PHE A 956 -49.36 -2.35 -24.09
CA PHE A 956 -49.33 -1.12 -23.30
C PHE A 956 -49.03 -1.40 -21.84
N PHE A 957 -49.32 -2.60 -21.36
CA PHE A 957 -48.92 -2.97 -20.00
C PHE A 957 -47.42 -3.18 -19.91
N ILE A 958 -46.82 -3.77 -20.94
CA ILE A 958 -45.39 -4.06 -20.90
C ILE A 958 -44.58 -2.78 -21.11
N LEU A 959 -45.08 -1.88 -21.96
CA LEU A 959 -44.41 -0.60 -22.15
C LEU A 959 -44.62 0.32 -20.95
N SER A 960 -45.60 0.03 -20.11
CA SER A 960 -45.79 0.79 -18.88
C SER A 960 -44.70 0.50 -17.88
N GLY A 961 -44.35 -0.78 -17.72
CA GLY A 961 -43.38 -1.15 -16.72
C GLY A 961 -41.97 -0.77 -17.10
N LEU A 962 -41.63 -0.87 -18.39
CA LEU A 962 -40.28 -0.53 -18.84
C LEU A 962 -40.06 0.97 -18.80
N SER A 963 -41.13 1.76 -18.89
CA SER A 963 -41.01 3.19 -18.70
C SER A 963 -40.80 3.54 -17.23
N LEU A 964 -41.24 2.67 -16.34
CA LEU A 964 -41.10 2.94 -14.91
C LEU A 964 -39.74 2.50 -14.39
N VAL A 965 -39.09 1.56 -15.09
CA VAL A 965 -37.77 1.09 -14.69
C VAL A 965 -36.72 2.18 -14.88
N VAL A 966 -36.76 2.86 -16.03
CA VAL A 966 -35.82 3.94 -16.29
C VAL A 966 -36.13 5.17 -15.43
N GLY A 967 -37.36 5.23 -14.91
CA GLY A 967 -37.67 6.27 -13.95
C GLY A 967 -37.01 6.04 -12.60
N LEU A 968 -36.95 4.78 -12.16
CA LEU A 968 -36.38 4.49 -10.85
C LEU A 968 -34.86 4.50 -10.89
N VAL A 969 -34.27 4.06 -12.01
CA VAL A 969 -32.82 4.07 -12.14
C VAL A 969 -32.29 5.49 -12.18
N LEU A 970 -32.97 6.37 -12.91
CA LEU A 970 -32.53 7.76 -13.03
C LEU A 970 -32.81 8.54 -11.74
N TYR A 971 -33.80 8.08 -10.97
CA TYR A 971 -34.09 8.72 -9.69
C TYR A 971 -33.02 8.39 -8.65
N ILE A 972 -32.66 7.11 -8.54
CA ILE A 972 -31.71 6.68 -7.51
C ILE A 972 -30.30 7.14 -7.85
N SER A 973 -29.99 7.24 -9.15
CA SER A 973 -28.69 7.77 -9.57
C SER A 973 -28.56 9.25 -9.23
N SER A 974 -29.66 10.00 -9.32
CA SER A 974 -29.62 11.43 -9.03
C SER A 974 -29.55 11.69 -7.54
N ILE A 975 -29.93 10.71 -6.72
CA ILE A 975 -29.83 10.87 -5.27
C ILE A 975 -28.42 10.59 -4.80
N ASN A 976 -27.80 9.52 -5.34
CA ASN A 976 -26.53 9.02 -4.79
C ASN A 976 -25.37 9.98 -5.04
N ASP A 977 -25.36 10.67 -6.18
CA ASP A 977 -24.22 11.54 -6.47
C ASP A 977 -24.30 12.86 -5.71
N GLU A 978 -25.47 13.16 -5.13
CA GLU A 978 -25.59 14.39 -4.36
C GLU A 978 -25.03 14.22 -2.96
N MET A 979 -24.95 12.98 -2.47
CA MET A 979 -24.19 12.72 -1.26
C MET A 979 -22.71 12.58 -1.57
N LEU A 980 -22.37 12.53 -2.85
CA LEU A 980 -20.98 12.23 -3.23
C LEU A 980 -20.17 13.50 -3.36
N ASN A 981 -20.79 14.60 -3.80
CA ASN A 981 -20.02 15.81 -4.09
C ASN A 981 -19.84 16.69 -2.85
N ARG A 982 -20.56 16.39 -1.77
CA ARG A 982 -20.46 17.20 -0.57
C ARG A 982 -19.15 16.92 0.17
N THR A 983 -18.68 17.91 0.91
CA THR A 983 -17.41 17.78 1.62
C THR A 983 -17.63 17.06 2.96
N LYS A 984 -16.79 16.06 3.20
CA LYS A 984 -16.90 15.21 4.38
C LYS A 984 -16.26 15.88 5.58
N ASP A 985 -16.81 15.62 6.77
CA ASP A 985 -16.32 16.13 8.04
C ASP A 985 -16.40 15.04 9.09
N ALA A 986 -15.57 15.14 10.12
CA ALA A 986 -15.58 14.13 11.17
C ALA A 986 -16.71 14.37 12.16
N GLU A 987 -17.31 15.56 12.13
CA GLU A 987 -18.29 15.95 13.13
C GLU A 987 -19.72 15.95 12.58
N THR A 988 -19.88 15.80 11.26
CA THR A 988 -21.19 15.88 10.62
C THR A 988 -21.56 14.53 10.02
N TYR A 989 -22.78 14.09 10.29
CA TYR A 989 -23.33 12.87 9.70
C TYR A 989 -24.53 13.23 8.84
N PHE A 990 -24.76 12.46 7.78
CA PHE A 990 -25.83 12.69 6.84
C PHE A 990 -26.40 11.35 6.42
N ASN A 991 -27.71 11.17 6.57
CA ASN A 991 -28.35 9.89 6.28
C ASN A 991 -29.51 10.11 5.32
N TYR A 992 -30.01 9.00 4.78
CA TYR A 992 -31.17 9.04 3.89
C TYR A 992 -31.89 7.71 3.97
N LYS A 993 -33.16 7.72 3.56
CA LYS A 993 -34.05 6.59 3.72
C LYS A 993 -35.24 6.76 2.80
N TYR A 994 -35.71 5.66 2.23
CA TYR A 994 -36.85 5.72 1.34
C TYR A 994 -38.15 5.70 2.13
N GLY A 995 -39.26 5.94 1.44
CA GLY A 995 -40.56 6.01 2.07
C GLY A 995 -41.52 5.02 1.46
N TRP A 996 -42.75 5.04 1.96
CA TRP A 996 -43.75 4.07 1.52
C TRP A 996 -44.41 4.44 0.20
N SER A 997 -44.12 5.63 -0.34
CA SER A 997 -44.53 5.91 -1.71
C SER A 997 -43.60 5.23 -2.70
N PHE A 998 -42.33 5.07 -2.33
CA PHE A 998 -41.37 4.40 -3.21
C PHE A 998 -41.66 2.91 -3.29
N ALA A 999 -42.23 2.34 -2.22
CA ALA A 999 -42.58 0.93 -2.23
C ALA A 999 -43.79 0.67 -3.12
N PHE A 1000 -44.70 1.65 -3.22
CA PHE A 1000 -45.90 1.45 -4.03
C PHE A 1000 -45.60 1.52 -5.52
N ALA A 1001 -44.55 2.24 -5.90
CA ALA A 1001 -44.16 2.27 -7.31
C ALA A 1001 -43.48 0.97 -7.73
N ALA A 1002 -42.71 0.37 -6.82
CA ALA A 1002 -42.03 -0.88 -7.14
C ALA A 1002 -43.00 -2.05 -7.20
N ILE A 1003 -44.03 -2.04 -6.34
CA ILE A 1003 -45.05 -3.07 -6.37
C ILE A 1003 -45.91 -2.93 -7.63
N SER A 1004 -46.12 -1.70 -8.09
CA SER A 1004 -46.92 -1.45 -9.28
C SER A 1004 -46.24 -1.97 -10.54
N PHE A 1005 -44.92 -2.11 -10.51
CA PHE A 1005 -44.21 -2.75 -11.63
C PHE A 1005 -44.54 -4.23 -11.72
N LEU A 1006 -44.69 -4.90 -10.58
CA LEU A 1006 -44.90 -6.34 -10.56
C LEU A 1006 -46.30 -6.69 -11.04
N LEU A 1007 -47.28 -5.83 -10.75
CA LEU A 1007 -48.66 -6.13 -11.15
C LEU A 1007 -48.91 -5.75 -12.61
N THR A 1008 -48.17 -4.77 -13.12
CA THR A 1008 -48.41 -4.33 -14.49
C THR A 1008 -47.81 -5.29 -15.50
N GLU A 1009 -46.61 -5.82 -15.21
CA GLU A 1009 -45.98 -6.79 -16.09
C GLU A 1009 -46.73 -8.11 -16.08
N SER A 1010 -47.24 -8.52 -14.91
CA SER A 1010 -47.94 -9.79 -14.81
C SER A 1010 -49.30 -9.73 -15.50
N ALA A 1011 -49.93 -8.56 -15.51
CA ALA A 1011 -51.20 -8.43 -16.21
C ALA A 1011 -51.00 -8.38 -17.72
N GLY A 1012 -49.80 -7.97 -18.16
CA GLY A 1012 -49.51 -7.98 -19.58
C GLY A 1012 -49.26 -9.38 -20.11
N VAL A 1013 -48.79 -10.28 -19.25
CA VAL A 1013 -48.55 -11.65 -19.68
C VAL A 1013 -49.87 -12.41 -19.80
N MET A 1014 -50.81 -12.14 -18.89
CA MET A 1014 -52.09 -12.84 -18.91
C MET A 1014 -52.96 -12.39 -20.08
N SER A 1015 -52.72 -11.18 -20.59
CA SER A 1015 -53.49 -10.70 -21.73
C SER A 1015 -53.10 -11.44 -23.01
N VAL A 1016 -51.86 -11.90 -23.09
CA VAL A 1016 -51.42 -12.63 -24.28
C VAL A 1016 -51.98 -14.05 -24.27
N TYR A 1017 -52.05 -14.67 -23.09
CA TYR A 1017 -52.69 -15.97 -22.98
C TYR A 1017 -54.21 -15.86 -23.13
N LEU A 1018 -54.76 -14.70 -22.81
CA LEU A 1018 -56.18 -14.46 -23.10
C LEU A 1018 -56.40 -14.32 -24.60
N PHE A 1019 -55.42 -13.78 -25.32
CA PHE A 1019 -55.52 -13.67 -26.77
C PHE A 1019 -55.43 -15.03 -27.44
N MET A 1020 -54.48 -15.86 -27.02
CA MET A 1020 -54.21 -17.11 -27.73
C MET A 1020 -55.30 -18.14 -27.48
N LYS A 1021 -55.85 -18.17 -26.27
CA LYS A 1021 -56.90 -19.14 -25.96
C LYS A 1021 -58.21 -18.75 -26.61
N ARG A 1022 -58.42 -17.46 -26.86
CA ARG A 1022 -59.66 -17.03 -27.50
C ARG A 1022 -59.57 -17.12 -29.01
N TYR A 1023 -58.38 -16.88 -29.56
CA TYR A 1023 -58.18 -16.96 -31.01
C TYR A 1023 -58.19 -18.42 -31.48
N THR A 1024 -57.89 -19.35 -30.58
CA THR A 1024 -57.93 -20.77 -30.93
C THR A 1024 -59.37 -21.24 -31.07
N ALA A 1025 -60.26 -20.77 -30.20
CA ALA A 1025 -61.67 -21.16 -30.28
C ALA A 1025 -62.37 -20.49 -31.46
N GLU A 1026 -61.86 -19.36 -31.91
CA GLU A 1026 -62.43 -18.68 -33.07
C GLU A 1026 -61.92 -19.29 -34.38
N GLN B 383 18.29 55.24 28.88
CA GLN B 383 17.51 54.30 28.08
C GLN B 383 16.26 54.97 27.52
N LYS B 384 15.79 54.47 26.38
CA LYS B 384 14.60 55.00 25.73
C LYS B 384 13.78 53.86 25.15
N THR B 385 12.47 53.95 25.31
CA THR B 385 11.55 52.94 24.81
C THR B 385 11.24 53.21 23.34
N VAL B 386 11.55 52.24 22.48
CA VAL B 386 11.31 52.38 21.05
C VAL B 386 9.86 51.99 20.74
N VAL B 387 9.17 52.82 19.97
CA VAL B 387 7.78 52.58 19.63
C VAL B 387 7.74 51.78 18.33
N VAL B 388 7.24 50.55 18.42
CA VAL B 388 7.12 49.66 17.28
C VAL B 388 5.67 49.68 16.81
N THR B 389 5.45 50.06 15.56
CA THR B 389 4.12 50.06 14.98
C THR B 389 3.94 48.81 14.12
N THR B 390 2.68 48.38 13.98
CA THR B 390 2.36 47.16 13.26
C THR B 390 0.87 47.19 12.90
N ILE B 391 0.42 46.14 12.23
CA ILE B 391 -0.96 46.03 11.78
C ILE B 391 -1.44 44.63 12.15
N LEU B 392 -2.76 44.45 12.20
CA LEU B 392 -3.38 43.24 12.75
C LEU B 392 -3.87 42.37 11.59
N GLU B 393 -3.11 41.33 11.28
CA GLU B 393 -3.42 40.40 10.21
C GLU B 393 -2.87 39.03 10.60
N SER B 394 -3.66 37.99 10.41
CA SER B 394 -3.21 36.66 10.81
C SER B 394 -2.36 36.03 9.71
N PRO B 395 -1.35 35.22 10.05
CA PRO B 395 -0.81 34.90 11.37
C PRO B 395 0.36 35.79 11.75
N TYR B 396 0.34 37.02 11.24
CA TYR B 396 1.43 37.95 11.53
C TYR B 396 1.31 38.53 12.93
N VAL B 397 0.23 39.26 13.20
CA VAL B 397 -0.06 39.78 14.53
C VAL B 397 -1.50 39.41 14.89
N MET B 398 -1.67 38.68 15.99
CA MET B 398 -2.98 38.26 16.45
C MET B 398 -3.13 38.63 17.91
N MET B 399 -4.39 38.77 18.35
CA MET B 399 -4.70 38.99 19.75
C MET B 399 -4.96 37.65 20.44
N LYS B 400 -4.39 37.49 21.63
CA LYS B 400 -4.60 36.28 22.40
C LYS B 400 -6.01 36.28 22.98
N LYS B 401 -6.45 35.10 23.44
CA LYS B 401 -7.86 34.94 23.81
C LYS B 401 -8.15 35.59 25.16
N ASN B 402 -7.21 35.54 26.10
CA ASN B 402 -7.36 36.24 27.37
C ASN B 402 -6.59 37.57 27.34
N HIS B 403 -6.97 38.41 26.39
CA HIS B 403 -6.25 39.68 26.23
C HIS B 403 -6.82 40.75 27.14
N GLU B 404 -8.00 40.52 27.71
CA GLU B 404 -8.56 41.48 28.66
C GLU B 404 -7.82 41.41 29.99
N MET B 405 -7.34 40.23 30.36
CA MET B 405 -6.59 40.08 31.61
C MET B 405 -5.20 40.69 31.48
N LEU B 406 -4.49 40.35 30.41
CA LEU B 406 -3.11 40.78 30.23
C LEU B 406 -3.07 42.22 29.71
N GLU B 407 -1.89 42.82 29.81
CA GLU B 407 -1.72 44.22 29.44
C GLU B 407 -0.33 44.44 28.84
N GLY B 408 -0.29 45.18 27.74
CA GLY B 408 0.98 45.53 27.14
C GLY B 408 1.34 44.57 26.03
N ASN B 409 2.60 44.11 26.04
CA ASN B 409 3.09 43.25 24.97
C ASN B 409 2.58 41.82 25.13
N GLU B 410 2.00 41.50 26.29
CA GLU B 410 1.54 40.14 26.53
C GLU B 410 0.19 39.87 25.88
N ARG B 411 -0.46 40.91 25.37
CA ARG B 411 -1.75 40.72 24.70
C ARG B 411 -1.59 40.04 23.36
N TYR B 412 -0.47 40.28 22.67
CA TYR B 412 -0.36 39.91 21.28
C TYR B 412 0.49 38.65 21.09
N GLU B 413 0.29 38.01 19.95
CA GLU B 413 1.09 36.86 19.54
C GLU B 413 1.10 36.78 18.02
N GLY B 414 2.04 36.04 17.48
CA GLY B 414 2.07 35.82 16.05
C GLY B 414 3.49 35.74 15.52
N TYR B 415 3.60 35.87 14.19
CA TYR B 415 4.89 35.80 13.52
C TYR B 415 5.72 37.05 13.77
N CYS B 416 5.15 38.23 13.50
CA CYS B 416 5.92 39.46 13.59
C CYS B 416 6.20 39.86 15.03
N VAL B 417 5.46 39.28 15.99
CA VAL B 417 5.79 39.50 17.39
C VAL B 417 7.05 38.75 17.76
N ASP B 418 7.20 37.52 17.25
CA ASP B 418 8.42 36.76 17.50
C ASP B 418 9.61 37.34 16.75
N LEU B 419 9.35 38.03 15.64
CA LEU B 419 10.43 38.68 14.92
C LEU B 419 10.88 39.95 15.64
N ALA B 420 9.97 40.60 16.35
CA ALA B 420 10.34 41.80 17.10
C ALA B 420 11.18 41.45 18.32
N ALA B 421 10.97 40.25 18.86
CA ALA B 421 11.74 39.83 20.03
C ALA B 421 13.17 39.47 19.64
N GLU B 422 13.34 38.95 18.42
CA GLU B 422 14.67 38.52 17.99
C GLU B 422 15.53 39.70 17.60
N ILE B 423 14.93 40.73 17.01
CA ILE B 423 15.71 41.86 16.53
C ILE B 423 16.08 42.78 17.68
N ALA B 424 15.17 42.94 18.64
CA ALA B 424 15.46 43.77 19.82
C ALA B 424 16.52 43.12 20.70
N LYS B 425 16.66 41.80 20.61
CA LYS B 425 17.72 41.12 21.36
C LYS B 425 19.08 41.35 20.73
N HIS B 426 19.16 41.26 19.40
CA HIS B 426 20.43 41.51 18.72
C HIS B 426 20.81 42.98 18.77
N CYS B 427 19.88 43.87 18.46
CA CYS B 427 20.19 45.30 18.41
C CYS B 427 20.32 45.90 19.81
N GLY B 428 19.62 45.36 20.79
CA GLY B 428 19.78 45.82 22.15
C GLY B 428 18.93 47.00 22.54
N PHE B 429 17.62 46.87 22.47
CA PHE B 429 16.72 47.93 22.93
C PHE B 429 15.49 47.29 23.54
N LYS B 430 14.64 48.13 24.12
CA LYS B 430 13.33 47.73 24.62
C LYS B 430 12.25 48.38 23.78
N TYR B 431 11.05 47.79 23.76
CA TYR B 431 10.05 48.16 22.78
C TYR B 431 8.66 48.07 23.37
N LYS B 432 7.72 48.77 22.71
CA LYS B 432 6.32 48.80 23.10
C LYS B 432 5.46 48.72 21.85
N LEU B 433 4.75 47.60 21.69
CA LEU B 433 4.00 47.32 20.48
C LEU B 433 2.73 48.15 20.42
N THR B 434 2.48 48.79 19.28
CA THR B 434 1.27 49.58 19.06
C THR B 434 0.66 49.21 17.72
N ILE B 435 -0.66 49.06 17.69
CA ILE B 435 -1.38 48.87 16.43
C ILE B 435 -1.60 50.23 15.78
N VAL B 436 -1.47 50.27 14.45
CA VAL B 436 -1.69 51.52 13.72
C VAL B 436 -3.19 51.86 13.75
N GLY B 437 -3.49 53.15 13.88
CA GLY B 437 -4.87 53.56 14.09
C GLY B 437 -5.69 53.59 12.82
N ASP B 438 -5.04 53.84 11.69
CA ASP B 438 -5.77 53.97 10.44
C ASP B 438 -6.23 52.62 9.91
N GLY B 439 -5.43 51.58 10.13
CA GLY B 439 -5.75 50.26 9.63
C GLY B 439 -5.31 50.00 8.20
N LYS B 440 -4.43 50.81 7.64
CA LYS B 440 -4.01 50.70 6.26
C LYS B 440 -2.49 50.54 6.20
N TYR B 441 -2.01 49.96 5.10
CA TYR B 441 -0.57 49.73 4.97
C TYR B 441 0.17 50.98 4.55
N GLY B 442 -0.35 51.71 3.58
CA GLY B 442 0.28 52.94 3.17
C GLY B 442 0.04 53.31 1.72
N ALA B 443 -0.30 54.57 1.50
CA ALA B 443 -0.57 55.09 0.16
C ALA B 443 -0.45 56.60 0.24
N ARG B 444 -0.49 57.23 -0.92
CA ARG B 444 -0.34 58.67 -1.05
C ARG B 444 -1.55 59.23 -1.78
N ASP B 445 -2.25 60.17 -1.17
CA ASP B 445 -3.37 60.81 -1.82
C ASP B 445 -2.86 61.76 -2.90
N ALA B 446 -3.53 61.75 -4.05
CA ALA B 446 -3.08 62.60 -5.16
C ALA B 446 -3.42 64.06 -4.91
N ASP B 447 -4.44 64.32 -4.09
CA ASP B 447 -4.88 65.69 -3.88
C ASP B 447 -4.08 66.34 -2.75
N THR B 448 -4.15 65.79 -1.55
CA THR B 448 -3.57 66.42 -0.37
C THR B 448 -2.10 66.07 -0.16
N LYS B 449 -1.60 65.04 -0.84
CA LYS B 449 -0.20 64.59 -0.77
C LYS B 449 0.21 64.21 0.66
N ILE B 450 -0.68 63.53 1.37
CA ILE B 450 -0.45 63.13 2.75
C ILE B 450 -0.45 61.61 2.83
N TRP B 451 0.62 61.05 3.39
CA TRP B 451 0.72 59.61 3.59
C TRP B 451 -0.16 59.18 4.76
N ASN B 452 -0.82 58.05 4.61
CA ASN B 452 -1.67 57.49 5.66
C ASN B 452 -1.29 56.03 5.90
N GLY B 453 -1.40 55.59 7.15
CA GLY B 453 -1.09 54.21 7.45
C GLY B 453 0.20 54.07 8.23
N MET B 454 0.88 52.93 8.07
CA MET B 454 2.14 52.73 8.76
C MET B 454 3.26 53.56 8.13
N VAL B 455 3.13 53.89 6.85
CA VAL B 455 4.11 54.76 6.20
C VAL B 455 3.93 56.19 6.69
N GLY B 456 2.68 56.57 6.98
CA GLY B 456 2.41 57.92 7.45
C GLY B 456 2.94 58.16 8.85
N GLU B 457 3.05 57.12 9.66
CA GLU B 457 3.59 57.30 11.00
C GLU B 457 5.10 57.42 10.97
N LEU B 458 5.74 56.84 9.97
CA LEU B 458 7.21 56.88 9.93
C LEU B 458 7.70 58.21 9.37
N VAL B 459 6.93 58.82 8.46
CA VAL B 459 7.37 60.06 7.86
C VAL B 459 7.15 61.23 8.82
N TYR B 460 6.00 61.27 9.49
CA TYR B 460 5.67 62.40 10.34
C TYR B 460 6.08 62.21 11.79
N GLY B 461 6.71 61.10 12.13
CA GLY B 461 7.42 60.99 13.40
C GLY B 461 6.69 60.29 14.52
N LYS B 462 5.54 59.68 14.29
CA LYS B 462 4.78 59.11 15.40
C LYS B 462 5.31 57.73 15.80
N ALA B 463 6.14 57.12 14.95
CA ALA B 463 6.66 55.79 15.21
C ALA B 463 8.15 55.76 14.90
N ASP B 464 8.82 54.67 15.32
CA ASP B 464 10.26 54.60 15.17
C ASP B 464 10.67 53.47 14.24
N ILE B 465 9.89 52.40 14.16
CA ILE B 465 10.18 51.25 13.32
C ILE B 465 8.86 50.52 13.06
N ALA B 466 8.75 49.91 11.87
CA ALA B 466 7.52 49.23 11.46
C ALA B 466 7.84 47.78 11.11
N ILE B 467 7.59 46.88 12.06
CA ILE B 467 7.81 45.45 11.84
C ILE B 467 6.47 44.87 11.42
N ALA B 468 6.31 44.66 10.12
CA ALA B 468 5.02 44.32 9.53
C ALA B 468 5.27 43.85 8.11
N PRO B 469 4.34 43.09 7.51
CA PRO B 469 4.48 42.76 6.08
C PRO B 469 4.23 43.94 5.15
N LEU B 470 5.25 44.75 4.97
CA LEU B 470 5.16 45.96 4.15
C LEU B 470 5.93 45.72 2.86
N THR B 471 5.23 45.80 1.73
CA THR B 471 5.81 45.42 0.44
C THR B 471 6.78 46.47 -0.05
N ILE B 472 7.99 46.03 -0.43
CA ILE B 472 9.04 46.92 -0.89
C ILE B 472 8.69 47.36 -2.30
N THR B 473 8.30 48.63 -2.46
CA THR B 473 7.97 49.20 -3.76
C THR B 473 8.86 50.41 -4.01
N LEU B 474 8.69 51.00 -5.20
CA LEU B 474 9.51 52.15 -5.58
C LEU B 474 9.02 53.42 -4.92
N VAL B 475 7.69 53.58 -4.83
CA VAL B 475 7.12 54.82 -4.32
C VAL B 475 7.39 54.97 -2.83
N ARG B 476 7.36 53.86 -2.09
CA ARG B 476 7.64 53.92 -0.67
C ARG B 476 9.13 54.07 -0.40
N GLU B 477 9.97 53.69 -1.37
CA GLU B 477 11.42 53.72 -1.18
C GLU B 477 11.95 55.15 -1.19
N GLU B 478 11.23 56.07 -1.83
CA GLU B 478 11.72 57.43 -1.94
C GLU B 478 11.56 58.22 -0.64
N VAL B 479 10.71 57.75 0.27
CA VAL B 479 10.44 58.51 1.50
C VAL B 479 11.00 57.83 2.74
N ILE B 480 11.04 56.49 2.79
CA ILE B 480 11.58 55.79 3.95
C ILE B 480 12.67 54.84 3.48
N ASP B 481 13.24 54.07 4.41
CA ASP B 481 14.26 53.09 4.06
C ASP B 481 13.85 51.71 4.51
N PHE B 482 14.10 50.73 3.66
CA PHE B 482 13.79 49.33 3.94
C PHE B 482 15.05 48.56 4.24
N SER B 483 14.88 47.36 4.77
CA SER B 483 15.97 46.43 4.91
C SER B 483 15.95 45.44 3.75
N LYS B 484 16.79 44.42 3.85
CA LYS B 484 16.74 43.31 2.91
C LYS B 484 15.48 42.49 3.18
N PRO B 485 14.95 41.78 2.18
CA PRO B 485 13.70 41.05 2.37
C PRO B 485 13.83 39.89 3.34
N PHE B 486 12.86 39.75 4.24
CA PHE B 486 12.86 38.61 5.14
C PHE B 486 11.87 37.54 4.70
N MET B 487 11.09 37.82 3.66
CA MET B 487 10.17 36.86 3.10
C MET B 487 9.91 37.19 1.64
N SER B 488 9.99 36.17 0.79
CA SER B 488 9.78 36.31 -0.64
C SER B 488 8.46 35.67 -1.02
N LEU B 489 7.69 36.35 -1.87
CA LEU B 489 6.34 35.90 -2.20
C LEU B 489 6.02 36.25 -3.65
N GLY B 490 4.81 35.87 -4.08
CA GLY B 490 4.34 36.17 -5.42
C GLY B 490 2.85 35.89 -5.53
N ILE B 491 2.37 35.93 -6.78
CA ILE B 491 0.96 35.67 -7.04
C ILE B 491 0.78 34.20 -7.41
N SER B 492 -0.24 33.56 -6.83
CA SER B 492 -0.46 32.13 -7.04
C SER B 492 -1.92 31.87 -7.38
N ILE B 493 -2.26 30.59 -7.49
CA ILE B 493 -3.59 30.14 -7.92
C ILE B 493 -4.19 29.28 -6.82
N MET B 494 -5.43 29.58 -6.44
CA MET B 494 -6.18 28.77 -5.50
C MET B 494 -7.32 28.05 -6.22
N ILE B 495 -7.40 26.73 -6.06
CA ILE B 495 -8.51 25.94 -6.58
C ILE B 495 -9.02 25.02 -5.48
N LYS B 496 -10.17 24.40 -5.74
CA LYS B 496 -10.73 23.41 -4.84
C LYS B 496 -9.99 22.08 -4.99
N LYS B 497 -9.87 21.34 -3.88
CA LYS B 497 -9.16 20.07 -3.90
C LYS B 497 -9.88 19.05 -4.78
N PRO B 498 -9.15 18.26 -5.57
CA PRO B 498 -9.80 17.19 -6.33
C PRO B 498 -10.29 16.10 -5.40
N GLN B 499 -11.54 15.72 -5.59
CA GLN B 499 -12.17 14.67 -4.79
C GLN B 499 -12.71 13.61 -5.73
N LYS B 500 -13.48 12.68 -5.15
CA LYS B 500 -14.18 11.72 -5.96
C LYS B 500 -15.30 12.42 -6.73
N SER B 501 -15.40 12.12 -8.02
CA SER B 501 -16.26 12.85 -8.93
C SER B 501 -17.49 12.03 -9.27
N LYS B 502 -18.43 12.67 -9.96
CA LYS B 502 -19.58 11.97 -10.49
C LYS B 502 -19.15 11.07 -11.63
N PRO B 503 -19.42 9.77 -11.56
CA PRO B 503 -19.03 8.88 -12.66
C PRO B 503 -19.91 9.09 -13.87
N GLY B 504 -19.29 9.04 -15.05
CA GLY B 504 -20.05 9.14 -16.28
C GLY B 504 -20.86 7.88 -16.54
N VAL B 505 -21.76 7.97 -17.51
CA VAL B 505 -22.65 6.85 -17.80
C VAL B 505 -21.89 5.72 -18.47
N PHE B 506 -20.82 6.04 -19.20
CA PHE B 506 -20.01 5.02 -19.86
C PHE B 506 -18.65 4.87 -19.20
N SER B 507 -18.60 4.94 -17.87
CA SER B 507 -17.35 4.73 -17.14
C SER B 507 -17.10 3.26 -16.82
N PHE B 508 -17.95 2.35 -17.27
CA PHE B 508 -17.69 0.95 -17.03
C PHE B 508 -16.65 0.41 -18.00
N LEU B 509 -16.44 1.10 -19.12
CA LEU B 509 -15.45 0.70 -20.10
C LEU B 509 -14.15 1.47 -19.99
N ASP B 510 -13.84 2.00 -18.82
CA ASP B 510 -12.56 2.60 -18.46
C ASP B 510 -11.33 1.69 -18.32
N PRO B 511 -11.40 0.40 -17.93
CA PRO B 511 -10.15 -0.39 -17.87
C PRO B 511 -9.50 -0.66 -19.21
N LEU B 512 -10.22 -0.53 -20.32
CA LEU B 512 -9.66 -0.75 -21.64
C LEU B 512 -9.81 0.51 -22.48
N ALA B 513 -8.80 0.79 -23.29
CA ALA B 513 -8.74 2.00 -24.09
C ALA B 513 -9.67 1.90 -25.30
N TYR B 514 -9.90 3.05 -25.95
CA TYR B 514 -10.87 3.10 -27.03
C TYR B 514 -10.38 2.39 -28.28
N GLU B 515 -9.06 2.27 -28.45
CA GLU B 515 -8.57 1.58 -29.63
C GLU B 515 -8.57 0.07 -29.44
N ILE B 516 -8.79 -0.41 -28.21
CA ILE B 516 -8.96 -1.85 -28.02
C ILE B 516 -10.38 -2.26 -28.34
N TRP B 517 -11.37 -1.45 -27.91
CA TRP B 517 -12.76 -1.81 -28.11
C TRP B 517 -13.16 -1.81 -29.58
N MET B 518 -12.49 -1.00 -30.40
CA MET B 518 -12.81 -1.03 -31.82
C MET B 518 -12.08 -2.16 -32.53
N CYS B 519 -10.95 -2.61 -31.99
CA CYS B 519 -10.27 -3.76 -32.59
C CYS B 519 -10.95 -5.07 -32.22
N ILE B 520 -11.71 -5.08 -31.13
CA ILE B 520 -12.51 -6.26 -30.80
C ILE B 520 -13.67 -6.40 -31.78
N VAL B 521 -14.28 -5.27 -32.15
CA VAL B 521 -15.41 -5.30 -33.09
C VAL B 521 -14.92 -5.67 -34.49
N PHE B 522 -13.77 -5.14 -34.90
CA PHE B 522 -13.22 -5.47 -36.21
C PHE B 522 -12.78 -6.92 -36.29
N ALA B 523 -12.32 -7.48 -35.18
CA ALA B 523 -11.94 -8.90 -35.17
C ALA B 523 -13.17 -9.79 -35.08
N TYR B 524 -14.25 -9.27 -34.50
CA TYR B 524 -15.49 -10.04 -34.43
C TYR B 524 -16.09 -10.27 -35.81
N ILE B 525 -16.01 -9.25 -36.68
CA ILE B 525 -16.51 -9.41 -38.03
C ILE B 525 -15.57 -10.29 -38.84
N GLY B 526 -14.27 -10.18 -38.59
CA GLY B 526 -13.29 -10.91 -39.39
C GLY B 526 -13.32 -12.41 -39.15
N VAL B 527 -13.54 -12.82 -37.90
CA VAL B 527 -13.60 -14.25 -37.59
C VAL B 527 -14.89 -14.86 -38.14
N SER B 528 -15.99 -14.11 -38.10
CA SER B 528 -17.27 -14.66 -38.52
C SER B 528 -17.38 -14.75 -40.03
N VAL B 529 -16.63 -13.93 -40.76
CA VAL B 529 -16.58 -14.06 -42.22
C VAL B 529 -15.74 -15.27 -42.63
N VAL B 530 -14.59 -15.45 -41.97
CA VAL B 530 -13.71 -16.56 -42.28
C VAL B 530 -14.35 -17.89 -41.91
N LEU B 531 -15.15 -17.90 -40.85
CA LEU B 531 -15.84 -19.13 -40.44
C LEU B 531 -16.95 -19.49 -41.43
N PHE B 532 -17.48 -18.49 -42.13
CA PHE B 532 -18.49 -18.76 -43.15
C PHE B 532 -17.87 -19.26 -44.44
N LEU B 533 -16.80 -18.60 -44.91
CA LEU B 533 -16.19 -18.94 -46.19
C LEU B 533 -15.56 -20.33 -46.17
N VAL B 534 -14.90 -20.66 -45.05
CA VAL B 534 -14.27 -21.97 -44.91
C VAL B 534 -15.32 -23.08 -44.87
N SER B 535 -16.46 -22.81 -44.22
CA SER B 535 -17.47 -23.87 -44.03
C SER B 535 -18.28 -24.10 -45.30
N ARG B 536 -18.21 -23.18 -46.27
CA ARG B 536 -19.09 -23.28 -47.43
C ARG B 536 -18.56 -24.29 -48.45
N PHE B 537 -17.40 -24.01 -49.04
CA PHE B 537 -16.94 -24.87 -50.12
C PHE B 537 -16.27 -26.14 -49.59
N SER B 538 -15.96 -26.18 -48.31
CA SER B 538 -15.54 -27.42 -47.67
C SER B 538 -16.66 -27.89 -46.76
N PRO B 539 -17.49 -28.85 -47.19
CA PRO B 539 -18.66 -29.21 -46.39
C PRO B 539 -18.33 -30.00 -45.13
N TYR B 540 -17.44 -30.98 -45.23
CA TYR B 540 -17.11 -31.82 -44.08
C TYR B 540 -15.62 -32.18 -44.09
N SER B 558 -23.54 -32.31 -44.85
CA SER B 558 -24.88 -32.35 -45.44
C SER B 558 -25.50 -30.97 -45.47
N THR B 559 -26.22 -30.60 -44.41
CA THR B 559 -26.84 -29.29 -44.33
C THR B 559 -25.82 -28.24 -43.91
N ASN B 560 -26.02 -27.01 -44.36
CA ASN B 560 -25.14 -25.90 -44.04
C ASN B 560 -25.64 -25.27 -42.74
N GLU B 561 -25.14 -25.79 -41.63
CA GLU B 561 -25.54 -25.27 -40.32
C GLU B 561 -24.93 -23.90 -40.07
N PHE B 562 -23.78 -23.62 -40.68
CA PHE B 562 -23.11 -22.33 -40.50
C PHE B 562 -23.35 -21.47 -41.72
N GLY B 563 -24.42 -20.67 -41.66
CA GLY B 563 -24.64 -19.62 -42.62
C GLY B 563 -23.94 -18.34 -42.17
N ILE B 564 -24.30 -17.24 -42.83
CA ILE B 564 -23.72 -15.95 -42.44
C ILE B 564 -24.46 -15.41 -41.21
N PHE B 565 -25.67 -15.89 -40.97
CA PHE B 565 -26.41 -15.43 -39.81
C PHE B 565 -26.13 -16.30 -38.60
N ASN B 566 -25.75 -17.57 -38.83
CA ASN B 566 -25.44 -18.45 -37.71
C ASN B 566 -23.99 -18.30 -37.27
N SER B 567 -23.13 -17.78 -38.15
CA SER B 567 -21.74 -17.58 -37.76
C SER B 567 -21.58 -16.38 -36.85
N LEU B 568 -22.43 -15.37 -37.02
CA LEU B 568 -22.40 -14.23 -36.12
C LEU B 568 -22.93 -14.59 -34.73
N TRP B 569 -23.77 -15.62 -34.67
CA TRP B 569 -24.31 -16.04 -33.39
C TRP B 569 -23.37 -16.97 -32.66
N PHE B 570 -22.55 -17.72 -33.41
CA PHE B 570 -21.52 -18.54 -32.76
C PHE B 570 -20.45 -17.66 -32.13
N SER B 571 -20.02 -16.62 -32.86
CA SER B 571 -18.89 -15.82 -32.39
C SER B 571 -19.31 -14.86 -31.28
N LEU B 572 -20.61 -14.53 -31.21
CA LEU B 572 -21.07 -13.68 -30.13
C LEU B 572 -21.19 -14.45 -28.82
N GLY B 573 -21.64 -15.71 -28.91
CA GLY B 573 -21.73 -16.53 -27.71
C GLY B 573 -20.37 -16.96 -27.20
N ALA B 574 -19.37 -16.97 -28.07
CA ALA B 574 -18.03 -17.35 -27.65
C ALA B 574 -17.34 -16.23 -26.90
N PHE B 575 -17.62 -14.97 -27.27
CA PHE B 575 -17.00 -13.85 -26.57
C PHE B 575 -17.64 -13.63 -25.22
N MET B 576 -18.95 -13.87 -25.12
CA MET B 576 -19.68 -13.57 -23.89
C MET B 576 -19.65 -14.71 -22.89
N GLN B 577 -18.72 -15.66 -23.02
CA GLN B 577 -18.45 -16.81 -22.16
C GLN B 577 -19.61 -17.79 -22.10
N GLN B 578 -20.63 -17.66 -22.94
CA GLN B 578 -21.72 -18.60 -22.95
C GLN B 578 -21.38 -19.79 -23.85
N GLY B 579 -22.27 -20.76 -23.89
CA GLY B 579 -22.10 -21.87 -24.80
C GLY B 579 -22.82 -21.65 -26.11
N CYS B 580 -22.54 -22.55 -27.06
CA CYS B 580 -23.28 -22.57 -28.31
C CYS B 580 -23.84 -23.97 -28.56
N ASP B 581 -24.97 -24.01 -29.26
CA ASP B 581 -25.63 -25.29 -29.49
C ASP B 581 -24.97 -26.08 -30.62
N ILE B 582 -24.40 -25.40 -31.60
CA ILE B 582 -23.75 -26.05 -32.74
C ILE B 582 -22.25 -25.84 -32.65
N SER B 583 -21.50 -26.78 -33.21
CA SER B 583 -20.06 -26.76 -33.20
C SER B 583 -19.51 -27.14 -34.58
N PRO B 584 -18.33 -26.64 -34.95
CA PRO B 584 -17.76 -27.04 -36.24
C PRO B 584 -17.32 -28.50 -36.23
N ARG B 585 -17.35 -29.11 -37.41
CA ARG B 585 -17.09 -30.54 -37.57
C ARG B 585 -15.97 -30.82 -38.57
N SER B 586 -15.27 -29.80 -39.03
CA SER B 586 -14.19 -29.96 -39.99
C SER B 586 -12.87 -29.50 -39.37
N LEU B 587 -11.76 -29.97 -39.94
CA LEU B 587 -10.45 -29.59 -39.44
C LEU B 587 -10.18 -28.11 -39.67
N SER B 588 -10.63 -27.59 -40.80
CA SER B 588 -10.39 -26.18 -41.10
C SER B 588 -11.38 -25.29 -40.35
N GLY B 589 -12.47 -25.87 -39.86
CA GLY B 589 -13.42 -25.09 -39.07
C GLY B 589 -13.05 -25.02 -37.61
N ARG B 590 -12.49 -26.11 -37.07
CA ARG B 590 -12.21 -26.18 -35.64
C ARG B 590 -10.97 -25.38 -35.27
N ILE B 591 -10.14 -25.01 -36.26
CA ILE B 591 -9.01 -24.15 -35.98
C ILE B 591 -9.47 -22.72 -35.70
N VAL B 592 -10.51 -22.28 -36.42
CA VAL B 592 -11.05 -20.94 -36.22
C VAL B 592 -11.72 -20.83 -34.85
N GLY B 593 -12.47 -21.86 -34.46
CA GLY B 593 -13.09 -21.84 -33.15
C GLY B 593 -12.09 -21.99 -32.02
N GLY B 594 -10.96 -22.65 -32.30
CA GLY B 594 -9.97 -22.86 -31.25
C GLY B 594 -9.19 -21.60 -30.92
N VAL B 595 -8.88 -20.81 -31.94
CA VAL B 595 -8.09 -19.60 -31.72
C VAL B 595 -8.95 -18.50 -31.10
N TRP B 596 -10.22 -18.42 -31.51
CA TRP B 596 -11.12 -17.40 -30.99
C TRP B 596 -11.51 -17.67 -29.55
N TRP B 597 -11.36 -18.92 -29.09
CA TRP B 597 -11.57 -19.19 -27.67
C TRP B 597 -10.41 -18.69 -26.82
N PHE B 598 -9.18 -18.80 -27.34
CA PHE B 598 -8.03 -18.34 -26.58
C PHE B 598 -7.93 -16.82 -26.59
N PHE B 599 -8.58 -16.18 -27.56
CA PHE B 599 -8.62 -14.72 -27.60
C PHE B 599 -9.45 -14.17 -26.44
N THR B 600 -10.62 -14.77 -26.20
CA THR B 600 -11.53 -14.19 -25.22
C THR B 600 -11.10 -14.48 -23.80
N LEU B 601 -10.31 -15.53 -23.61
CA LEU B 601 -9.86 -15.87 -22.26
C LEU B 601 -8.83 -14.86 -21.75
N ILE B 602 -8.11 -14.21 -22.68
CA ILE B 602 -7.11 -13.24 -22.28
C ILE B 602 -7.75 -11.87 -22.08
N ILE B 603 -8.73 -11.53 -22.91
CA ILE B 603 -9.33 -10.19 -22.88
C ILE B 603 -10.21 -10.02 -21.64
N ILE B 604 -11.03 -11.02 -21.33
CA ILE B 604 -11.91 -10.94 -20.17
C ILE B 604 -11.10 -10.97 -18.87
N SER B 605 -10.01 -11.73 -18.85
CA SER B 605 -9.16 -11.76 -17.68
C SER B 605 -8.37 -10.46 -17.52
N SER B 606 -8.13 -9.75 -18.62
CA SER B 606 -7.45 -8.46 -18.53
C SER B 606 -8.40 -7.36 -18.09
N TYR B 607 -9.70 -7.55 -18.34
CA TYR B 607 -10.68 -6.56 -17.89
C TYR B 607 -10.90 -6.65 -16.39
N THR B 608 -11.02 -7.89 -15.88
CA THR B 608 -11.28 -8.07 -14.45
C THR B 608 -10.06 -7.70 -13.62
N ALA B 609 -8.87 -7.92 -14.16
CA ALA B 609 -7.65 -7.64 -13.41
C ALA B 609 -7.37 -6.15 -13.33
N ASN B 610 -7.87 -5.36 -14.27
CA ASN B 610 -7.57 -3.94 -14.24
C ASN B 610 -8.60 -3.14 -13.46
N LEU B 611 -9.83 -3.66 -13.34
CA LEU B 611 -10.77 -3.05 -12.41
C LEU B 611 -10.31 -3.23 -10.96
N ALA B 612 -9.65 -4.34 -10.66
CA ALA B 612 -9.20 -4.56 -9.29
C ALA B 612 -8.04 -3.64 -8.95
N ALA B 613 -7.32 -3.14 -9.96
CA ALA B 613 -6.28 -2.17 -9.70
C ALA B 613 -6.86 -0.79 -9.50
N PHE B 614 -7.96 -0.48 -10.19
CA PHE B 614 -8.59 0.84 -10.03
C PHE B 614 -9.25 0.99 -8.67
N LEU B 615 -9.96 -0.05 -8.23
CA LEU B 615 -10.77 0.08 -7.03
C LEU B 615 -9.90 0.00 -5.78
N THR B 616 -8.70 -0.57 -5.90
CA THR B 616 -7.81 -0.68 -4.75
C THR B 616 -7.05 0.61 -4.51
N VAL B 617 -6.42 1.15 -5.55
CA VAL B 617 -5.55 2.30 -5.44
C VAL B 617 -6.23 3.48 -6.11
N GLU B 618 -6.42 4.55 -5.36
CA GLU B 618 -7.14 5.74 -5.84
C GLU B 618 -6.16 6.86 -6.09
N ARG B 619 -5.93 7.20 -7.36
CA ARG B 619 -5.12 8.34 -7.74
C ARG B 619 -6.02 9.40 -8.37
N MET B 620 -5.92 10.62 -7.85
CA MET B 620 -6.70 11.75 -8.34
C MET B 620 -5.74 12.78 -8.94
N VAL B 621 -6.20 13.45 -9.99
CA VAL B 621 -5.37 14.41 -10.72
C VAL B 621 -6.07 15.77 -10.71
N SER B 622 -5.28 16.83 -10.74
CA SER B 622 -5.82 18.16 -10.87
C SER B 622 -5.89 18.54 -12.34
N PRO B 623 -6.88 19.34 -12.75
CA PRO B 623 -6.98 19.70 -14.17
C PRO B 623 -5.88 20.65 -14.62
N ILE B 624 -5.58 21.67 -13.84
CA ILE B 624 -4.60 22.70 -14.19
C ILE B 624 -3.40 22.57 -13.27
N GLU B 625 -2.22 22.94 -13.78
CA GLU B 625 -1.01 22.99 -12.97
C GLU B 625 -0.09 24.15 -13.32
N SER B 626 -0.53 25.08 -14.15
CA SER B 626 0.29 26.24 -14.51
C SER B 626 -0.62 27.36 -14.94
N ALA B 627 -0.03 28.53 -15.16
CA ALA B 627 -0.81 29.70 -15.57
C ALA B 627 -1.15 29.65 -17.05
N GLU B 628 -0.34 28.96 -17.84
CA GLU B 628 -0.62 28.90 -19.28
C GLU B 628 -1.77 27.95 -19.58
N ASP B 629 -2.12 27.08 -18.63
CA ASP B 629 -3.26 26.20 -18.83
C ASP B 629 -4.58 26.95 -18.66
N LEU B 630 -4.59 27.98 -17.81
CA LEU B 630 -5.81 28.78 -17.65
C LEU B 630 -6.06 29.65 -18.87
N SER B 631 -5.01 30.03 -19.59
CA SER B 631 -5.19 30.84 -20.78
C SER B 631 -5.74 30.01 -21.94
N LYS B 632 -5.48 28.71 -21.93
CA LYS B 632 -5.86 27.84 -23.04
C LYS B 632 -7.15 27.08 -22.79
N GLN B 633 -7.99 27.51 -21.85
CA GLN B 633 -9.26 26.86 -21.59
C GLN B 633 -10.32 27.91 -21.32
N THR B 634 -11.58 27.49 -21.41
CA THR B 634 -12.72 28.34 -21.07
C THR B 634 -13.74 27.64 -20.18
N GLU B 635 -13.44 26.43 -19.70
CA GLU B 635 -14.37 25.73 -18.81
C GLU B 635 -14.40 26.37 -17.43
N ILE B 636 -13.25 26.77 -16.90
CA ILE B 636 -13.12 27.27 -15.53
C ILE B 636 -12.93 28.78 -15.58
N ALA B 637 -13.75 29.52 -14.84
CA ALA B 637 -13.61 30.95 -14.74
C ALA B 637 -12.62 31.30 -13.65
N TYR B 638 -12.07 32.52 -13.71
CA TYR B 638 -11.06 32.97 -12.76
C TYR B 638 -11.04 34.48 -12.65
N GLY B 639 -10.72 34.99 -11.46
CA GLY B 639 -10.69 36.42 -11.25
C GLY B 639 -9.94 36.80 -9.99
N THR B 640 -9.74 38.10 -9.83
CA THR B 640 -8.99 38.66 -8.71
C THR B 640 -9.88 39.58 -7.90
N LEU B 641 -9.28 40.22 -6.90
CA LEU B 641 -10.00 41.20 -6.10
C LEU B 641 -10.11 42.51 -6.88
N ASP B 642 -11.03 43.38 -6.45
CA ASP B 642 -11.41 44.50 -7.29
C ASP B 642 -10.41 45.65 -7.21
N SER B 643 -9.79 45.86 -6.06
CA SER B 643 -8.87 46.98 -5.89
C SER B 643 -7.64 46.53 -5.14
N GLY B 644 -6.48 46.68 -5.76
CA GLY B 644 -5.23 46.32 -5.11
C GLY B 644 -4.14 46.16 -6.14
N SER B 645 -3.00 45.65 -5.66
CA SER B 645 -1.84 45.49 -6.52
C SER B 645 -1.95 44.26 -7.41
N THR B 646 -2.89 43.36 -7.10
CA THR B 646 -3.05 42.15 -7.89
C THR B 646 -3.74 42.46 -9.22
N LYS B 647 -4.74 43.34 -9.19
CA LYS B 647 -5.42 43.74 -10.42
C LYS B 647 -4.53 44.64 -11.26
N GLU B 648 -3.71 45.48 -10.61
CA GLU B 648 -2.86 46.40 -11.33
C GLU B 648 -1.69 45.68 -12.00
N PHE B 649 -1.40 44.46 -11.57
CA PHE B 649 -0.37 43.66 -12.24
C PHE B 649 -0.85 43.19 -13.60
N PHE B 650 -2.11 42.76 -13.70
CA PHE B 650 -2.60 42.22 -14.96
C PHE B 650 -2.96 43.33 -15.94
N ARG B 651 -3.08 44.55 -15.46
CA ARG B 651 -3.48 45.64 -16.36
C ARG B 651 -2.33 46.08 -17.24
N ARG B 652 -1.18 46.40 -16.65
CA ARG B 652 -0.08 47.00 -17.39
C ARG B 652 1.02 45.99 -17.74
N SER B 653 0.63 44.73 -17.88
CA SER B 653 1.57 43.67 -18.22
C SER B 653 1.69 43.54 -19.73
N LYS B 654 2.92 43.46 -20.23
CA LYS B 654 3.18 43.28 -21.65
C LYS B 654 3.56 41.85 -22.00
N ILE B 655 3.55 40.92 -21.03
CA ILE B 655 3.83 39.53 -21.32
C ILE B 655 2.64 38.93 -22.06
N ALA B 656 2.92 38.07 -23.05
CA ALA B 656 1.88 37.60 -23.96
C ALA B 656 0.89 36.68 -23.25
N VAL B 657 1.37 35.93 -22.24
CA VAL B 657 0.46 35.07 -21.50
C VAL B 657 -0.40 35.89 -20.55
N PHE B 658 0.19 36.91 -19.92
CA PHE B 658 -0.54 37.68 -18.92
C PHE B 658 -1.43 38.73 -19.58
N ASP B 659 -1.22 39.00 -20.86
CA ASP B 659 -2.07 39.97 -21.55
C ASP B 659 -3.33 39.28 -22.08
N LYS B 660 -3.24 38.01 -22.44
CA LYS B 660 -4.42 37.26 -22.85
C LYS B 660 -5.36 37.05 -21.68
N MET B 661 -4.81 36.93 -20.47
CA MET B 661 -5.64 36.72 -19.29
C MET B 661 -6.41 37.96 -18.91
N TRP B 662 -5.93 39.15 -19.31
CA TRP B 662 -6.63 40.38 -18.95
C TRP B 662 -7.76 40.68 -19.94
N THR B 663 -7.62 40.26 -21.19
CA THR B 663 -8.71 40.44 -22.14
C THR B 663 -9.91 39.57 -21.79
N TYR B 664 -9.65 38.42 -21.17
CA TYR B 664 -10.73 37.57 -20.68
C TYR B 664 -11.39 38.15 -19.43
N MET B 665 -10.58 38.64 -18.48
CA MET B 665 -11.11 39.05 -17.19
C MET B 665 -11.86 40.37 -17.29
N ARG B 666 -11.51 41.20 -18.26
CA ARG B 666 -12.19 42.49 -18.41
C ARG B 666 -13.57 42.32 -19.00
N SER B 667 -13.65 41.66 -20.16
CA SER B 667 -14.92 41.41 -20.83
C SER B 667 -15.45 40.02 -20.48
N ALA B 668 -15.89 39.88 -19.24
CA ALA B 668 -16.45 38.63 -18.76
C ALA B 668 -17.78 38.92 -18.08
N GLU B 669 -18.82 38.17 -18.46
CA GLU B 669 -20.12 38.28 -17.82
C GLU B 669 -20.55 36.88 -17.38
N PRO B 670 -20.88 36.67 -16.10
CA PRO B 670 -20.91 37.61 -14.96
C PRO B 670 -19.51 37.99 -14.46
N SER B 671 -19.45 38.96 -13.53
CA SER B 671 -18.18 39.53 -13.13
C SER B 671 -17.38 38.54 -12.28
N VAL B 672 -16.09 38.42 -12.59
CA VAL B 672 -15.23 37.50 -11.85
C VAL B 672 -14.63 38.19 -10.63
N PHE B 673 -14.72 39.53 -10.57
CA PHE B 673 -14.10 40.26 -9.49
C PHE B 673 -14.98 40.24 -8.24
N VAL B 674 -14.34 40.25 -7.08
CA VAL B 674 -15.03 40.15 -5.81
C VAL B 674 -14.79 41.41 -4.99
N ARG B 675 -15.40 41.45 -3.81
CA ARG B 675 -15.24 42.60 -2.92
C ARG B 675 -14.07 42.43 -1.97
N THR B 676 -14.08 41.35 -1.19
CA THR B 676 -13.07 41.12 -0.16
C THR B 676 -12.40 39.78 -0.43
N THR B 677 -11.48 39.42 0.48
CA THR B 677 -10.77 38.15 0.35
C THR B 677 -11.68 36.98 0.68
N ALA B 678 -12.52 37.13 1.70
CA ALA B 678 -13.35 36.01 2.17
C ALA B 678 -14.44 35.67 1.16
N GLU B 679 -14.90 36.67 0.40
CA GLU B 679 -15.87 36.39 -0.65
C GLU B 679 -15.22 35.64 -1.80
N GLY B 680 -13.94 35.91 -2.08
CA GLY B 680 -13.25 35.19 -3.13
C GLY B 680 -12.95 33.75 -2.75
N VAL B 681 -12.70 33.50 -1.47
CA VAL B 681 -12.51 32.14 -1.00
C VAL B 681 -13.84 31.38 -1.04
N ALA B 682 -14.94 32.10 -0.79
CA ALA B 682 -16.25 31.45 -0.69
C ALA B 682 -16.76 31.00 -2.05
N ARG B 683 -16.39 31.70 -3.13
CA ARG B 683 -16.83 31.28 -4.45
C ARG B 683 -16.09 30.03 -4.90
N VAL B 684 -14.87 29.84 -4.41
CA VAL B 684 -14.09 28.64 -4.77
C VAL B 684 -14.69 27.41 -4.11
N ARG B 685 -15.18 27.55 -2.89
CA ARG B 685 -15.67 26.38 -2.16
C ARG B 685 -17.06 25.96 -2.63
N LYS B 686 -17.85 26.88 -3.17
CA LYS B 686 -19.22 26.57 -3.55
C LYS B 686 -19.41 26.21 -5.02
N SER B 687 -18.48 26.59 -5.89
CA SER B 687 -18.72 26.42 -7.32
C SER B 687 -18.24 25.08 -7.86
N LYS B 688 -18.00 24.09 -6.99
CA LYS B 688 -17.74 22.69 -7.35
C LYS B 688 -16.49 22.54 -8.21
N GLY B 689 -15.54 23.46 -8.06
CA GLY B 689 -14.33 23.41 -8.85
C GLY B 689 -14.41 24.07 -10.20
N LYS B 690 -15.23 25.10 -10.36
CA LYS B 690 -15.30 25.84 -11.61
C LYS B 690 -14.76 27.26 -11.49
N TYR B 691 -14.18 27.62 -10.35
CA TYR B 691 -13.66 28.97 -10.14
C TYR B 691 -12.28 28.87 -9.47
N ALA B 692 -11.37 29.73 -9.92
CA ALA B 692 -10.01 29.77 -9.41
C ALA B 692 -9.67 31.21 -9.03
N TYR B 693 -9.13 31.41 -7.85
CA TYR B 693 -8.91 32.74 -7.30
C TYR B 693 -7.41 33.03 -7.24
N LEU B 694 -7.01 34.22 -7.65
CA LEU B 694 -5.61 34.60 -7.76
C LEU B 694 -5.26 35.55 -6.63
N LEU B 695 -4.35 35.14 -5.76
CA LEU B 695 -3.99 35.94 -4.59
C LEU B 695 -2.52 35.72 -4.27
N GLU B 696 -2.06 36.36 -3.20
CA GLU B 696 -0.67 36.24 -2.79
C GLU B 696 -0.38 34.85 -2.26
N SER B 697 0.89 34.45 -2.31
CA SER B 697 1.23 33.07 -2.02
C SER B 697 1.25 32.80 -0.52
N THR B 698 1.49 33.83 0.30
CA THR B 698 1.57 33.60 1.73
C THR B 698 0.20 33.42 2.36
N MET B 699 -0.82 34.10 1.82
CA MET B 699 -2.18 33.84 2.27
C MET B 699 -2.71 32.53 1.71
N ASN B 700 -2.27 32.17 0.51
CA ASN B 700 -2.78 30.96 -0.15
C ASN B 700 -2.29 29.71 0.57
N GLU B 701 -1.13 29.80 1.21
CA GLU B 701 -0.64 28.66 1.98
C GLU B 701 -1.30 28.61 3.36
N TYR B 702 -1.84 29.75 3.81
CA TYR B 702 -2.44 29.81 5.13
C TYR B 702 -3.88 29.31 5.11
N ILE B 703 -4.61 29.61 4.04
CA ILE B 703 -5.99 29.13 3.90
C ILE B 703 -6.02 27.62 3.70
N GLU B 704 -4.96 27.07 3.10
CA GLU B 704 -4.88 25.63 2.87
C GLU B 704 -4.75 24.85 4.17
N GLN B 705 -4.18 25.45 5.20
CA GLN B 705 -3.98 24.78 6.47
C GLN B 705 -5.06 25.09 7.50
N ARG B 706 -6.23 25.53 7.08
CA ARG B 706 -7.33 25.83 7.99
C ARG B 706 -8.59 25.07 7.61
N LYS B 707 -9.49 24.94 8.57
CA LYS B 707 -10.72 24.17 8.37
C LYS B 707 -11.66 24.91 7.42
N PRO B 708 -12.44 24.20 6.60
CA PRO B 708 -12.64 22.75 6.48
C PRO B 708 -11.63 22.01 5.60
N CYS B 709 -10.48 22.65 5.30
CA CYS B 709 -9.39 22.05 4.52
C CYS B 709 -9.86 21.61 3.13
N ASP B 710 -10.27 22.58 2.31
CA ASP B 710 -10.97 22.31 1.08
C ASP B 710 -10.21 22.80 -0.16
N THR B 711 -9.23 23.68 0.02
CA THR B 711 -8.54 24.31 -1.09
C THR B 711 -7.10 23.86 -1.16
N MET B 712 -6.44 24.17 -2.27
CA MET B 712 -5.02 23.88 -2.44
C MET B 712 -4.41 24.89 -3.40
N LYS B 713 -3.08 24.89 -3.47
CA LYS B 713 -2.33 25.76 -4.36
C LYS B 713 -1.72 24.94 -5.49
N VAL B 714 -1.80 25.45 -6.72
CA VAL B 714 -1.23 24.79 -7.88
C VAL B 714 -0.23 25.71 -8.55
N GLY B 715 0.74 25.12 -9.23
CA GLY B 715 1.70 25.88 -10.01
C GLY B 715 2.73 26.59 -9.14
N GLY B 716 3.37 27.58 -9.75
CA GLY B 716 4.35 28.38 -9.08
C GLY B 716 3.90 29.83 -9.01
N ASN B 717 4.82 30.69 -8.57
CA ASN B 717 4.53 32.11 -8.48
C ASN B 717 4.55 32.76 -9.85
N LEU B 718 3.85 33.89 -9.99
CA LEU B 718 3.82 34.57 -11.27
C LEU B 718 4.83 35.71 -11.34
N ASP B 719 5.02 36.42 -10.23
CA ASP B 719 6.04 37.45 -10.14
C ASP B 719 6.84 37.27 -8.85
N SER B 720 7.65 38.27 -8.53
CA SER B 720 8.50 38.23 -7.35
C SER B 720 8.46 39.58 -6.65
N LYS B 721 8.33 39.55 -5.32
CA LYS B 721 8.37 40.73 -4.48
C LYS B 721 8.70 40.28 -3.06
N GLY B 722 8.93 41.24 -2.17
CA GLY B 722 9.38 40.92 -0.83
C GLY B 722 8.78 41.84 0.22
N TYR B 723 8.99 41.44 1.48
CA TYR B 723 8.55 42.18 2.65
C TYR B 723 9.77 42.69 3.40
N GLY B 724 9.69 43.90 3.93
CA GLY B 724 10.84 44.51 4.56
C GLY B 724 10.47 45.23 5.84
N ILE B 725 11.51 45.50 6.63
CA ILE B 725 11.35 46.28 7.86
C ILE B 725 11.73 47.73 7.58
N ALA B 726 10.86 48.66 7.95
CA ALA B 726 10.98 50.04 7.54
C ALA B 726 11.39 50.92 8.72
N THR B 727 12.32 51.83 8.47
CA THR B 727 12.79 52.84 9.40
C THR B 727 12.70 54.21 8.75
N PRO B 728 12.62 55.29 9.52
CA PRO B 728 12.63 56.62 8.91
C PRO B 728 13.98 56.94 8.30
N LYS B 729 13.94 57.81 7.29
CA LYS B 729 15.15 58.13 6.56
C LYS B 729 16.08 58.98 7.41
N GLY B 730 17.20 58.40 7.81
CA GLY B 730 18.14 59.08 8.67
C GLY B 730 18.16 58.61 10.11
N SER B 731 17.50 57.50 10.42
CA SER B 731 17.54 56.98 11.77
C SER B 731 18.88 56.30 12.05
N SER B 732 19.18 56.11 13.33
CA SER B 732 20.36 55.40 13.75
C SER B 732 20.14 53.90 13.85
N LEU B 733 18.91 53.43 13.67
CA LEU B 733 18.60 52.02 13.71
C LEU B 733 18.70 51.33 12.37
N GLY B 734 18.98 52.08 11.28
CA GLY B 734 18.85 51.51 9.95
C GLY B 734 19.89 50.45 9.63
N THR B 735 21.11 50.65 10.11
CA THR B 735 22.17 49.67 9.84
C THR B 735 22.14 48.44 10.76
N PRO B 736 21.93 48.54 12.09
CA PRO B 736 21.86 47.28 12.86
C PRO B 736 20.61 46.45 12.61
N VAL B 737 19.53 47.05 12.12
CA VAL B 737 18.37 46.25 11.72
C VAL B 737 18.69 45.46 10.45
N ASN B 738 19.44 46.08 9.54
CA ASN B 738 19.79 45.44 8.27
C ASN B 738 20.71 44.25 8.49
N LEU B 739 21.66 44.38 9.42
CA LEU B 739 22.60 43.29 9.65
C LEU B 739 21.97 42.17 10.48
N ALA B 740 20.89 42.49 11.20
CA ALA B 740 20.23 41.47 12.00
C ALA B 740 19.40 40.52 11.15
N VAL B 741 18.81 41.04 10.08
CA VAL B 741 17.95 40.23 9.21
C VAL B 741 18.80 39.23 8.43
N LEU B 742 19.97 39.66 7.96
CA LEU B 742 20.87 38.75 7.26
C LEU B 742 21.50 37.74 8.20
N LYS B 743 21.55 38.06 9.50
CA LYS B 743 22.11 37.12 10.46
C LYS B 743 21.09 36.05 10.82
N LEU B 744 19.82 36.43 10.96
CA LEU B 744 18.79 35.46 11.27
C LEU B 744 18.52 34.54 10.09
N SER B 745 18.71 35.04 8.87
CA SER B 745 18.37 34.27 7.68
C SER B 745 19.38 33.14 7.44
N GLU B 746 20.63 33.37 7.79
CA GLU B 746 21.64 32.34 7.57
C GLU B 746 21.62 31.28 8.66
N GLN B 747 21.13 31.62 9.84
CA GLN B 747 21.03 30.66 10.94
C GLN B 747 19.78 29.80 10.86
N GLY B 748 18.94 30.01 9.84
CA GLY B 748 17.74 29.22 9.72
C GLY B 748 16.67 29.57 10.71
N VAL B 749 16.70 30.78 11.27
CA VAL B 749 15.70 31.14 12.27
C VAL B 749 14.44 31.64 11.61
N LEU B 750 14.55 32.24 10.42
CA LEU B 750 13.36 32.71 9.74
C LEU B 750 12.58 31.56 9.11
N ASP B 751 13.27 30.47 8.80
CA ASP B 751 12.59 29.27 8.34
C ASP B 751 11.98 28.52 9.53
N LYS B 752 12.52 28.73 10.73
CA LYS B 752 12.01 28.03 11.88
C LYS B 752 10.73 28.68 12.39
N LEU B 753 10.54 29.98 12.11
CA LEU B 753 9.34 30.67 12.57
C LEU B 753 8.18 30.47 11.60
N LYS B 754 8.45 30.46 10.30
CA LYS B 754 7.40 30.23 9.32
C LYS B 754 6.90 28.80 9.39
N ASN B 755 7.78 27.88 9.76
CA ASN B 755 7.40 26.47 9.89
C ASN B 755 6.53 26.27 11.13
N LYS B 756 6.60 27.18 12.09
CA LYS B 756 5.90 26.97 13.36
C LYS B 756 4.49 27.53 13.30
N TRP B 757 4.29 28.61 12.53
CA TRP B 757 3.00 29.28 12.50
C TRP B 757 2.14 28.83 11.33
N TRP B 758 2.76 28.46 10.21
CA TRP B 758 1.99 27.99 9.06
C TRP B 758 1.65 26.51 9.17
N TYR B 759 2.59 25.69 9.62
CA TYR B 759 2.39 24.25 9.51
C TYR B 759 2.09 23.58 10.85
N ASP B 760 2.79 23.96 11.91
CA ASP B 760 2.60 23.29 13.20
C ASP B 760 1.29 23.72 13.85
N LYS B 761 0.85 24.93 13.56
CA LYS B 761 -0.48 25.34 14.03
C LYS B 761 -1.56 25.03 13.04
N GLY B 762 -1.29 24.17 12.06
CA GLY B 762 -2.28 23.88 11.04
C GLY B 762 -3.34 22.92 11.55
N GLU B 763 -4.60 23.15 11.16
CA GLU B 763 -5.68 22.32 11.65
C GLU B 763 -5.67 20.96 10.99
N CYS B 764 -5.17 20.87 9.76
CA CYS B 764 -4.98 19.60 9.08
C CYS B 764 -3.56 19.53 8.55
N GLY B 765 -2.82 18.51 8.97
CA GLY B 765 -1.47 18.35 8.52
C GLY B 765 -1.38 17.60 7.20
N ALA B 766 -0.14 17.34 6.78
CA ALA B 766 0.07 16.55 5.57
C ALA B 766 -0.30 15.09 5.80
N LYS B 767 -0.06 14.59 7.02
CA LYS B 767 -0.36 13.19 7.30
C LYS B 767 -1.73 13.04 7.96
N ASP B 768 -2.40 14.16 8.27
CA ASP B 768 -3.77 14.08 8.76
C ASP B 768 -4.71 13.58 7.69
N SER B 769 -4.59 14.12 6.48
CA SER B 769 -5.41 13.64 5.36
C SER B 769 -4.86 12.34 4.80
N GLY B 770 -3.61 12.02 5.11
CA GLY B 770 -2.97 10.85 4.51
C GLY B 770 -3.30 9.56 5.22
N SER B 771 -3.62 9.62 6.52
CA SER B 771 -3.79 8.39 7.29
C SER B 771 -5.17 7.78 7.07
N LYS B 772 -6.13 8.57 6.61
CA LYS B 772 -7.51 8.12 6.49
C LYS B 772 -7.72 7.47 5.12
N GLU B 773 -7.97 6.17 5.11
CA GLU B 773 -8.44 5.48 3.91
C GLU B 773 -9.66 4.64 4.27
N LYS B 774 -10.52 4.44 3.28
CA LYS B 774 -11.65 3.54 3.40
C LYS B 774 -12.02 3.05 2.01
N THR B 775 -12.73 1.93 1.98
CA THR B 775 -13.18 1.32 0.73
C THR B 775 -14.69 1.26 0.74
N SER B 776 -15.30 1.46 -0.43
CA SER B 776 -16.75 1.64 -0.53
C SER B 776 -17.35 0.63 -1.50
N ALA B 777 -18.61 0.29 -1.24
CA ALA B 777 -19.35 -0.56 -2.15
C ALA B 777 -19.69 0.19 -3.43
N LEU B 778 -19.84 -0.55 -4.52
CA LEU B 778 -20.23 0.08 -5.78
C LEU B 778 -21.67 0.57 -5.71
N SER B 779 -21.87 1.81 -6.12
CA SER B 779 -23.18 2.42 -6.14
C SER B 779 -23.85 2.14 -7.48
N LEU B 780 -25.12 2.52 -7.58
CA LEU B 780 -25.87 2.26 -8.80
C LEU B 780 -25.43 3.21 -9.91
N SER B 781 -24.85 4.35 -9.55
CA SER B 781 -24.47 5.34 -10.57
C SER B 781 -23.24 4.89 -11.35
N ASN B 782 -22.47 3.95 -10.81
CA ASN B 782 -21.31 3.43 -11.52
C ASN B 782 -21.70 2.57 -12.71
N VAL B 783 -22.62 1.63 -12.49
CA VAL B 783 -22.99 0.69 -13.54
C VAL B 783 -24.34 1.07 -14.13
N ALA B 784 -24.72 2.34 -14.02
CA ALA B 784 -26.01 2.81 -14.51
C ALA B 784 -26.12 2.78 -16.02
N GLY B 785 -25.01 2.91 -16.73
CA GLY B 785 -25.07 2.92 -18.18
C GLY B 785 -25.34 1.55 -18.78
N VAL B 786 -25.10 0.50 -18.00
CA VAL B 786 -25.34 -0.85 -18.49
C VAL B 786 -26.84 -1.16 -18.50
N PHE B 787 -27.58 -0.56 -17.55
CA PHE B 787 -29.03 -0.70 -17.54
C PHE B 787 -29.67 0.02 -18.73
N TYR B 788 -29.07 1.13 -19.16
CA TYR B 788 -29.67 1.92 -20.22
C TYR B 788 -29.53 1.22 -21.57
N ILE B 789 -28.43 0.49 -21.75
CA ILE B 789 -28.25 -0.30 -22.96
C ILE B 789 -29.21 -1.48 -22.97
N LEU B 790 -29.51 -2.02 -21.77
CA LEU B 790 -30.42 -3.17 -21.68
C LEU B 790 -31.85 -2.80 -22.04
N VAL B 791 -32.35 -1.69 -21.49
CA VAL B 791 -33.72 -1.27 -21.79
C VAL B 791 -33.82 -0.76 -23.22
N GLY B 792 -32.77 -0.12 -23.72
CA GLY B 792 -32.74 0.27 -25.11
C GLY B 792 -32.68 -0.91 -26.06
N GLY B 793 -32.09 -2.01 -25.61
CA GLY B 793 -32.12 -3.22 -26.41
C GLY B 793 -33.47 -3.93 -26.36
N LEU B 794 -34.18 -3.77 -25.24
CA LEU B 794 -35.52 -4.34 -25.14
C LEU B 794 -36.51 -3.59 -26.02
N GLY B 795 -36.34 -2.28 -26.15
CA GLY B 795 -37.24 -1.50 -26.99
C GLY B 795 -36.99 -1.72 -28.46
N LEU B 796 -35.72 -1.90 -28.85
CA LEU B 796 -35.41 -2.08 -30.26
C LEU B 796 -35.77 -3.49 -30.72
N ALA B 797 -35.83 -4.44 -29.80
CA ALA B 797 -36.18 -5.81 -30.17
C ALA B 797 -37.65 -5.92 -30.52
N MET B 798 -38.49 -5.04 -29.96
CA MET B 798 -39.91 -5.06 -30.28
C MET B 798 -40.18 -4.40 -31.62
N LEU B 799 -39.34 -3.45 -32.02
CA LEU B 799 -39.52 -2.80 -33.31
C LEU B 799 -39.14 -3.74 -34.45
N VAL B 800 -38.23 -4.67 -34.20
CA VAL B 800 -37.83 -5.62 -35.22
C VAL B 800 -38.94 -6.62 -35.49
N ALA B 801 -39.64 -7.05 -34.43
CA ALA B 801 -40.71 -8.04 -34.58
C ALA B 801 -41.91 -7.46 -35.32
N LEU B 802 -42.07 -6.14 -35.28
CA LEU B 802 -43.16 -5.52 -36.03
C LEU B 802 -42.89 -5.56 -37.53
N ILE B 803 -41.65 -5.26 -37.94
CA ILE B 803 -41.36 -5.15 -39.36
C ILE B 803 -41.07 -6.52 -39.97
N GLU B 804 -40.89 -7.54 -39.13
CA GLU B 804 -40.81 -8.90 -39.65
C GLU B 804 -42.20 -9.43 -39.99
N PHE B 805 -43.19 -9.11 -39.16
CA PHE B 805 -44.57 -9.52 -39.44
C PHE B 805 -45.12 -8.84 -40.69
N CYS B 806 -44.72 -7.59 -40.93
CA CYS B 806 -45.16 -6.89 -42.12
C CYS B 806 -44.53 -7.49 -43.37
N TYR B 807 -43.31 -8.01 -43.27
CA TYR B 807 -42.72 -8.73 -44.39
C TYR B 807 -43.29 -10.14 -44.50
N LYS B 808 -43.91 -10.64 -43.43
CA LYS B 808 -44.60 -11.92 -43.51
C LYS B 808 -46.04 -11.75 -43.97
N SER B 809 -46.61 -10.56 -43.77
CA SER B 809 -47.97 -10.29 -44.24
C SER B 809 -48.00 -10.03 -45.74
N ARG B 810 -46.99 -9.32 -46.26
CA ARG B 810 -46.93 -9.06 -47.69
C ARG B 810 -46.57 -10.32 -48.46
N ALA B 811 -45.76 -11.19 -47.87
CA ALA B 811 -45.38 -12.45 -48.50
C ALA B 811 -46.49 -13.48 -48.34
N GLN C 383 33.07 63.54 -17.49
CA GLN C 383 33.16 62.51 -16.46
C GLN C 383 33.73 61.22 -17.02
N LYS C 384 34.39 60.45 -16.18
CA LYS C 384 35.15 59.30 -16.62
C LYS C 384 34.30 58.04 -16.64
N THR C 385 34.79 57.03 -17.36
CA THR C 385 34.03 55.80 -17.56
C THR C 385 34.06 54.93 -16.30
N VAL C 386 32.98 54.19 -16.10
CA VAL C 386 32.88 53.31 -14.94
C VAL C 386 33.38 51.91 -15.31
N VAL C 387 34.29 51.37 -14.51
CA VAL C 387 34.86 50.06 -14.75
C VAL C 387 33.97 49.02 -14.07
N VAL C 388 33.44 48.08 -14.85
CA VAL C 388 32.48 47.09 -14.39
C VAL C 388 33.16 45.73 -14.36
N THR C 389 33.14 45.06 -13.22
CA THR C 389 33.74 43.74 -13.10
C THR C 389 32.66 42.66 -13.15
N THR C 390 32.98 41.54 -13.80
CA THR C 390 32.02 40.47 -14.06
C THR C 390 32.80 39.15 -14.10
N ILE C 391 32.10 38.03 -13.96
CA ILE C 391 32.68 36.70 -14.04
C ILE C 391 32.00 35.95 -15.19
N LEU C 392 32.69 34.95 -15.74
CA LEU C 392 32.21 34.21 -16.90
C LEU C 392 31.37 33.01 -16.45
N GLU C 393 30.05 33.15 -16.53
CA GLU C 393 29.12 32.06 -16.27
C GLU C 393 28.03 32.09 -17.33
N SER C 394 27.62 30.92 -17.76
CA SER C 394 26.52 30.81 -18.70
C SER C 394 25.23 30.59 -17.93
N PRO C 395 24.13 31.25 -18.28
CA PRO C 395 23.98 32.21 -19.38
C PRO C 395 24.14 33.65 -18.96
N TYR C 396 24.91 33.93 -17.91
CA TYR C 396 24.99 35.29 -17.44
C TYR C 396 25.91 36.12 -18.33
N VAL C 397 27.17 35.72 -18.46
CA VAL C 397 28.09 36.35 -19.41
C VAL C 397 28.81 35.26 -20.18
N MET C 398 28.68 35.29 -21.50
CA MET C 398 29.27 34.30 -22.38
C MET C 398 30.08 35.00 -23.46
N MET C 399 31.04 34.27 -24.03
CA MET C 399 31.79 34.77 -25.18
C MET C 399 30.94 34.67 -26.44
N LYS C 400 30.95 35.72 -27.24
CA LYS C 400 30.34 35.64 -28.56
C LYS C 400 31.28 34.89 -29.49
N LYS C 401 30.74 34.41 -30.62
CA LYS C 401 31.52 33.53 -31.51
C LYS C 401 32.67 34.28 -32.19
N ASN C 402 32.48 35.56 -32.50
CA ASN C 402 33.50 36.36 -33.15
C ASN C 402 34.29 37.17 -32.13
N HIS C 403 34.83 36.48 -31.11
CA HIS C 403 35.44 37.20 -30.00
C HIS C 403 36.91 37.47 -30.26
N GLU C 404 37.50 36.84 -31.30
CA GLU C 404 38.85 37.22 -31.68
C GLU C 404 38.84 38.46 -32.56
N MET C 405 37.75 38.68 -33.29
CA MET C 405 37.69 39.75 -34.29
C MET C 405 37.04 41.02 -33.79
N LEU C 406 36.48 41.02 -32.59
CA LEU C 406 35.80 42.19 -32.03
C LEU C 406 36.61 42.78 -30.88
N GLU C 407 36.46 44.08 -30.67
CA GLU C 407 37.16 44.80 -29.61
C GLU C 407 36.16 45.63 -28.81
N GLY C 408 36.36 45.66 -27.50
CA GLY C 408 35.53 46.47 -26.63
C GLY C 408 34.41 45.68 -25.98
N ASN C 409 33.27 46.37 -25.85
CA ASN C 409 32.13 45.77 -25.17
C ASN C 409 31.37 44.78 -26.04
N GLU C 410 31.66 44.73 -27.34
CA GLU C 410 30.89 43.85 -28.22
C GLU C 410 31.42 42.43 -28.24
N ARG C 411 32.46 42.13 -27.44
CA ARG C 411 32.94 40.76 -27.37
C ARG C 411 31.97 39.87 -26.61
N TYR C 412 31.21 40.44 -25.69
CA TYR C 412 30.44 39.68 -24.72
C TYR C 412 28.95 39.75 -25.02
N GLU C 413 28.22 38.78 -24.46
CA GLU C 413 26.76 38.78 -24.49
C GLU C 413 26.26 37.98 -23.31
N GLY C 414 24.97 38.11 -23.03
CA GLY C 414 24.36 37.30 -21.99
C GLY C 414 23.28 38.07 -21.26
N TYR C 415 22.94 37.55 -20.08
CA TYR C 415 21.94 38.19 -19.24
C TYR C 415 22.50 39.44 -18.57
N CYS C 416 23.70 39.34 -18.00
CA CYS C 416 24.28 40.46 -17.26
C CYS C 416 24.78 41.54 -18.20
N VAL C 417 25.00 41.21 -19.47
CA VAL C 417 25.38 42.23 -20.44
C VAL C 417 24.17 43.07 -20.81
N ASP C 418 23.00 42.43 -20.92
CA ASP C 418 21.78 43.18 -21.20
C ASP C 418 21.31 43.95 -19.97
N LEU C 419 21.64 43.46 -18.78
CA LEU C 419 21.27 44.17 -17.56
C LEU C 419 22.15 45.39 -17.34
N ALA C 420 23.41 45.31 -17.77
CA ALA C 420 24.32 46.44 -17.61
C ALA C 420 23.94 47.58 -18.54
N ALA C 421 23.33 47.27 -19.68
CA ALA C 421 22.92 48.31 -20.60
C ALA C 421 21.68 49.04 -20.10
N GLU C 422 20.86 48.36 -19.28
CA GLU C 422 19.64 48.98 -18.78
C GLU C 422 19.93 49.91 -17.61
N ILE C 423 20.84 49.52 -16.72
CA ILE C 423 21.15 50.33 -15.56
C ILE C 423 21.93 51.58 -15.96
N ALA C 424 22.79 51.45 -16.97
CA ALA C 424 23.57 52.61 -17.44
C ALA C 424 22.70 53.60 -18.20
N LYS C 425 21.52 53.16 -18.65
CA LYS C 425 20.61 54.08 -19.32
C LYS C 425 19.89 54.96 -18.30
N HIS C 426 19.54 54.39 -17.15
CA HIS C 426 18.78 55.17 -16.16
C HIS C 426 19.69 56.08 -15.35
N CYS C 427 20.84 55.58 -14.91
CA CYS C 427 21.75 56.38 -14.13
C CYS C 427 22.54 57.36 -14.98
N GLY C 428 22.81 57.03 -16.24
CA GLY C 428 23.42 57.96 -17.16
C GLY C 428 24.93 58.03 -17.12
N PHE C 429 25.60 56.91 -17.37
CA PHE C 429 27.05 56.91 -17.44
C PHE C 429 27.51 56.01 -18.59
N LYS C 430 28.80 56.05 -18.85
CA LYS C 430 29.45 55.20 -19.85
C LYS C 430 30.32 54.17 -19.13
N TYR C 431 30.38 52.97 -19.67
CA TYR C 431 31.00 51.86 -18.95
C TYR C 431 31.89 51.05 -19.87
N LYS C 432 32.98 50.53 -19.30
CA LYS C 432 33.87 49.59 -19.96
C LYS C 432 33.85 48.30 -19.16
N LEU C 433 33.60 47.18 -19.85
CA LEU C 433 33.22 45.95 -19.18
C LEU C 433 34.40 44.98 -19.16
N THR C 434 34.82 44.58 -17.97
CA THR C 434 35.99 43.72 -17.80
C THR C 434 35.61 42.43 -17.09
N ILE C 435 36.60 41.55 -16.97
CA ILE C 435 36.45 40.24 -16.33
C ILE C 435 37.42 40.17 -15.16
N VAL C 436 36.98 39.61 -14.03
CA VAL C 436 37.87 39.42 -12.90
C VAL C 436 38.94 38.39 -13.27
N GLY C 437 40.17 38.62 -12.82
CA GLY C 437 41.27 37.78 -13.26
C GLY C 437 41.33 36.45 -12.53
N ASP C 438 40.89 36.42 -11.27
CA ASP C 438 41.03 35.21 -10.47
C ASP C 438 40.01 34.16 -10.91
N GLY C 439 38.76 34.56 -11.12
CA GLY C 439 37.71 33.61 -11.41
C GLY C 439 36.94 33.15 -10.21
N LYS C 440 37.06 33.85 -9.08
CA LYS C 440 36.39 33.49 -7.86
C LYS C 440 35.34 34.56 -7.54
N TYR C 441 34.37 34.23 -6.70
CA TYR C 441 33.37 35.21 -6.33
C TYR C 441 33.85 36.09 -5.18
N GLY C 442 34.37 35.49 -4.12
CA GLY C 442 34.90 36.29 -3.03
C GLY C 442 34.74 35.66 -1.67
N ALA C 443 35.85 35.60 -0.93
CA ALA C 443 35.87 35.05 0.41
C ALA C 443 37.10 35.62 1.12
N ARG C 444 37.12 35.46 2.44
CA ARG C 444 38.22 35.94 3.25
C ARG C 444 39.12 34.77 3.62
N ASP C 445 40.43 34.95 3.43
CA ASP C 445 41.40 33.98 3.93
C ASP C 445 41.46 34.09 5.45
N ALA C 446 41.49 32.93 6.11
CA ALA C 446 41.49 32.93 7.57
C ALA C 446 42.85 33.38 8.12
N ASP C 447 43.91 33.19 7.33
CA ASP C 447 45.24 33.60 7.80
C ASP C 447 45.49 35.08 7.52
N THR C 448 45.48 35.47 6.26
CA THR C 448 45.93 36.79 5.85
C THR C 448 44.85 37.86 5.91
N LYS C 449 43.57 37.45 6.09
CA LYS C 449 42.42 38.35 6.26
C LYS C 449 42.22 39.29 5.07
N ILE C 450 42.49 38.81 3.86
CA ILE C 450 42.29 39.58 2.64
C ILE C 450 41.25 38.87 1.78
N TRP C 451 40.57 39.64 0.92
CA TRP C 451 39.55 39.12 0.05
C TRP C 451 40.13 38.78 -1.32
N ASN C 452 39.40 37.95 -2.07
CA ASN C 452 39.76 37.63 -3.45
C ASN C 452 38.54 37.81 -4.34
N GLY C 453 38.73 37.58 -5.63
CA GLY C 453 37.63 37.60 -6.56
C GLY C 453 37.06 38.98 -6.82
N MET C 454 35.75 39.02 -7.05
CA MET C 454 35.09 40.28 -7.36
C MET C 454 34.89 41.14 -6.12
N VAL C 455 34.78 40.52 -4.95
CA VAL C 455 34.68 41.29 -3.72
C VAL C 455 36.01 41.97 -3.42
N GLY C 456 37.11 41.34 -3.85
CA GLY C 456 38.41 41.96 -3.66
C GLY C 456 38.62 43.19 -4.52
N GLU C 457 38.07 43.19 -5.74
CA GLU C 457 38.29 44.33 -6.63
C GLU C 457 37.45 45.52 -6.21
N LEU C 458 36.40 45.30 -5.41
CA LEU C 458 35.61 46.42 -4.93
C LEU C 458 36.22 47.04 -3.69
N VAL C 459 36.72 46.21 -2.77
CA VAL C 459 37.25 46.73 -1.51
C VAL C 459 38.58 47.43 -1.73
N TYR C 460 39.43 46.86 -2.59
CA TYR C 460 40.76 47.42 -2.76
C TYR C 460 40.87 48.37 -3.96
N GLY C 461 39.76 48.70 -4.61
CA GLY C 461 39.70 49.87 -5.48
C GLY C 461 39.85 49.63 -6.97
N LYS C 462 39.95 48.38 -7.42
CA LYS C 462 40.25 48.14 -8.82
C LYS C 462 39.01 48.28 -9.71
N ALA C 463 37.81 48.29 -9.13
CA ALA C 463 36.58 48.36 -9.89
C ALA C 463 35.59 49.29 -9.20
N ASP C 464 34.51 49.61 -9.91
CA ASP C 464 33.53 50.56 -9.39
C ASP C 464 32.14 49.97 -9.19
N ILE C 465 31.81 48.86 -9.84
CA ILE C 465 30.51 48.21 -9.68
C ILE C 465 30.68 46.77 -10.14
N ALA C 466 29.86 45.87 -9.60
CA ALA C 466 29.97 44.44 -9.90
C ALA C 466 28.59 43.90 -10.26
N ILE C 467 28.34 43.72 -11.55
CA ILE C 467 27.06 43.26 -12.07
C ILE C 467 27.24 41.78 -12.40
N ALA C 468 26.89 40.92 -11.45
CA ALA C 468 27.22 39.50 -11.55
C ALA C 468 26.35 38.74 -10.56
N PRO C 469 26.20 37.41 -10.71
CA PRO C 469 25.44 36.65 -9.70
C PRO C 469 26.12 36.54 -8.35
N LEU C 470 26.07 37.62 -7.58
CA LEU C 470 26.78 37.74 -6.32
C LEU C 470 25.78 37.64 -5.18
N THR C 471 25.91 36.60 -4.35
CA THR C 471 24.91 36.30 -3.34
C THR C 471 25.02 37.28 -2.16
N ILE C 472 23.86 37.78 -1.72
CA ILE C 472 23.79 38.68 -0.57
C ILE C 472 23.95 37.84 0.69
N THR C 473 25.11 37.94 1.34
CA THR C 473 25.38 37.25 2.59
C THR C 473 25.76 38.26 3.67
N LEU C 474 26.04 37.74 4.87
CA LEU C 474 26.31 38.62 6.00
C LEU C 474 27.74 39.14 5.98
N VAL C 475 28.70 38.28 5.65
CA VAL C 475 30.10 38.69 5.72
C VAL C 475 30.47 39.57 4.54
N ARG C 476 29.67 39.55 3.48
CA ARG C 476 29.91 40.46 2.37
C ARG C 476 29.22 41.80 2.59
N GLU C 477 28.18 41.82 3.43
CA GLU C 477 27.42 43.05 3.64
C GLU C 477 28.21 44.06 4.45
N GLU C 478 29.15 43.59 5.28
CA GLU C 478 29.87 44.48 6.17
C GLU C 478 30.92 45.31 5.44
N VAL C 479 31.32 44.89 4.24
CA VAL C 479 32.41 45.56 3.55
C VAL C 479 31.92 46.31 2.31
N ILE C 480 30.89 45.83 1.63
CA ILE C 480 30.36 46.52 0.45
C ILE C 480 28.86 46.72 0.59
N ASP C 481 28.25 47.40 -0.37
CA ASP C 481 26.82 47.69 -0.35
C ASP C 481 26.11 46.96 -1.47
N PHE C 482 25.11 46.16 -1.12
CA PHE C 482 24.28 45.47 -2.09
C PHE C 482 23.03 46.29 -2.36
N SER C 483 22.44 46.09 -3.53
CA SER C 483 21.12 46.64 -3.81
C SER C 483 20.05 45.67 -3.34
N LYS C 484 18.81 45.98 -3.70
CA LYS C 484 17.73 45.04 -3.50
C LYS C 484 17.89 43.88 -4.48
N PRO C 485 17.38 42.69 -4.16
CA PRO C 485 17.61 41.53 -5.04
C PRO C 485 16.90 41.68 -6.38
N PHE C 486 17.60 41.28 -7.44
CA PHE C 486 16.97 41.23 -8.76
C PHE C 486 16.62 39.82 -9.19
N MET C 487 16.91 38.81 -8.37
CA MET C 487 16.56 37.44 -8.68
C MET C 487 16.52 36.65 -7.38
N SER C 488 15.53 35.79 -7.25
CA SER C 488 15.36 34.97 -6.06
C SER C 488 15.56 33.51 -6.44
N LEU C 489 16.17 32.73 -5.54
CA LEU C 489 16.58 31.37 -5.86
C LEU C 489 16.76 30.57 -4.58
N GLY C 490 17.14 29.31 -4.74
CA GLY C 490 17.35 28.42 -3.60
C GLY C 490 17.93 27.09 -4.02
N ILE C 491 17.89 26.14 -3.09
CA ILE C 491 18.36 24.79 -3.34
C ILE C 491 17.24 23.96 -3.96
N SER C 492 17.55 23.22 -5.02
CA SER C 492 16.54 22.42 -5.71
C SER C 492 17.07 21.00 -5.95
N ILE C 493 16.26 20.19 -6.60
CA ILE C 493 16.50 18.76 -6.78
C ILE C 493 16.52 18.46 -8.28
N MET C 494 17.55 17.75 -8.73
CA MET C 494 17.66 17.31 -10.12
C MET C 494 17.59 15.79 -10.18
N ILE C 495 16.65 15.27 -10.98
CA ILE C 495 16.52 13.83 -11.21
C ILE C 495 16.48 13.58 -12.70
N LYS C 496 16.67 12.32 -13.08
CA LYS C 496 16.59 11.93 -14.48
C LYS C 496 15.13 11.87 -14.92
N LYS C 497 14.87 12.31 -16.15
CA LYS C 497 13.50 12.39 -16.65
C LYS C 497 12.92 11.01 -16.86
N PRO C 498 11.68 10.75 -16.43
CA PRO C 498 11.07 9.44 -16.66
C PRO C 498 10.71 9.26 -18.12
N GLN C 499 11.22 8.19 -18.73
CA GLN C 499 10.96 7.87 -20.12
C GLN C 499 10.00 6.70 -20.19
N LYS C 500 9.37 6.53 -21.35
CA LYS C 500 8.45 5.43 -21.56
C LYS C 500 9.16 4.26 -22.23
N SER C 501 9.11 3.10 -21.59
CA SER C 501 9.67 1.87 -22.13
C SER C 501 8.53 1.05 -22.71
N LYS C 502 8.69 0.61 -23.94
CA LYS C 502 7.65 -0.16 -24.61
C LYS C 502 7.64 -1.59 -24.08
N PRO C 503 6.48 -2.13 -23.73
CA PRO C 503 6.43 -3.53 -23.28
C PRO C 503 6.67 -4.48 -24.44
N GLY C 504 6.98 -5.72 -24.09
CA GLY C 504 7.15 -6.74 -25.11
C GLY C 504 5.85 -7.09 -25.78
N VAL C 505 5.95 -7.73 -26.94
CA VAL C 505 4.73 -8.12 -27.64
C VAL C 505 4.09 -9.33 -26.98
N PHE C 506 4.86 -10.17 -26.31
CA PHE C 506 4.30 -11.31 -25.59
C PHE C 506 4.40 -11.14 -24.08
N SER C 507 4.13 -9.94 -23.58
CA SER C 507 4.16 -9.69 -22.14
C SER C 507 2.87 -10.10 -21.45
N PHE C 508 1.88 -10.59 -22.19
CA PHE C 508 0.65 -11.07 -21.54
C PHE C 508 0.88 -12.43 -20.91
N LEU C 509 1.96 -13.12 -21.29
CA LEU C 509 2.32 -14.41 -20.73
C LEU C 509 3.04 -14.30 -19.41
N ASP C 510 3.37 -13.10 -18.97
CA ASP C 510 4.13 -12.83 -17.74
C ASP C 510 3.56 -13.27 -16.38
N PRO C 511 2.24 -13.34 -16.13
CA PRO C 511 1.81 -13.82 -14.79
C PRO C 511 2.18 -15.26 -14.48
N LEU C 512 2.39 -16.10 -15.47
CA LEU C 512 2.86 -17.45 -15.24
C LEU C 512 4.26 -17.61 -15.82
N ALA C 513 5.06 -18.46 -15.19
CA ALA C 513 6.39 -18.75 -15.69
C ALA C 513 6.29 -19.61 -16.93
N TYR C 514 7.38 -19.64 -17.71
CA TYR C 514 7.34 -20.35 -18.98
C TYR C 514 7.36 -21.86 -18.79
N GLU C 515 7.71 -22.30 -17.59
CA GLU C 515 7.74 -23.73 -17.30
C GLU C 515 6.32 -24.26 -17.04
N ILE C 516 5.39 -23.38 -16.71
CA ILE C 516 3.99 -23.79 -16.56
C ILE C 516 3.34 -23.90 -17.93
N TRP C 517 3.65 -22.98 -18.85
CA TRP C 517 3.05 -23.00 -20.18
C TRP C 517 3.51 -24.22 -20.97
N MET C 518 4.68 -24.75 -20.65
CA MET C 518 5.16 -25.97 -21.30
C MET C 518 4.42 -27.19 -20.76
N CYS C 519 4.12 -27.20 -19.46
CA CYS C 519 3.55 -28.40 -18.86
C CYS C 519 2.04 -28.48 -19.08
N ILE C 520 1.41 -27.36 -19.45
CA ILE C 520 0.00 -27.40 -19.83
C ILE C 520 -0.16 -28.13 -21.16
N VAL C 521 0.80 -27.92 -22.07
CA VAL C 521 0.74 -28.57 -23.37
C VAL C 521 1.01 -30.07 -23.24
N PHE C 522 1.91 -30.45 -22.32
CA PHE C 522 2.16 -31.87 -22.08
C PHE C 522 0.97 -32.54 -21.43
N ALA C 523 0.26 -31.83 -20.55
CA ALA C 523 -0.90 -32.41 -19.89
C ALA C 523 -2.09 -32.47 -20.84
N TYR C 524 -2.13 -31.59 -21.85
CA TYR C 524 -3.21 -31.62 -22.82
C TYR C 524 -3.10 -32.83 -23.74
N ILE C 525 -1.88 -33.19 -24.12
CA ILE C 525 -1.67 -34.40 -24.93
C ILE C 525 -1.97 -35.64 -24.11
N GLY C 526 -1.63 -35.61 -22.82
CA GLY C 526 -1.80 -36.78 -21.98
C GLY C 526 -3.25 -37.12 -21.70
N VAL C 527 -4.09 -36.11 -21.51
CA VAL C 527 -5.50 -36.35 -21.25
C VAL C 527 -6.20 -36.84 -22.51
N SER C 528 -5.82 -36.30 -23.66
CA SER C 528 -6.53 -36.61 -24.91
C SER C 528 -6.22 -38.01 -25.39
N VAL C 529 -5.03 -38.54 -25.06
CA VAL C 529 -4.70 -39.91 -25.45
C VAL C 529 -5.39 -40.91 -24.55
N VAL C 530 -5.38 -40.65 -23.24
CA VAL C 530 -5.97 -41.58 -22.27
C VAL C 530 -7.48 -41.64 -22.43
N LEU C 531 -8.11 -40.51 -22.75
CA LEU C 531 -9.55 -40.49 -22.96
C LEU C 531 -9.94 -41.24 -24.23
N PHE C 532 -9.03 -41.31 -25.19
CA PHE C 532 -9.24 -42.14 -26.37
C PHE C 532 -9.15 -43.61 -26.03
N LEU C 533 -8.09 -44.02 -25.33
CA LEU C 533 -7.84 -45.42 -25.02
C LEU C 533 -8.90 -45.98 -24.10
N VAL C 534 -9.37 -45.19 -23.14
CA VAL C 534 -10.33 -45.68 -22.16
C VAL C 534 -11.72 -45.73 -22.76
N SER C 535 -11.90 -45.12 -23.95
CA SER C 535 -13.20 -45.13 -24.62
C SER C 535 -13.26 -46.21 -25.70
N ARG C 536 -12.31 -46.20 -26.64
CA ARG C 536 -12.27 -47.19 -27.70
C ARG C 536 -11.59 -48.47 -27.21
N PHE C 537 -12.34 -49.22 -26.41
CA PHE C 537 -11.87 -50.52 -25.96
C PHE C 537 -12.39 -51.56 -26.96
N SER C 538 -12.18 -52.85 -26.68
CA SER C 538 -12.51 -53.86 -27.69
C SER C 538 -14.01 -54.16 -27.81
N PRO C 539 -14.82 -54.23 -26.75
CA PRO C 539 -16.29 -54.17 -26.96
C PRO C 539 -16.87 -52.77 -26.99
N TYR C 540 -16.04 -51.75 -27.20
CA TYR C 540 -16.40 -50.32 -27.17
C TYR C 540 -17.01 -49.93 -25.82
N SER C 558 -23.77 -49.15 -26.74
CA SER C 558 -22.64 -49.07 -27.66
C SER C 558 -22.70 -47.77 -28.46
N THR C 559 -22.22 -47.84 -29.72
CA THR C 559 -22.16 -46.71 -30.65
C THR C 559 -21.39 -45.55 -30.04
N ASN C 560 -20.09 -45.74 -29.85
CA ASN C 560 -19.26 -44.73 -29.20
C ASN C 560 -18.68 -43.79 -30.25
N GLU C 561 -18.37 -42.57 -29.84
CA GLU C 561 -18.04 -41.49 -30.76
C GLU C 561 -16.62 -40.96 -30.57
N PHE C 562 -16.02 -41.21 -29.40
CA PHE C 562 -14.73 -40.60 -29.05
C PHE C 562 -13.59 -41.27 -29.82
N GLY C 563 -13.37 -40.80 -31.04
CA GLY C 563 -12.13 -41.03 -31.74
C GLY C 563 -11.07 -40.05 -31.27
N ILE C 564 -9.91 -40.10 -31.93
CA ILE C 564 -8.81 -39.22 -31.51
C ILE C 564 -9.07 -37.79 -31.99
N PHE C 565 -9.87 -37.62 -33.03
CA PHE C 565 -10.15 -36.27 -33.48
C PHE C 565 -11.22 -35.61 -32.62
N ASN C 566 -12.12 -36.41 -32.04
CA ASN C 566 -13.11 -35.86 -31.13
C ASN C 566 -12.52 -35.67 -29.74
N SER C 567 -11.50 -36.45 -29.39
CA SER C 567 -10.94 -36.39 -28.04
C SER C 567 -10.08 -35.14 -27.86
N LEU C 568 -9.34 -34.75 -28.90
CA LEU C 568 -8.56 -33.52 -28.81
C LEU C 568 -9.47 -32.30 -28.88
N TRP C 569 -10.66 -32.45 -29.43
CA TRP C 569 -11.59 -31.32 -29.49
C TRP C 569 -12.41 -31.21 -28.22
N PHE C 570 -12.65 -32.32 -27.54
CA PHE C 570 -13.35 -32.26 -26.26
C PHE C 570 -12.48 -31.60 -25.19
N SER C 571 -11.20 -31.94 -25.15
CA SER C 571 -10.32 -31.42 -24.11
C SER C 571 -9.97 -29.97 -24.34
N LEU C 572 -9.95 -29.52 -25.60
CA LEU C 572 -9.67 -28.12 -25.87
C LEU C 572 -10.84 -27.24 -25.48
N GLY C 573 -12.06 -27.75 -25.64
CA GLY C 573 -13.23 -26.97 -25.23
C GLY C 573 -13.41 -26.93 -23.73
N ALA C 574 -12.91 -27.95 -23.03
CA ALA C 574 -13.04 -27.98 -21.58
C ALA C 574 -12.04 -27.05 -20.92
N PHE C 575 -10.86 -26.88 -21.53
CA PHE C 575 -9.86 -25.99 -20.95
C PHE C 575 -10.25 -24.54 -21.13
N MET C 576 -10.93 -24.22 -22.24
CA MET C 576 -11.32 -22.84 -22.51
C MET C 576 -12.65 -22.48 -21.88
N GLN C 577 -13.31 -23.44 -21.22
CA GLN C 577 -14.61 -23.25 -20.56
C GLN C 577 -15.69 -22.76 -21.51
N GLN C 578 -15.69 -23.31 -22.72
CA GLN C 578 -16.64 -22.92 -23.76
C GLN C 578 -17.67 -23.99 -24.05
N GLY C 579 -17.77 -25.01 -23.21
CA GLY C 579 -18.74 -26.06 -23.42
C GLY C 579 -18.30 -27.08 -24.45
N CYS C 580 -19.12 -28.12 -24.60
CA CYS C 580 -18.80 -29.23 -25.47
C CYS C 580 -20.06 -29.68 -26.20
N ASP C 581 -19.87 -30.26 -27.37
CA ASP C 581 -21.01 -30.78 -28.13
C ASP C 581 -21.49 -32.10 -27.55
N ILE C 582 -20.57 -32.96 -27.12
CA ILE C 582 -20.89 -34.28 -26.60
C ILE C 582 -20.09 -34.53 -25.32
N SER C 583 -20.59 -35.47 -24.52
CA SER C 583 -20.07 -35.74 -23.20
C SER C 583 -19.76 -37.23 -23.06
N PRO C 584 -18.86 -37.60 -22.15
CA PRO C 584 -18.64 -39.03 -21.88
C PRO C 584 -19.85 -39.64 -21.17
N ARG C 585 -20.15 -40.89 -21.51
CA ARG C 585 -21.27 -41.61 -20.91
C ARG C 585 -20.85 -42.83 -20.12
N SER C 586 -19.66 -43.36 -20.33
CA SER C 586 -19.13 -44.47 -19.55
C SER C 586 -18.53 -43.95 -18.26
N LEU C 587 -18.48 -44.81 -17.23
CA LEU C 587 -18.01 -44.38 -15.92
C LEU C 587 -16.51 -44.09 -15.94
N SER C 588 -15.76 -44.83 -16.76
CA SER C 588 -14.33 -44.57 -16.87
C SER C 588 -14.05 -43.32 -17.70
N GLY C 589 -15.00 -42.94 -18.55
CA GLY C 589 -14.85 -41.71 -19.31
C GLY C 589 -15.17 -40.49 -18.49
N ARG C 590 -15.98 -40.63 -17.44
CA ARG C 590 -16.35 -39.47 -16.64
C ARG C 590 -15.26 -39.15 -15.61
N ILE C 591 -14.43 -40.12 -15.26
CA ILE C 591 -13.36 -39.88 -14.30
C ILE C 591 -12.30 -38.99 -14.92
N VAL C 592 -11.91 -39.28 -16.16
CA VAL C 592 -10.89 -38.48 -16.83
C VAL C 592 -11.46 -37.13 -17.24
N GLY C 593 -12.77 -37.05 -17.47
CA GLY C 593 -13.39 -35.77 -17.79
C GLY C 593 -13.56 -34.90 -16.57
N GLY C 594 -13.62 -35.51 -15.39
CA GLY C 594 -13.89 -34.74 -14.18
C GLY C 594 -12.63 -34.12 -13.60
N VAL C 595 -11.51 -34.82 -13.72
CA VAL C 595 -10.27 -34.30 -13.15
C VAL C 595 -9.72 -33.18 -14.03
N TRP C 596 -9.96 -33.27 -15.34
CA TRP C 596 -9.53 -32.21 -16.24
C TRP C 596 -10.36 -30.94 -16.06
N TRP C 597 -11.56 -31.08 -15.48
CA TRP C 597 -12.33 -29.91 -15.12
C TRP C 597 -11.75 -29.22 -13.88
N PHE C 598 -11.15 -29.99 -12.97
CA PHE C 598 -10.61 -29.40 -11.76
C PHE C 598 -9.24 -28.79 -12.02
N PHE C 599 -8.51 -29.32 -13.00
CA PHE C 599 -7.24 -28.72 -13.38
C PHE C 599 -7.44 -27.34 -13.97
N THR C 600 -8.42 -27.19 -14.86
CA THR C 600 -8.56 -25.93 -15.58
C THR C 600 -9.24 -24.88 -14.72
N LEU C 601 -9.80 -25.27 -13.58
CA LEU C 601 -10.41 -24.28 -12.69
C LEU C 601 -9.35 -23.56 -11.88
N ILE C 602 -8.28 -24.27 -11.50
CA ILE C 602 -7.24 -23.70 -10.67
C ILE C 602 -6.29 -22.85 -11.51
N ILE C 603 -6.03 -23.28 -12.75
CA ILE C 603 -5.06 -22.59 -13.59
C ILE C 603 -5.60 -21.24 -14.07
N ILE C 604 -6.86 -21.20 -14.46
CA ILE C 604 -7.45 -19.95 -14.96
C ILE C 604 -7.63 -18.96 -13.81
N SER C 605 -7.97 -19.45 -12.62
CA SER C 605 -8.10 -18.57 -11.46
C SER C 605 -6.74 -18.08 -10.99
N SER C 606 -5.67 -18.80 -11.32
CA SER C 606 -4.33 -18.35 -10.95
C SER C 606 -3.83 -17.28 -11.89
N TYR C 607 -4.30 -17.27 -13.13
CA TYR C 607 -3.87 -16.27 -14.09
C TYR C 607 -4.52 -14.93 -13.80
N THR C 608 -5.82 -14.94 -13.48
CA THR C 608 -6.53 -13.71 -13.21
C THR C 608 -6.06 -13.06 -11.92
N ALA C 609 -5.70 -13.89 -10.93
CA ALA C 609 -5.32 -13.36 -9.64
C ALA C 609 -3.92 -12.76 -9.66
N ASN C 610 -2.99 -13.38 -10.38
CA ASN C 610 -1.63 -12.86 -10.38
C ASN C 610 -1.48 -11.69 -11.35
N LEU C 611 -2.35 -11.61 -12.36
CA LEU C 611 -2.33 -10.45 -13.24
C LEU C 611 -2.84 -9.21 -12.52
N ALA C 612 -3.79 -9.39 -11.60
CA ALA C 612 -4.25 -8.27 -10.80
C ALA C 612 -3.21 -7.82 -9.78
N ALA C 613 -2.29 -8.73 -9.43
CA ALA C 613 -1.22 -8.36 -8.50
C ALA C 613 -0.14 -7.54 -9.21
N PHE C 614 0.06 -7.77 -10.51
CA PHE C 614 1.00 -6.96 -11.27
C PHE C 614 0.50 -5.54 -11.42
N LEU C 615 -0.79 -5.37 -11.74
CA LEU C 615 -1.30 -4.05 -12.09
C LEU C 615 -1.53 -3.21 -10.86
N THR C 616 -1.67 -3.83 -9.68
CA THR C 616 -1.90 -3.08 -8.46
C THR C 616 -0.59 -2.55 -7.88
N VAL C 617 0.46 -3.37 -7.90
CA VAL C 617 1.76 -2.94 -7.37
C VAL C 617 2.37 -1.88 -8.27
N GLU C 618 2.13 -1.97 -9.57
CA GLU C 618 2.62 -0.96 -10.50
C GLU C 618 1.89 0.37 -10.31
N ARG C 619 0.66 0.32 -9.82
CA ARG C 619 -0.11 1.54 -9.64
C ARG C 619 0.24 2.23 -8.32
N MET C 620 0.77 1.48 -7.35
CA MET C 620 1.16 2.08 -6.09
C MET C 620 2.50 2.80 -6.19
N VAL C 621 3.25 2.57 -7.26
CA VAL C 621 4.56 3.21 -7.40
C VAL C 621 4.38 4.68 -7.72
N SER C 622 4.87 5.53 -6.82
CA SER C 622 4.76 6.97 -6.97
C SER C 622 6.14 7.61 -6.99
N PRO C 623 6.39 8.57 -7.87
CA PRO C 623 7.71 9.19 -7.94
C PRO C 623 7.95 10.17 -6.80
N ILE C 624 9.08 10.85 -6.90
CA ILE C 624 9.51 11.82 -5.89
C ILE C 624 9.05 13.20 -6.31
N GLU C 625 8.47 13.96 -5.37
CA GLU C 625 8.05 15.32 -5.66
C GLU C 625 8.39 16.32 -4.57
N SER C 626 9.13 15.94 -3.54
CA SER C 626 9.47 16.86 -2.47
C SER C 626 10.75 16.38 -1.78
N ALA C 627 11.26 17.21 -0.88
CA ALA C 627 12.44 16.84 -0.11
C ALA C 627 12.09 15.91 1.03
N GLU C 628 10.81 15.85 1.38
CA GLU C 628 10.36 14.87 2.37
C GLU C 628 10.48 13.45 1.82
N ASP C 629 10.25 13.28 0.52
CA ASP C 629 10.22 11.95 -0.05
C ASP C 629 11.64 11.39 -0.24
N LEU C 630 12.63 12.27 -0.37
CA LEU C 630 14.00 11.78 -0.46
C LEU C 630 14.49 11.26 0.88
N SER C 631 13.98 11.81 1.97
CA SER C 631 14.53 11.50 3.29
C SER C 631 14.05 10.12 3.77
N LYS C 632 12.83 9.74 3.42
CA LYS C 632 12.25 8.51 3.93
C LYS C 632 12.49 7.31 3.03
N GLN C 633 13.05 7.50 1.85
CA GLN C 633 13.04 6.49 0.81
C GLN C 633 14.47 6.28 0.30
N THR C 634 14.99 5.08 0.56
CA THR C 634 16.43 4.86 0.49
C THR C 634 16.80 3.75 -0.49
N GLU C 635 16.26 3.80 -1.71
CA GLU C 635 16.90 3.07 -2.80
C GLU C 635 17.53 4.02 -3.80
N ILE C 636 17.30 5.32 -3.65
CA ILE C 636 17.85 6.34 -4.53
C ILE C 636 18.83 7.19 -3.74
N ALA C 637 20.09 7.21 -4.17
CA ALA C 637 21.12 7.97 -3.50
C ALA C 637 21.07 9.42 -3.94
N TYR C 638 21.45 10.32 -3.04
CA TYR C 638 21.47 11.75 -3.33
C TYR C 638 22.68 12.39 -2.68
N GLY C 639 23.29 13.35 -3.37
CA GLY C 639 24.48 13.99 -2.87
C GLY C 639 24.64 15.38 -3.47
N THR C 640 25.58 16.13 -2.90
CA THR C 640 25.84 17.51 -3.29
C THR C 640 27.26 17.62 -3.81
N LEU C 641 27.70 18.86 -4.02
CA LEU C 641 29.07 19.10 -4.43
C LEU C 641 29.96 19.05 -3.18
N ASP C 642 31.26 18.81 -3.40
CA ASP C 642 32.15 18.45 -2.30
C ASP C 642 32.51 19.65 -1.43
N SER C 643 32.50 20.85 -1.99
CA SER C 643 32.89 22.04 -1.25
C SER C 643 32.16 23.25 -1.78
N GLY C 644 31.26 23.80 -0.98
CA GLY C 644 30.50 24.96 -1.38
C GLY C 644 29.46 25.30 -0.33
N SER C 645 28.60 26.25 -0.69
CA SER C 645 27.59 26.72 0.24
C SER C 645 26.42 25.74 0.34
N THR C 646 26.28 24.86 -0.65
CA THR C 646 25.21 23.87 -0.61
C THR C 646 25.49 22.81 0.44
N LYS C 647 26.76 22.39 0.56
CA LYS C 647 27.14 21.43 1.57
C LYS C 647 27.10 22.05 2.97
N GLU C 648 27.49 23.31 3.08
CA GLU C 648 27.51 23.97 4.38
C GLU C 648 26.11 24.27 4.89
N PHE C 649 25.11 24.24 4.00
CA PHE C 649 23.73 24.40 4.43
C PHE C 649 23.25 23.18 5.20
N PHE C 650 23.58 21.99 4.72
CA PHE C 650 23.10 20.78 5.38
C PHE C 650 23.89 20.47 6.65
N ARG C 651 25.08 21.05 6.78
CA ARG C 651 25.91 20.78 7.94
C ARG C 651 25.34 21.44 9.19
N ARG C 652 25.20 22.77 9.15
CA ARG C 652 24.81 23.51 10.34
C ARG C 652 23.31 23.62 10.51
N SER C 653 22.51 22.92 9.72
CA SER C 653 21.07 23.06 9.80
C SER C 653 20.52 22.35 11.03
N LYS C 654 19.40 22.85 11.53
CA LYS C 654 18.73 22.29 12.69
C LYS C 654 17.29 21.89 12.40
N ILE C 655 16.86 21.96 11.15
CA ILE C 655 15.53 21.49 10.76
C ILE C 655 15.55 19.97 10.79
N ALA C 656 14.46 19.37 11.28
CA ALA C 656 14.43 17.93 11.50
C ALA C 656 14.42 17.16 10.20
N VAL C 657 13.90 17.76 9.13
CA VAL C 657 13.92 17.11 7.83
C VAL C 657 15.34 17.11 7.27
N PHE C 658 16.09 18.18 7.54
CA PHE C 658 17.40 18.33 6.92
C PHE C 658 18.49 17.69 7.75
N ASP C 659 18.22 17.46 9.05
CA ASP C 659 19.13 16.68 9.88
C ASP C 659 19.21 15.24 9.41
N LYS C 660 18.09 14.68 8.98
CA LYS C 660 18.07 13.28 8.57
C LYS C 660 18.73 13.11 7.20
N MET C 661 18.73 14.17 6.39
CA MET C 661 19.39 14.09 5.09
C MET C 661 20.90 14.19 5.22
N TRP C 662 21.39 14.96 6.20
CA TRP C 662 22.84 15.05 6.38
C TRP C 662 23.38 13.81 7.10
N THR C 663 22.52 13.13 7.86
CA THR C 663 22.92 11.89 8.50
C THR C 663 23.18 10.81 7.46
N TYR C 664 22.38 10.79 6.39
CA TYR C 664 22.58 9.83 5.32
C TYR C 664 23.82 10.17 4.49
N MET C 665 24.02 11.44 4.17
CA MET C 665 25.11 11.81 3.28
C MET C 665 26.46 11.76 4.00
N ARG C 666 26.45 11.84 5.33
CA ARG C 666 27.69 11.71 6.07
C ARG C 666 28.23 10.28 6.01
N SER C 667 27.41 9.33 6.42
CA SER C 667 27.80 7.92 6.47
C SER C 667 27.19 7.20 5.27
N ALA C 668 27.91 7.24 4.15
CA ALA C 668 27.46 6.57 2.94
C ALA C 668 28.66 6.06 2.17
N GLU C 669 28.59 4.79 1.76
CA GLU C 669 29.66 4.14 1.02
C GLU C 669 29.08 3.61 -0.29
N PRO C 670 29.65 3.99 -1.45
CA PRO C 670 30.77 4.90 -1.67
C PRO C 670 30.38 6.38 -1.59
N SER C 671 31.22 7.25 -2.14
CA SER C 671 31.01 8.69 -2.00
C SER C 671 29.84 9.15 -2.85
N VAL C 672 28.94 9.92 -2.24
CA VAL C 672 27.87 10.57 -2.99
C VAL C 672 28.30 11.97 -3.41
N PHE C 673 29.32 12.51 -2.76
CA PHE C 673 29.80 13.84 -3.12
C PHE C 673 30.61 13.80 -4.40
N VAL C 674 30.36 14.75 -5.29
CA VAL C 674 31.09 14.85 -6.55
C VAL C 674 32.01 16.06 -6.47
N ARG C 675 32.93 16.13 -7.44
CA ARG C 675 33.96 17.16 -7.37
C ARG C 675 33.52 18.45 -8.05
N THR C 676 32.74 18.36 -9.12
CA THR C 676 32.32 19.55 -9.85
C THR C 676 30.88 19.38 -10.32
N THR C 677 30.38 20.42 -11.00
CA THR C 677 29.00 20.42 -11.46
C THR C 677 28.80 19.48 -12.64
N ALA C 678 29.76 19.47 -13.58
CA ALA C 678 29.63 18.63 -14.76
C ALA C 678 29.74 17.15 -14.41
N GLU C 679 30.50 16.82 -13.36
CA GLU C 679 30.55 15.45 -12.88
C GLU C 679 29.25 15.06 -12.18
N GLY C 680 28.60 16.03 -11.53
CA GLY C 680 27.36 15.72 -10.83
C GLY C 680 26.19 15.52 -11.77
N VAL C 681 26.19 16.22 -12.90
CA VAL C 681 25.16 16.00 -13.90
C VAL C 681 25.39 14.68 -14.62
N ALA C 682 26.66 14.32 -14.82
CA ALA C 682 26.99 13.13 -15.58
C ALA C 682 26.64 11.85 -14.81
N ARG C 683 26.59 11.92 -13.49
CA ARG C 683 26.17 10.76 -12.72
C ARG C 683 24.66 10.57 -12.81
N VAL C 684 23.91 11.66 -12.95
CA VAL C 684 22.44 11.57 -13.02
C VAL C 684 22.02 10.93 -14.33
N ARG C 685 22.72 11.24 -15.42
CA ARG C 685 22.28 10.81 -16.75
C ARG C 685 22.56 9.33 -16.97
N LYS C 686 23.47 8.73 -16.22
CA LYS C 686 23.89 7.37 -16.50
C LYS C 686 23.50 6.37 -15.42
N SER C 687 22.99 6.81 -14.28
CA SER C 687 22.68 5.89 -13.19
C SER C 687 21.26 5.35 -13.24
N LYS C 688 20.57 5.50 -14.39
CA LYS C 688 19.28 4.86 -14.66
C LYS C 688 18.19 5.26 -13.67
N GLY C 689 18.26 6.49 -13.18
CA GLY C 689 17.26 6.97 -12.26
C GLY C 689 17.46 6.57 -10.81
N LYS C 690 18.69 6.24 -10.42
CA LYS C 690 19.00 5.86 -9.05
C LYS C 690 19.74 6.93 -8.28
N TYR C 691 20.05 8.07 -8.92
CA TYR C 691 20.83 9.13 -8.29
C TYR C 691 20.14 10.47 -8.51
N ALA C 692 20.16 11.31 -7.48
CA ALA C 692 19.57 12.64 -7.51
C ALA C 692 20.62 13.64 -7.05
N TYR C 693 20.58 14.85 -7.59
CA TYR C 693 21.62 15.84 -7.35
C TYR C 693 21.00 17.14 -6.84
N LEU C 694 21.70 17.79 -5.91
CA LEU C 694 21.20 18.99 -5.25
C LEU C 694 22.06 20.18 -5.64
N LEU C 695 21.45 21.19 -6.26
CA LEU C 695 22.21 22.32 -6.79
C LEU C 695 21.34 23.57 -6.73
N GLU C 696 21.85 24.67 -7.28
CA GLU C 696 21.15 25.94 -7.28
C GLU C 696 19.92 25.88 -8.16
N SER C 697 18.98 26.80 -7.93
CA SER C 697 17.70 26.74 -8.62
C SER C 697 17.80 27.23 -10.06
N THR C 698 18.76 28.10 -10.34
CA THR C 698 18.82 28.70 -11.67
C THR C 698 19.65 27.85 -12.63
N MET C 699 20.67 27.15 -12.13
CA MET C 699 21.39 26.21 -12.98
C MET C 699 20.57 24.97 -13.25
N ASN C 700 19.66 24.63 -12.35
CA ASN C 700 18.79 23.48 -12.56
C ASN C 700 17.79 23.75 -13.67
N GLU C 701 17.36 25.00 -13.79
CA GLU C 701 16.39 25.34 -14.82
C GLU C 701 17.07 25.61 -16.15
N TYR C 702 18.38 25.81 -16.14
CA TYR C 702 19.09 26.07 -17.40
C TYR C 702 19.55 24.77 -18.05
N ILE C 703 19.98 23.79 -17.24
CA ILE C 703 20.40 22.50 -17.78
C ILE C 703 19.20 21.74 -18.33
N GLU C 704 18.02 21.99 -17.76
CA GLU C 704 16.80 21.32 -18.20
C GLU C 704 16.40 21.73 -19.61
N GLN C 705 16.81 22.93 -20.03
CA GLN C 705 16.49 23.43 -21.36
C GLN C 705 17.64 23.25 -22.36
N ARG C 706 18.45 22.21 -22.21
CA ARG C 706 19.55 21.94 -23.12
C ARG C 706 19.53 20.49 -23.56
N LYS C 707 20.11 20.23 -24.73
CA LYS C 707 20.19 18.87 -25.22
C LYS C 707 21.18 18.07 -24.38
N PRO C 708 20.95 16.76 -24.18
CA PRO C 708 19.93 15.85 -24.74
C PRO C 708 18.55 15.85 -24.08
N CYS C 709 18.24 16.84 -23.24
CA CYS C 709 16.89 17.04 -22.68
C CYS C 709 16.42 15.85 -21.85
N ASP C 710 17.23 15.42 -20.88
CA ASP C 710 16.95 14.20 -20.12
C ASP C 710 16.96 14.40 -18.62
N THR C 711 16.87 15.64 -18.14
CA THR C 711 16.81 15.93 -16.71
C THR C 711 15.57 16.75 -16.42
N MET C 712 15.15 16.74 -15.16
CA MET C 712 13.91 17.37 -14.75
C MET C 712 14.04 17.89 -13.32
N LYS C 713 13.45 19.06 -13.08
CA LYS C 713 13.42 19.70 -11.77
C LYS C 713 12.11 19.37 -11.05
N VAL C 714 12.21 18.88 -9.82
CA VAL C 714 11.05 18.50 -9.03
C VAL C 714 11.06 19.29 -7.72
N GLY C 715 9.88 19.43 -7.12
CA GLY C 715 9.77 20.03 -5.81
C GLY C 715 9.87 21.54 -5.83
N GLY C 716 9.97 22.09 -4.63
CA GLY C 716 10.14 23.52 -4.45
C GLY C 716 11.48 23.81 -3.83
N ASN C 717 11.82 25.09 -3.66
CA ASN C 717 13.12 25.46 -3.14
C ASN C 717 13.22 25.14 -1.65
N LEU C 718 14.44 24.90 -1.18
CA LEU C 718 14.62 24.53 0.21
C LEU C 718 14.92 25.74 1.09
N ASP C 719 15.57 26.76 0.52
CA ASP C 719 15.81 28.01 1.23
C ASP C 719 15.57 29.19 0.31
N SER C 720 15.99 30.37 0.73
CA SER C 720 15.79 31.60 -0.03
C SER C 720 17.04 32.45 0.02
N LYS C 721 17.53 32.85 -1.15
CA LYS C 721 18.69 33.71 -1.26
C LYS C 721 18.38 34.80 -2.27
N GLY C 722 19.39 35.59 -2.63
CA GLY C 722 19.21 36.63 -3.61
C GLY C 722 20.52 37.01 -4.28
N TYR C 723 20.40 37.60 -5.46
CA TYR C 723 21.53 38.15 -6.20
C TYR C 723 21.37 39.66 -6.27
N GLY C 724 22.48 40.39 -6.15
CA GLY C 724 22.40 41.84 -6.09
C GLY C 724 23.56 42.52 -6.78
N ILE C 725 23.33 43.79 -7.12
CA ILE C 725 24.39 44.65 -7.64
C ILE C 725 25.21 45.18 -6.46
N ALA C 726 26.53 45.15 -6.59
CA ALA C 726 27.41 45.54 -5.50
C ALA C 726 28.28 46.71 -5.92
N THR C 727 28.39 47.70 -5.04
CA THR C 727 29.19 48.91 -5.18
C THR C 727 30.08 49.05 -3.95
N PRO C 728 31.18 49.82 -4.03
CA PRO C 728 31.98 50.06 -2.82
C PRO C 728 31.22 50.88 -1.79
N LYS C 729 31.60 50.72 -0.53
CA LYS C 729 30.91 51.41 0.54
C LYS C 729 31.24 52.89 0.53
N GLY C 730 30.20 53.71 0.56
CA GLY C 730 30.41 55.14 0.41
C GLY C 730 30.74 55.55 -1.01
N SER C 731 29.78 55.43 -1.91
CA SER C 731 29.95 55.84 -3.29
C SER C 731 28.73 56.62 -3.75
N SER C 732 28.90 57.38 -4.84
CA SER C 732 27.79 58.17 -5.36
C SER C 732 26.85 57.32 -6.19
N LEU C 733 27.26 56.09 -6.53
CA LEU C 733 26.39 55.21 -7.30
C LEU C 733 25.54 54.32 -6.40
N GLY C 734 25.50 54.61 -5.09
CA GLY C 734 24.77 53.73 -4.20
C GLY C 734 23.27 53.84 -4.33
N THR C 735 22.75 55.06 -4.27
CA THR C 735 21.30 55.25 -4.38
C THR C 735 20.72 55.20 -5.79
N PRO C 736 21.34 55.72 -6.87
CA PRO C 736 20.65 55.60 -8.18
C PRO C 736 20.63 54.20 -8.75
N VAL C 737 21.53 53.32 -8.33
CA VAL C 737 21.46 51.93 -8.76
C VAL C 737 20.31 51.22 -8.06
N ASN C 738 20.09 51.54 -6.78
CA ASN C 738 19.05 50.87 -6.01
C ASN C 738 17.66 51.26 -6.47
N LEU C 739 17.50 52.47 -6.99
CA LEU C 739 16.20 52.88 -7.51
C LEU C 739 15.99 52.34 -8.92
N ALA C 740 17.07 52.03 -9.63
CA ALA C 740 16.94 51.52 -10.98
C ALA C 740 16.52 50.06 -10.98
N VAL C 741 16.92 49.31 -9.95
CA VAL C 741 16.54 47.89 -9.87
C VAL C 741 15.06 47.76 -9.55
N LEU C 742 14.56 48.63 -8.66
CA LEU C 742 13.14 48.59 -8.31
C LEU C 742 12.27 49.10 -9.46
N LYS C 743 12.82 49.94 -10.32
CA LYS C 743 12.05 50.42 -11.46
C LYS C 743 11.97 49.35 -12.55
N LEU C 744 13.05 48.60 -12.76
CA LEU C 744 13.03 47.54 -13.76
C LEU C 744 12.17 46.38 -13.30
N SER C 745 12.06 46.17 -11.99
CA SER C 745 11.32 45.02 -11.48
C SER C 745 9.81 45.23 -11.61
N GLU C 746 9.37 46.48 -11.61
CA GLU C 746 7.94 46.76 -11.67
C GLU C 746 7.44 46.95 -13.09
N GLN C 747 8.31 47.23 -14.05
CA GLN C 747 7.94 47.31 -15.45
C GLN C 747 8.05 45.96 -16.14
N GLY C 748 8.35 44.89 -15.41
CA GLY C 748 8.45 43.57 -15.98
C GLY C 748 9.65 43.36 -16.86
N VAL C 749 10.66 44.22 -16.80
CA VAL C 749 11.80 44.08 -17.69
C VAL C 749 12.76 43.01 -17.20
N LEU C 750 12.80 42.78 -15.89
CA LEU C 750 13.63 41.70 -15.37
C LEU C 750 13.03 40.34 -15.67
N ASP C 751 11.70 40.27 -15.76
CA ASP C 751 11.06 39.01 -16.12
C ASP C 751 11.09 38.79 -17.63
N LYS C 752 11.31 39.86 -18.40
CA LYS C 752 11.39 39.71 -19.85
C LYS C 752 12.75 39.15 -20.27
N LEU C 753 13.82 39.59 -19.59
CA LEU C 753 15.15 39.12 -19.94
C LEU C 753 15.36 37.67 -19.52
N LYS C 754 14.67 37.22 -18.46
CA LYS C 754 14.82 35.84 -18.04
C LYS C 754 14.14 34.89 -19.00
N ASN C 755 13.04 35.32 -19.62
CA ASN C 755 12.37 34.48 -20.61
C ASN C 755 13.19 34.37 -21.88
N LYS C 756 14.06 35.34 -22.14
CA LYS C 756 14.75 35.39 -23.42
C LYS C 756 15.96 34.47 -23.39
N TRP C 757 16.69 34.42 -22.27
CA TRP C 757 17.92 33.64 -22.23
C TRP C 757 17.69 32.22 -21.74
N TRP C 758 16.69 32.02 -20.88
CA TRP C 758 16.46 30.69 -20.33
C TRP C 758 15.56 29.84 -21.22
N TYR C 759 14.58 30.46 -21.89
CA TYR C 759 13.59 29.65 -22.60
C TYR C 759 13.63 29.86 -24.11
N ASP C 760 13.82 31.10 -24.57
CA ASP C 760 13.78 31.35 -26.01
C ASP C 760 15.02 30.85 -26.71
N LYS C 761 16.15 30.80 -26.02
CA LYS C 761 17.29 30.05 -26.52
C LYS C 761 17.29 28.60 -26.06
N GLY C 762 16.11 28.04 -25.76
CA GLY C 762 16.03 26.68 -25.26
C GLY C 762 16.01 25.68 -26.40
N GLU C 763 16.85 24.65 -26.28
CA GLU C 763 16.91 23.62 -27.31
C GLU C 763 15.85 22.57 -27.10
N CYS C 764 15.40 22.40 -25.86
CA CYS C 764 14.28 21.49 -25.55
C CYS C 764 12.97 22.23 -25.83
N GLY C 765 12.65 22.34 -27.11
CA GLY C 765 11.57 23.20 -27.57
C GLY C 765 10.18 22.78 -27.11
N ALA C 766 9.60 23.60 -26.22
CA ALA C 766 8.28 23.39 -25.62
C ALA C 766 8.17 22.02 -24.94
N LYS C 767 9.18 21.71 -24.12
CA LYS C 767 9.20 20.43 -23.41
C LYS C 767 8.14 20.37 -22.32
N ASP C 768 7.73 21.55 -21.80
CA ASP C 768 6.78 21.59 -20.69
C ASP C 768 5.38 21.17 -21.12
N SER C 769 5.10 21.19 -22.43
CA SER C 769 3.81 20.71 -22.92
C SER C 769 3.71 19.20 -22.82
N GLY C 770 4.85 18.50 -22.89
CA GLY C 770 4.82 17.04 -22.88
C GLY C 770 4.65 16.45 -21.50
N SER C 771 4.72 17.29 -20.46
CA SER C 771 4.65 16.79 -19.09
C SER C 771 3.20 16.64 -18.62
N LYS C 772 2.24 17.02 -19.45
CA LYS C 772 0.85 17.10 -18.98
C LYS C 772 0.15 15.75 -19.04
N GLU C 773 0.44 14.96 -20.06
CA GLU C 773 -0.36 13.76 -20.35
C GLU C 773 -0.04 12.64 -19.38
N LYS C 774 -1.09 12.05 -18.80
CA LYS C 774 -0.94 10.95 -17.86
C LYS C 774 -2.26 10.18 -17.79
N THR C 775 -2.19 8.87 -18.01
CA THR C 775 -3.36 8.00 -17.91
C THR C 775 -2.89 6.58 -17.61
N SER C 776 -3.84 5.73 -17.24
CA SER C 776 -3.55 4.35 -16.89
C SER C 776 -4.70 3.45 -17.33
N ALA C 777 -4.47 2.68 -18.38
CA ALA C 777 -5.37 1.66 -18.88
C ALA C 777 -4.55 0.73 -19.77
N LEU C 778 -5.13 -0.40 -20.14
CA LEU C 778 -4.45 -1.25 -21.10
C LEU C 778 -4.54 -0.64 -22.49
N SER C 779 -3.46 -0.73 -23.24
CA SER C 779 -3.39 -0.26 -24.61
C SER C 779 -3.02 -1.42 -25.52
N LEU C 780 -2.85 -1.11 -26.81
CA LEU C 780 -2.52 -2.16 -27.77
C LEU C 780 -1.10 -2.67 -27.60
N SER C 781 -0.23 -1.90 -26.96
CA SER C 781 1.13 -2.37 -26.73
C SER C 781 1.18 -3.48 -25.69
N ASN C 782 0.19 -3.51 -24.78
CA ASN C 782 0.18 -4.54 -23.76
C ASN C 782 -0.33 -5.87 -24.29
N VAL C 783 -1.31 -5.83 -25.18
CA VAL C 783 -1.98 -7.03 -25.66
C VAL C 783 -1.77 -7.23 -27.17
N ALA C 784 -0.62 -6.84 -27.70
CA ALA C 784 -0.37 -6.96 -29.12
C ALA C 784 -0.20 -8.41 -29.57
N GLY C 785 0.37 -9.26 -28.71
CA GLY C 785 0.68 -10.61 -29.12
C GLY C 785 -0.56 -11.50 -29.18
N VAL C 786 -1.64 -11.06 -28.55
CA VAL C 786 -2.88 -11.84 -28.61
C VAL C 786 -3.51 -11.68 -29.98
N PHE C 787 -3.38 -10.50 -30.58
CA PHE C 787 -3.91 -10.28 -31.93
C PHE C 787 -3.03 -10.97 -32.98
N TYR C 788 -1.75 -11.15 -32.69
CA TYR C 788 -0.87 -11.81 -33.65
C TYR C 788 -1.15 -13.31 -33.73
N ILE C 789 -1.56 -13.90 -32.61
CA ILE C 789 -1.95 -15.31 -32.61
C ILE C 789 -3.28 -15.48 -33.34
N LEU C 790 -4.16 -14.48 -33.23
CA LEU C 790 -5.46 -14.55 -33.89
C LEU C 790 -5.33 -14.45 -35.40
N VAL C 791 -4.44 -13.57 -35.87
CA VAL C 791 -4.21 -13.44 -37.31
C VAL C 791 -3.49 -14.68 -37.85
N GLY C 792 -2.52 -15.18 -37.10
CA GLY C 792 -1.78 -16.36 -37.54
C GLY C 792 -2.62 -17.62 -37.51
N GLY C 793 -3.64 -17.66 -36.66
CA GLY C 793 -4.53 -18.81 -36.65
C GLY C 793 -5.49 -18.82 -37.81
N LEU C 794 -5.93 -17.63 -38.25
CA LEU C 794 -6.81 -17.56 -39.40
C LEU C 794 -6.05 -17.83 -40.69
N GLY C 795 -4.77 -17.46 -40.74
CA GLY C 795 -3.98 -17.71 -41.93
C GLY C 795 -3.65 -19.18 -42.10
N LEU C 796 -3.56 -19.91 -40.99
CA LEU C 796 -3.30 -21.34 -41.06
C LEU C 796 -4.55 -22.09 -41.53
N ALA C 797 -5.73 -21.59 -41.16
CA ALA C 797 -6.97 -22.27 -41.55
C ALA C 797 -7.25 -22.11 -43.03
N MET C 798 -6.74 -21.05 -43.65
CA MET C 798 -6.82 -20.91 -45.10
C MET C 798 -5.98 -21.97 -45.80
N LEU C 799 -4.83 -22.31 -45.22
CA LEU C 799 -3.94 -23.27 -45.85
C LEU C 799 -4.47 -24.69 -45.71
N VAL C 800 -5.09 -25.01 -44.56
CA VAL C 800 -5.59 -26.36 -44.34
C VAL C 800 -6.85 -26.60 -45.16
N ALA C 801 -7.66 -25.56 -45.35
CA ALA C 801 -8.86 -25.68 -46.17
C ALA C 801 -8.50 -25.84 -47.65
N LEU C 802 -7.34 -25.33 -48.04
CA LEU C 802 -6.96 -25.37 -49.45
C LEU C 802 -6.38 -26.72 -49.82
N ILE C 803 -5.47 -27.25 -49.01
CA ILE C 803 -4.77 -28.48 -49.38
C ILE C 803 -5.67 -29.68 -49.21
N GLU C 804 -6.63 -29.61 -48.29
CA GLU C 804 -7.57 -30.71 -48.14
C GLU C 804 -8.66 -30.64 -49.20
N PHE C 805 -8.84 -29.48 -49.83
CA PHE C 805 -9.76 -29.37 -50.94
C PHE C 805 -9.22 -30.11 -52.16
N CYS C 806 -7.92 -30.00 -52.41
CA CYS C 806 -7.31 -30.70 -53.55
C CYS C 806 -7.09 -32.17 -53.22
N TYR C 807 -7.05 -32.53 -51.95
CA TYR C 807 -6.81 -33.92 -51.57
C TYR C 807 -8.06 -34.76 -51.73
N LYS C 808 -9.24 -34.17 -51.51
CA LYS C 808 -10.48 -34.93 -51.67
C LYS C 808 -10.86 -35.08 -53.12
N SER C 809 -10.53 -34.08 -53.95
CA SER C 809 -10.87 -34.14 -55.37
C SER C 809 -10.01 -35.15 -56.11
N ARG C 810 -8.79 -35.38 -55.62
CA ARG C 810 -7.91 -36.35 -56.26
C ARG C 810 -8.35 -37.77 -55.92
N ALA C 811 -8.89 -37.98 -54.72
CA ALA C 811 -9.28 -39.33 -54.31
C ALA C 811 -10.56 -39.77 -54.99
N GLU C 812 -11.46 -38.83 -55.29
CA GLU C 812 -12.72 -39.18 -55.93
C GLU C 812 -12.52 -39.54 -57.39
N ALA C 813 -11.75 -38.74 -58.12
CA ALA C 813 -11.49 -38.99 -59.54
C ALA C 813 -10.34 -39.97 -59.71
N ALA C 822 -4.33 -53.65 -48.41
CA ALA C 822 -3.77 -53.20 -47.13
C ALA C 822 -2.79 -52.04 -47.33
N CYS C 823 -3.21 -51.03 -48.08
CA CYS C 823 -2.36 -49.86 -48.30
C CYS C 823 -2.26 -49.01 -47.04
N GLY C 824 -3.39 -48.76 -46.39
CA GLY C 824 -3.35 -48.01 -45.14
C GLY C 824 -2.80 -48.83 -43.99
N ARG C 825 -2.90 -50.16 -44.08
CA ARG C 825 -2.34 -51.03 -43.05
C ARG C 825 -0.83 -51.09 -43.15
N LYS C 826 -0.29 -51.03 -44.37
CA LYS C 826 1.16 -51.11 -44.53
C LYS C 826 1.81 -49.79 -44.15
N ALA C 827 1.15 -48.66 -44.46
CA ALA C 827 1.70 -47.36 -44.11
C ALA C 827 1.62 -47.12 -42.60
N LEU C 828 0.59 -47.65 -41.95
CA LEU C 828 0.47 -47.52 -40.50
C LEU C 828 1.47 -48.43 -39.80
N THR C 829 1.85 -49.54 -40.45
CA THR C 829 2.84 -50.43 -39.89
C THR C 829 4.22 -49.79 -39.87
N LEU C 830 4.60 -49.13 -40.96
CA LEU C 830 5.94 -48.59 -41.08
C LEU C 830 6.08 -47.29 -40.28
N LEU C 831 5.00 -46.51 -40.17
CA LEU C 831 5.07 -45.28 -39.38
C LEU C 831 5.14 -45.57 -37.89
N SER C 832 4.60 -46.71 -37.46
CA SER C 832 4.64 -47.07 -36.05
C SER C 832 6.05 -47.48 -35.63
N SER C 833 6.83 -48.02 -36.57
CA SER C 833 8.15 -48.55 -36.21
C SER C 833 9.21 -47.46 -36.21
N VAL C 834 9.10 -46.50 -37.12
CA VAL C 834 10.09 -45.42 -37.21
C VAL C 834 10.00 -44.50 -36.00
N PHE C 835 8.77 -44.23 -35.53
CA PHE C 835 8.59 -43.42 -34.33
C PHE C 835 9.06 -44.15 -33.08
N ALA C 836 8.98 -45.48 -33.09
CA ALA C 836 9.41 -46.25 -31.93
C ALA C 836 10.93 -46.28 -31.79
N VAL C 837 11.64 -46.43 -32.91
CA VAL C 837 13.11 -46.43 -32.88
C VAL C 837 13.63 -45.05 -32.52
N CYS C 838 13.00 -44.01 -33.06
CA CYS C 838 13.35 -42.63 -32.70
C CYS C 838 12.95 -42.33 -31.25
N GLY C 839 11.92 -43.01 -30.74
CA GLY C 839 11.55 -42.82 -29.34
C GLY C 839 12.54 -43.45 -28.38
N LEU C 840 13.08 -44.61 -28.74
CA LEU C 840 14.06 -45.27 -27.89
C LEU C 840 15.42 -44.58 -27.96
N GLY C 841 15.81 -44.15 -29.16
CA GLY C 841 17.16 -43.63 -29.34
C GLY C 841 17.35 -42.23 -28.77
N LEU C 842 16.27 -41.44 -28.73
CA LEU C 842 16.40 -40.07 -28.25
C LEU C 842 16.46 -40.02 -26.73
N LEU C 843 15.76 -40.93 -26.05
CA LEU C 843 15.89 -40.98 -24.60
C LEU C 843 17.18 -41.68 -24.18
N GLY C 844 17.65 -42.63 -24.99
CA GLY C 844 18.87 -43.35 -24.66
C GLY C 844 20.10 -42.47 -24.72
N ILE C 845 20.08 -41.49 -25.62
CA ILE C 845 21.18 -40.51 -25.66
C ILE C 845 21.10 -39.57 -24.46
N ALA C 846 19.88 -39.21 -24.05
CA ALA C 846 19.69 -38.16 -23.06
C ALA C 846 20.07 -38.63 -21.66
N VAL C 847 19.88 -39.91 -21.36
CA VAL C 847 20.24 -40.42 -20.05
C VAL C 847 21.75 -40.58 -19.93
N SER C 848 22.41 -40.99 -21.01
CA SER C 848 23.85 -41.23 -20.98
C SER C 848 24.63 -39.92 -20.88
N THR C 849 24.23 -38.91 -21.64
CA THR C 849 24.94 -37.64 -21.60
C THR C 849 24.57 -36.85 -20.35
N ASP C 850 25.28 -35.75 -20.14
CA ASP C 850 25.13 -34.94 -18.95
C ASP C 850 25.06 -33.44 -19.23
N TYR C 851 24.45 -33.04 -20.33
CA TYR C 851 24.22 -31.61 -20.62
C TYR C 851 22.75 -31.26 -20.35
N TRP C 852 22.42 -31.21 -19.06
CA TRP C 852 21.05 -30.98 -18.61
C TRP C 852 20.83 -29.56 -18.09
N LEU C 853 21.62 -29.12 -17.13
CA LEU C 853 21.39 -27.85 -16.45
C LEU C 853 22.68 -27.05 -16.38
N TYR C 854 22.61 -25.79 -16.79
CA TYR C 854 23.71 -24.84 -16.70
C TYR C 854 23.48 -23.96 -15.50
N LEU C 855 24.54 -23.70 -14.73
CA LEU C 855 24.46 -22.82 -13.56
C LEU C 855 25.64 -21.88 -13.56
N GLU C 856 25.36 -20.57 -13.48
CA GLU C 856 26.41 -19.57 -13.41
C GLU C 856 26.18 -18.69 -12.20
N GLU C 857 27.25 -18.44 -11.45
CA GLU C 857 27.23 -17.58 -10.29
C GLU C 857 28.33 -16.54 -10.44
N GLY C 858 28.02 -15.29 -10.15
CA GLY C 858 28.98 -14.23 -10.33
C GLY C 858 28.74 -13.09 -9.38
N ILE C 859 29.57 -12.05 -9.53
CA ILE C 859 29.48 -10.83 -8.72
C ILE C 859 29.61 -9.64 -9.65
N ILE C 860 28.84 -8.60 -9.40
CA ILE C 860 28.87 -7.42 -10.26
C ILE C 860 30.03 -6.51 -9.87
N LEU C 861 30.31 -5.54 -10.74
CA LEU C 861 31.20 -4.44 -10.43
C LEU C 861 30.40 -3.15 -10.45
N PRO C 862 30.25 -2.45 -9.33
CA PRO C 862 29.38 -1.26 -9.30
C PRO C 862 30.01 -0.07 -10.00
N GLN C 863 29.15 0.83 -10.46
CA GLN C 863 29.45 2.09 -11.15
C GLN C 863 30.27 1.89 -12.43
N ASN C 864 30.21 0.72 -13.06
CA ASN C 864 30.93 0.47 -14.29
C ASN C 864 30.12 -0.33 -15.29
N GLN C 865 28.99 -0.92 -14.86
CA GLN C 865 28.12 -1.78 -15.67
C GLN C 865 28.92 -2.95 -16.27
N SER C 866 29.40 -3.82 -15.39
CA SER C 866 30.16 -4.99 -15.79
C SER C 866 30.02 -6.07 -14.72
N THR C 867 29.97 -7.32 -15.17
CA THR C 867 29.82 -8.46 -14.28
C THR C 867 31.01 -9.39 -14.44
N GLU C 868 31.45 -9.98 -13.33
CA GLU C 868 32.56 -10.92 -13.32
C GLU C 868 32.10 -12.22 -12.70
N VAL C 869 32.20 -13.31 -13.47
CA VAL C 869 31.76 -14.61 -12.99
C VAL C 869 32.76 -15.16 -11.99
N LYS C 870 32.33 -16.13 -11.19
CA LYS C 870 33.25 -16.85 -10.31
C LYS C 870 33.21 -18.36 -10.55
N MET C 871 32.11 -18.87 -11.09
CA MET C 871 31.92 -20.32 -11.19
C MET C 871 30.86 -20.59 -12.24
N SER C 872 31.05 -21.68 -12.98
CA SER C 872 30.11 -22.14 -13.98
C SER C 872 30.30 -23.64 -14.19
N LEU C 873 29.21 -24.33 -14.53
CA LEU C 873 29.26 -25.77 -14.76
C LEU C 873 28.04 -26.21 -15.54
N HIS C 874 28.10 -27.45 -16.00
CA HIS C 874 26.94 -28.16 -16.54
C HIS C 874 26.82 -29.49 -15.82
N SER C 875 25.59 -29.93 -15.60
CA SER C 875 25.33 -31.10 -14.77
C SER C 875 24.46 -32.11 -15.49
N GLY C 876 24.50 -33.34 -14.99
CA GLY C 876 23.66 -34.41 -15.47
C GLY C 876 23.09 -35.20 -14.31
N LEU C 877 22.66 -36.44 -14.55
CA LEU C 877 22.07 -37.23 -13.47
C LEU C 877 23.13 -37.91 -12.64
N TRP C 878 24.32 -38.11 -13.18
CA TRP C 878 25.39 -38.77 -12.43
C TRP C 878 26.75 -38.11 -12.54
N ARG C 879 26.97 -37.20 -13.48
CA ARG C 879 28.28 -36.63 -13.73
C ARG C 879 28.20 -35.12 -13.81
N VAL C 880 29.16 -34.46 -13.17
CA VAL C 880 29.26 -33.01 -13.15
C VAL C 880 30.62 -32.62 -13.72
N CYS C 881 30.63 -31.73 -14.70
CA CYS C 881 31.87 -31.22 -15.29
C CYS C 881 31.87 -29.71 -15.25
N PHE C 882 32.89 -29.13 -14.63
CA PHE C 882 32.99 -27.68 -14.45
C PHE C 882 33.44 -27.05 -15.75
N LEU C 883 32.70 -26.03 -16.21
CA LEU C 883 33.12 -25.30 -17.41
C LEU C 883 34.08 -24.18 -17.06
N ALA C 884 33.85 -23.52 -15.92
CA ALA C 884 34.73 -22.45 -15.45
C ALA C 884 35.20 -22.67 -14.01
N GLY C 885 34.83 -23.80 -13.41
CA GLY C 885 35.32 -24.14 -12.08
C GLY C 885 36.79 -24.50 -12.12
N GLU C 886 37.61 -23.72 -11.40
CA GLU C 886 39.08 -23.78 -11.40
C GLU C 886 39.65 -23.58 -12.82
N GLU C 887 38.91 -22.80 -13.64
CA GLU C 887 39.13 -22.56 -15.09
C GLU C 887 39.58 -23.81 -15.85
N ARG C 888 38.94 -24.95 -15.53
CA ARG C 888 39.41 -26.25 -15.96
C ARG C 888 38.22 -27.18 -16.15
N GLY C 889 38.29 -28.01 -17.18
CA GLY C 889 37.29 -29.02 -17.47
C GLY C 889 37.33 -30.24 -16.58
N ARG C 890 37.45 -30.08 -15.26
CA ARG C 890 37.50 -31.19 -14.33
C ARG C 890 36.12 -31.81 -14.14
N CYS C 891 36.08 -33.12 -13.97
CA CYS C 891 34.83 -33.85 -13.91
C CYS C 891 34.80 -34.77 -12.69
N PHE C 892 33.85 -34.52 -11.79
CA PHE C 892 33.58 -35.38 -10.65
C PHE C 892 32.19 -35.98 -10.76
N THR C 893 31.95 -37.07 -10.05
CA THR C 893 30.59 -37.55 -9.87
C THR C 893 29.91 -36.75 -8.76
N ILE C 894 28.60 -36.97 -8.62
CA ILE C 894 27.83 -36.21 -7.63
C ILE C 894 28.15 -36.72 -6.23
N GLU C 895 28.56 -37.98 -6.11
CA GLU C 895 28.99 -38.51 -4.82
C GLU C 895 30.29 -37.85 -4.35
N TYR C 896 31.14 -37.44 -5.29
CA TYR C 896 32.39 -36.75 -4.95
C TYR C 896 32.07 -35.27 -4.78
N VAL C 897 31.50 -34.93 -3.62
CA VAL C 897 31.19 -33.54 -3.33
C VAL C 897 32.48 -32.77 -3.01
N MET C 898 32.45 -31.47 -3.31
CA MET C 898 33.55 -30.48 -3.16
C MET C 898 34.98 -30.98 -3.43
N GLU C 907 27.99 -25.11 -0.62
CA GLU C 907 27.03 -24.02 -0.56
C GLU C 907 25.70 -24.39 -1.23
N SER C 908 25.03 -23.41 -1.83
CA SER C 908 23.71 -23.62 -2.42
C SER C 908 23.78 -24.55 -3.63
N THR C 909 24.89 -24.50 -4.37
CA THR C 909 25.01 -25.32 -5.58
C THR C 909 25.23 -26.79 -5.24
N VAL C 910 25.70 -27.07 -4.02
CA VAL C 910 25.74 -28.46 -3.56
C VAL C 910 24.34 -28.98 -3.32
N ASN C 911 23.45 -28.11 -2.81
CA ASN C 911 22.09 -28.53 -2.49
C ASN C 911 21.27 -28.74 -3.76
N VAL C 912 21.61 -28.02 -4.84
CA VAL C 912 20.95 -28.24 -6.12
C VAL C 912 21.32 -29.61 -6.68
N LEU C 913 22.59 -30.00 -6.50
CA LEU C 913 23.10 -31.21 -7.12
C LEU C 913 22.56 -32.45 -6.43
N LYS C 914 22.17 -32.33 -5.16
CA LYS C 914 21.56 -33.45 -4.46
C LYS C 914 20.13 -33.68 -4.93
N MET C 915 19.45 -32.61 -5.37
CA MET C 915 18.06 -32.74 -5.80
C MET C 915 17.96 -33.33 -7.19
N ILE C 916 19.01 -33.19 -8.00
CA ILE C 916 19.07 -33.85 -9.30
C ILE C 916 19.15 -35.36 -9.11
N ARG C 917 19.81 -35.80 -8.03
CA ARG C 917 19.87 -37.21 -7.70
C ARG C 917 18.52 -37.73 -7.21
N SER C 918 17.67 -36.83 -6.70
CA SER C 918 16.39 -37.25 -6.14
C SER C 918 15.41 -37.71 -7.21
N ALA C 919 15.35 -36.99 -8.33
CA ALA C 919 14.39 -37.30 -9.40
C ALA C 919 14.94 -38.29 -10.43
N THR C 920 15.97 -39.04 -10.07
CA THR C 920 16.60 -40.07 -10.90
C THR C 920 15.68 -41.21 -11.40
N PRO C 921 14.81 -41.88 -10.54
CA PRO C 921 14.20 -43.15 -11.01
C PRO C 921 13.20 -43.03 -12.14
N PHE C 922 12.49 -41.90 -12.25
CA PHE C 922 11.37 -41.79 -13.19
C PHE C 922 11.74 -41.86 -14.67
N PRO C 923 12.87 -41.31 -15.15
CA PRO C 923 13.25 -41.65 -16.54
C PRO C 923 13.65 -43.10 -16.73
N LEU C 924 14.14 -43.76 -15.67
CA LEU C 924 14.52 -45.16 -15.80
C LEU C 924 13.30 -46.07 -15.83
N VAL C 925 12.19 -45.62 -15.26
CA VAL C 925 10.95 -46.38 -15.36
C VAL C 925 10.41 -46.31 -16.79
N SER C 926 10.54 -45.14 -17.42
CA SER C 926 10.01 -44.96 -18.76
C SER C 926 10.85 -45.67 -19.80
N LEU C 927 12.17 -45.75 -19.57
CA LEU C 927 13.03 -46.45 -20.52
C LEU C 927 12.85 -47.96 -20.42
N PHE C 928 12.46 -48.44 -19.23
CA PHE C 928 12.21 -49.85 -19.05
C PHE C 928 10.90 -50.27 -19.71
N PHE C 929 9.97 -49.33 -19.88
CA PHE C 929 8.66 -49.68 -20.40
C PHE C 929 8.61 -49.65 -21.93
N MET C 930 9.39 -48.76 -22.56
CA MET C 930 9.40 -48.72 -24.02
C MET C 930 10.13 -49.93 -24.59
N PHE C 931 11.11 -50.46 -23.85
CA PHE C 931 11.85 -51.61 -24.32
C PHE C 931 11.00 -52.87 -24.27
N ILE C 932 10.03 -52.91 -23.35
CA ILE C 932 9.05 -53.99 -23.35
C ILE C 932 8.11 -53.86 -24.54
N GLY C 933 7.64 -52.63 -24.80
CA GLY C 933 6.69 -52.43 -25.89
C GLY C 933 7.34 -52.55 -27.26
N PHE C 934 8.66 -52.36 -27.33
CA PHE C 934 9.35 -52.49 -28.61
C PHE C 934 9.47 -53.94 -29.03
N ILE C 935 9.62 -54.85 -28.04
CA ILE C 935 9.77 -56.27 -28.36
C ILE C 935 8.44 -56.86 -28.82
N LEU C 936 7.35 -56.49 -28.16
CA LEU C 936 6.04 -57.02 -28.53
C LEU C 936 5.54 -56.43 -29.85
N SER C 937 6.03 -55.24 -30.21
CA SER C 937 5.57 -54.61 -31.45
C SER C 937 6.21 -55.27 -32.67
N ASN C 938 7.47 -55.69 -32.56
CA ASN C 938 8.14 -56.31 -33.70
C ASN C 938 7.66 -57.74 -33.91
N ILE C 939 7.41 -58.49 -32.84
CA ILE C 939 6.98 -59.88 -32.99
C ILE C 939 5.51 -59.93 -33.42
N GLY C 940 4.78 -58.84 -33.24
CA GLY C 940 3.48 -58.73 -33.88
C GLY C 940 3.60 -58.48 -35.36
N HIS C 941 4.69 -57.84 -35.79
CA HIS C 941 4.94 -57.66 -37.21
C HIS C 941 5.51 -58.91 -37.84
N ILE C 942 6.19 -59.74 -37.04
CA ILE C 942 6.65 -61.04 -37.53
C ILE C 942 5.48 -61.99 -37.72
N ARG C 943 4.62 -62.09 -36.71
CA ARG C 943 3.46 -62.98 -36.75
C ARG C 943 2.18 -62.15 -36.69
N PRO C 944 1.50 -61.93 -37.83
CA PRO C 944 0.26 -61.14 -37.80
C PRO C 944 -0.90 -61.83 -37.12
N HIS C 945 -0.85 -63.15 -36.95
CA HIS C 945 -1.84 -63.83 -36.12
C HIS C 945 -1.52 -63.58 -34.65
N ARG C 946 -2.47 -63.97 -33.78
CA ARG C 946 -2.50 -63.62 -32.36
C ARG C 946 -2.44 -62.10 -32.19
N THR C 947 -3.51 -61.42 -32.59
CA THR C 947 -3.53 -59.97 -32.76
C THR C 947 -3.57 -59.18 -31.44
N ILE C 948 -3.38 -59.83 -30.30
CA ILE C 948 -3.37 -59.11 -29.03
C ILE C 948 -2.06 -58.37 -28.80
N LEU C 949 -1.03 -58.64 -29.60
CA LEU C 949 0.29 -58.07 -29.35
C LEU C 949 0.32 -56.58 -29.66
N ALA C 950 -0.51 -56.13 -30.60
CA ALA C 950 -0.52 -54.71 -30.94
C ALA C 950 -1.25 -53.90 -29.87
N PHE C 951 -2.30 -54.46 -29.26
CA PHE C 951 -3.09 -53.71 -28.30
C PHE C 951 -2.37 -53.60 -26.97
N VAL C 952 -1.62 -54.65 -26.60
CA VAL C 952 -0.90 -54.62 -25.32
C VAL C 952 0.32 -53.72 -25.43
N SER C 953 0.97 -53.70 -26.61
CA SER C 953 2.15 -52.86 -26.81
C SER C 953 1.79 -51.38 -26.83
N GLY C 954 0.55 -51.06 -27.17
CA GLY C 954 0.13 -49.67 -27.15
C GLY C 954 -0.02 -49.13 -25.74
N ILE C 955 -0.31 -50.01 -24.78
CA ILE C 955 -0.50 -49.58 -23.39
C ILE C 955 0.84 -49.24 -22.74
N PHE C 956 1.89 -49.99 -23.11
CA PHE C 956 3.20 -49.73 -22.53
C PHE C 956 3.81 -48.44 -23.09
N PHE C 957 3.40 -48.03 -24.29
CA PHE C 957 3.85 -46.74 -24.81
C PHE C 957 3.19 -45.58 -24.06
N ILE C 958 1.91 -45.74 -23.71
CA ILE C 958 1.20 -44.66 -23.03
C ILE C 958 1.65 -44.55 -21.58
N LEU C 959 1.92 -45.70 -20.94
CA LEU C 959 2.43 -45.67 -19.58
C LEU C 959 3.88 -45.21 -19.52
N SER C 960 4.58 -45.25 -20.66
CA SER C 960 5.94 -44.72 -20.72
C SER C 960 5.95 -43.21 -20.63
N GLY C 961 5.04 -42.55 -21.35
CA GLY C 961 5.04 -41.10 -21.39
C GLY C 961 4.53 -40.49 -20.10
N LEU C 962 3.53 -41.12 -19.48
CA LEU C 962 2.97 -40.58 -18.24
C LEU C 962 3.94 -40.75 -17.09
N SER C 963 4.83 -41.75 -17.17
CA SER C 963 5.88 -41.88 -16.18
C SER C 963 6.96 -40.82 -16.37
N LEU C 964 7.08 -40.29 -17.59
CA LEU C 964 8.11 -39.29 -17.85
C LEU C 964 7.61 -37.89 -17.52
N VAL C 965 6.29 -37.70 -17.49
CA VAL C 965 5.71 -36.40 -17.16
C VAL C 965 5.94 -36.07 -15.69
N VAL C 966 5.71 -37.04 -14.80
CA VAL C 966 5.94 -36.82 -13.37
C VAL C 966 7.42 -36.75 -13.07
N GLY C 967 8.26 -37.25 -13.97
CA GLY C 967 9.69 -37.06 -13.82
C GLY C 967 10.11 -35.63 -14.08
N LEU C 968 9.51 -34.99 -15.08
CA LEU C 968 9.91 -33.63 -15.43
C LEU C 968 9.31 -32.61 -14.47
N VAL C 969 8.10 -32.86 -13.98
CA VAL C 969 7.46 -31.96 -13.03
C VAL C 969 8.23 -31.96 -11.70
N LEU C 970 8.63 -33.15 -11.25
CA LEU C 970 9.33 -33.25 -9.97
C LEU C 970 10.77 -32.75 -10.10
N TYR C 971 11.32 -32.80 -11.31
CA TYR C 971 12.66 -32.27 -11.54
C TYR C 971 12.67 -30.74 -11.50
N ILE C 972 11.73 -30.12 -12.20
CA ILE C 972 11.72 -28.66 -12.31
C ILE C 972 11.29 -28.02 -10.99
N SER C 973 10.43 -28.71 -10.23
CA SER C 973 10.04 -28.24 -8.90
C SER C 973 11.22 -28.27 -7.94
N SER C 974 12.09 -29.28 -8.08
CA SER C 974 13.23 -29.39 -7.17
C SER C 974 14.32 -28.38 -7.52
N ILE C 975 14.30 -27.86 -8.75
CA ILE C 975 15.28 -26.84 -9.12
C ILE C 975 14.84 -25.47 -8.63
N ASN C 976 13.54 -25.15 -8.76
CA ASN C 976 13.06 -23.79 -8.54
C ASN C 976 13.12 -23.38 -7.07
N ASP C 977 12.88 -24.32 -6.15
CA ASP C 977 12.86 -23.95 -4.74
C ASP C 977 14.28 -23.80 -4.18
N GLU C 978 15.29 -24.28 -4.91
CA GLU C 978 16.65 -24.13 -4.43
C GLU C 978 17.19 -22.74 -4.74
N MET C 979 16.62 -22.06 -5.72
CA MET C 979 16.91 -20.65 -5.90
C MET C 979 16.06 -19.80 -4.96
N LEU C 980 15.09 -20.42 -4.29
CA LEU C 980 14.13 -19.67 -3.51
C LEU C 980 14.61 -19.50 -2.07
N ASN C 981 15.33 -20.49 -1.54
CA ASN C 981 15.69 -20.45 -0.11
C ASN C 981 16.99 -19.70 0.12
N ARG C 982 17.73 -19.38 -0.94
CA ARG C 982 18.99 -18.68 -0.78
C ARG C 982 18.76 -17.21 -0.44
N THR C 983 19.73 -16.61 0.25
CA THR C 983 19.61 -15.22 0.67
C THR C 983 20.02 -14.29 -0.46
N LYS C 984 19.17 -13.29 -0.73
CA LYS C 984 19.36 -12.37 -1.84
C LYS C 984 20.33 -11.27 -1.43
N ASP C 985 21.09 -10.77 -2.41
CA ASP C 985 22.06 -9.69 -2.23
C ASP C 985 21.99 -8.77 -3.44
N ALA C 986 22.39 -7.51 -3.25
CA ALA C 986 22.35 -6.56 -4.35
C ALA C 986 23.56 -6.72 -5.26
N GLU C 987 24.58 -7.43 -4.81
CA GLU C 987 25.84 -7.53 -5.53
C GLU C 987 26.03 -8.90 -6.19
N THR C 988 25.18 -9.86 -5.90
CA THR C 988 25.33 -11.22 -6.39
C THR C 988 24.18 -11.56 -7.33
N TYR C 989 24.50 -12.12 -8.50
CA TYR C 989 23.51 -12.60 -9.45
C TYR C 989 23.67 -14.11 -9.61
N PHE C 990 22.57 -14.79 -9.87
CA PHE C 990 22.55 -16.25 -10.01
C PHE C 990 21.59 -16.60 -11.13
N ASN C 991 22.05 -17.35 -12.13
CA ASN C 991 21.23 -17.69 -13.28
C ASN C 991 21.23 -19.19 -13.49
N TYR C 992 20.32 -19.65 -14.36
CA TYR C 992 20.22 -21.06 -14.70
C TYR C 992 19.64 -21.18 -16.10
N LYS C 993 19.87 -22.34 -16.71
CA LYS C 993 19.53 -22.56 -18.11
C LYS C 993 19.53 -24.06 -18.37
N TYR C 994 18.60 -24.51 -19.20
CA TYR C 994 18.52 -25.92 -19.52
C TYR C 994 19.49 -26.27 -20.64
N GLY C 995 19.65 -27.57 -20.89
CA GLY C 995 20.58 -28.05 -21.89
C GLY C 995 19.87 -28.90 -22.93
N TRP C 996 20.67 -29.40 -23.88
CA TRP C 996 20.11 -30.16 -24.99
C TRP C 996 19.80 -31.60 -24.63
N SER C 997 20.16 -32.06 -23.43
CA SER C 997 19.65 -33.35 -22.97
C SER C 997 18.22 -33.22 -22.48
N PHE C 998 17.86 -32.06 -21.96
CA PHE C 998 16.50 -31.83 -21.48
C PHE C 998 15.52 -31.72 -22.66
N ALA C 999 16.02 -31.24 -23.81
CA ALA C 999 15.18 -31.17 -24.99
C ALA C 999 14.92 -32.54 -25.58
N PHE C 1000 15.86 -33.47 -25.43
CA PHE C 1000 15.67 -34.81 -26.00
C PHE C 1000 14.68 -35.63 -25.20
N ALA C 1001 14.54 -35.33 -23.90
CA ALA C 1001 13.54 -36.05 -23.10
C ALA C 1001 12.13 -35.55 -23.42
N ALA C 1002 11.99 -34.25 -23.71
CA ALA C 1002 10.68 -33.69 -24.02
C ALA C 1002 10.21 -34.13 -25.41
N ILE C 1003 11.14 -34.26 -26.36
CA ILE C 1003 10.79 -34.74 -27.69
C ILE C 1003 10.43 -36.22 -27.64
N SER C 1004 11.08 -36.97 -26.74
CA SER C 1004 10.80 -38.40 -26.62
C SER C 1004 9.41 -38.67 -26.08
N PHE C 1005 8.83 -37.71 -25.36
CA PHE C 1005 7.43 -37.82 -24.94
C PHE C 1005 6.48 -37.75 -26.13
N LEU C 1006 6.80 -36.91 -27.12
CA LEU C 1006 5.90 -36.71 -28.24
C LEU C 1006 5.88 -37.92 -29.17
N LEU C 1007 7.02 -38.60 -29.30
CA LEU C 1007 7.10 -39.75 -30.19
C LEU C 1007 6.53 -41.01 -29.54
N THR C 1008 6.61 -41.09 -28.21
CA THR C 1008 6.15 -42.30 -27.53
C THR C 1008 4.63 -42.33 -27.43
N GLU C 1009 4.01 -41.19 -27.16
CA GLU C 1009 2.55 -41.12 -27.12
C GLU C 1009 1.94 -41.31 -28.49
N SER C 1010 2.58 -40.77 -29.53
CA SER C 1010 2.03 -40.88 -30.88
C SER C 1010 2.16 -42.30 -31.42
N ALA C 1011 3.19 -43.02 -31.00
CA ALA C 1011 3.33 -44.41 -31.42
C ALA C 1011 2.34 -45.31 -30.68
N GLY C 1012 1.90 -44.88 -29.50
CA GLY C 1012 0.90 -45.65 -28.77
C GLY C 1012 -0.48 -45.51 -29.38
N VAL C 1013 -0.74 -44.38 -30.04
CA VAL C 1013 -2.05 -44.18 -30.67
C VAL C 1013 -2.14 -44.98 -31.96
N MET C 1014 -1.04 -45.08 -32.71
CA MET C 1014 -1.04 -45.81 -33.97
C MET C 1014 -1.14 -47.31 -33.76
N SER C 1015 -0.71 -47.79 -32.58
CA SER C 1015 -0.80 -49.22 -32.29
C SER C 1015 -2.25 -49.64 -32.08
N VAL C 1016 -3.09 -48.73 -31.59
CA VAL C 1016 -4.50 -49.06 -31.36
C VAL C 1016 -5.24 -49.10 -32.70
N TYR C 1017 -4.91 -48.19 -33.61
CA TYR C 1017 -5.49 -48.25 -34.94
C TYR C 1017 -4.94 -49.43 -35.75
N LEU C 1018 -3.73 -49.88 -35.41
CA LEU C 1018 -3.21 -51.10 -36.01
C LEU C 1018 -3.97 -52.31 -35.48
N PHE C 1019 -4.42 -52.26 -34.23
CA PHE C 1019 -5.20 -53.35 -33.66
C PHE C 1019 -6.59 -53.42 -34.29
N MET C 1020 -7.25 -52.27 -34.44
CA MET C 1020 -8.66 -52.28 -34.85
C MET C 1020 -8.79 -52.60 -36.33
N LYS C 1021 -7.84 -52.14 -37.15
CA LYS C 1021 -7.93 -52.43 -38.58
C LYS C 1021 -7.56 -53.87 -38.88
N ARG C 1022 -6.76 -54.50 -38.02
CA ARG C 1022 -6.38 -55.89 -38.26
C ARG C 1022 -7.44 -56.84 -37.69
N TYR C 1023 -8.06 -56.46 -36.56
CA TYR C 1023 -9.09 -57.29 -35.96
C TYR C 1023 -10.38 -57.26 -36.77
N THR C 1024 -10.57 -56.22 -37.57
CA THR C 1024 -11.74 -56.14 -38.44
C THR C 1024 -11.62 -57.12 -39.61
N ALA C 1025 -10.41 -57.25 -40.17
CA ALA C 1025 -10.21 -58.18 -41.28
C ALA C 1025 -10.21 -59.63 -40.80
N GLU C 1026 -9.91 -59.85 -39.52
CA GLU C 1026 -9.95 -61.21 -38.96
C GLU C 1026 -11.37 -61.61 -38.58
N GLN D 383 49.46 18.94 37.85
CA GLN D 383 48.61 18.08 37.03
C GLN D 383 49.17 16.67 36.95
N LYS D 384 48.29 15.69 36.77
CA LYS D 384 48.68 14.30 36.65
C LYS D 384 47.84 13.61 35.60
N THR D 385 48.48 12.77 34.80
CA THR D 385 47.82 12.03 33.74
C THR D 385 47.19 10.76 34.30
N VAL D 386 45.87 10.64 34.16
CA VAL D 386 45.16 9.47 34.66
C VAL D 386 45.23 8.35 33.63
N VAL D 387 45.57 7.16 34.09
CA VAL D 387 45.70 5.99 33.21
C VAL D 387 44.35 5.29 33.13
N VAL D 388 43.75 5.29 31.95
CA VAL D 388 42.46 4.66 31.71
C VAL D 388 42.72 3.32 31.02
N THR D 389 42.27 2.24 31.64
CA THR D 389 42.40 0.91 31.05
C THR D 389 41.08 0.52 30.41
N THR D 390 41.16 -0.36 29.40
CA THR D 390 40.00 -0.78 28.64
C THR D 390 40.33 -2.06 27.90
N ILE D 391 39.35 -2.58 27.16
CA ILE D 391 39.51 -3.82 26.42
C ILE D 391 38.96 -3.58 25.01
N LEU D 392 39.36 -4.43 24.06
CA LEU D 392 39.10 -4.19 22.64
C LEU D 392 37.97 -5.11 22.19
N GLU D 393 36.78 -4.54 22.07
CA GLU D 393 35.58 -5.25 21.65
C GLU D 393 34.70 -4.27 20.89
N SER D 394 34.14 -4.70 19.76
CA SER D 394 33.34 -3.80 18.96
C SER D 394 31.89 -3.80 19.47
N PRO D 395 31.19 -2.66 19.39
CA PRO D 395 31.60 -1.31 18.99
C PRO D 395 32.01 -0.46 20.18
N TYR D 396 32.54 -1.10 21.20
CA TYR D 396 32.95 -0.38 22.40
C TYR D 396 34.28 0.34 22.17
N VAL D 397 35.34 -0.40 21.92
CA VAL D 397 36.65 0.15 21.58
C VAL D 397 37.15 -0.53 20.32
N MET D 398 37.40 0.27 19.28
CA MET D 398 37.89 -0.25 18.01
C MET D 398 39.13 0.54 17.59
N MET D 399 39.96 -0.08 16.76
CA MET D 399 41.10 0.60 16.17
C MET D 399 40.73 1.19 14.83
N LYS D 400 41.15 2.43 14.60
CA LYS D 400 40.89 3.09 13.33
C LYS D 400 41.78 2.50 12.25
N LYS D 401 41.43 2.78 10.99
CA LYS D 401 42.07 2.09 9.88
C LYS D 401 43.48 2.62 9.61
N ASN D 402 43.69 3.92 9.79
CA ASN D 402 45.02 4.51 9.68
C ASN D 402 45.62 4.71 11.07
N HIS D 403 45.75 3.60 11.81
CA HIS D 403 46.24 3.69 13.17
C HIS D 403 47.76 3.66 13.22
N GLU D 404 48.39 3.25 12.12
CA GLU D 404 49.85 3.27 12.06
C GLU D 404 50.38 4.70 11.95
N MET D 405 49.62 5.57 11.28
CA MET D 405 50.03 6.97 11.15
C MET D 405 49.85 7.71 12.47
N LEU D 406 48.68 7.58 13.08
CA LEU D 406 48.35 8.32 14.29
C LEU D 406 48.99 7.66 15.51
N GLU D 407 49.03 8.40 16.62
CA GLU D 407 49.69 7.93 17.83
C GLU D 407 48.95 8.45 19.05
N GLY D 408 48.75 7.55 20.02
CA GLY D 408 48.13 7.96 21.27
C GLY D 408 46.64 7.70 21.26
N ASN D 409 45.87 8.71 21.71
CA ASN D 409 44.43 8.54 21.82
C ASN D 409 43.75 8.63 20.47
N GLU D 410 44.47 9.08 19.44
CA GLU D 410 43.87 9.24 18.13
C GLU D 410 43.77 7.93 17.37
N ARG D 411 44.39 6.87 17.89
CA ARG D 411 44.33 5.57 17.24
C ARG D 411 42.95 4.94 17.39
N TYR D 412 42.27 5.21 18.50
CA TYR D 412 41.09 4.44 18.87
C TYR D 412 39.81 5.21 18.58
N GLU D 413 38.72 4.46 18.46
CA GLU D 413 37.39 5.03 18.32
C GLU D 413 36.37 4.03 18.87
N GLY D 414 35.17 4.51 19.14
CA GLY D 414 34.10 3.62 19.57
C GLY D 414 33.19 4.29 20.57
N TYR D 415 32.42 3.44 21.26
CA TYR D 415 31.46 3.92 22.26
C TYR D 415 32.17 4.36 23.52
N CYS D 416 33.01 3.50 24.09
CA CYS D 416 33.63 3.79 25.38
C CYS D 416 34.71 4.86 25.26
N VAL D 417 35.17 5.12 24.05
CA VAL D 417 36.10 6.24 23.85
C VAL D 417 35.35 7.56 23.94
N ASP D 418 34.13 7.61 23.39
CA ASP D 418 33.31 8.82 23.51
C ASP D 418 32.81 9.01 24.93
N LEU D 419 32.67 7.92 25.69
CA LEU D 419 32.26 8.04 27.07
C LEU D 419 33.42 8.53 27.94
N ALA D 420 34.66 8.21 27.56
CA ALA D 420 35.80 8.68 28.31
C ALA D 420 36.03 10.17 28.11
N ALA D 421 35.63 10.68 26.95
CA ALA D 421 35.79 12.11 26.67
C ALA D 421 34.77 12.93 27.44
N GLU D 422 33.58 12.37 27.67
CA GLU D 422 32.53 13.11 28.35
C GLU D 422 32.76 13.18 29.84
N ILE D 423 33.31 12.10 30.42
CA ILE D 423 33.50 12.05 31.87
C ILE D 423 34.71 12.87 32.27
N ALA D 424 35.77 12.83 31.45
CA ALA D 424 36.96 13.63 31.74
C ALA D 424 36.69 15.12 31.59
N LYS D 425 35.67 15.48 30.80
CA LYS D 425 35.31 16.88 30.68
C LYS D 425 34.55 17.36 31.91
N HIS D 426 33.62 16.55 32.43
CA HIS D 426 32.89 16.92 33.64
C HIS D 426 33.79 16.87 34.87
N CYS D 427 34.55 15.79 35.04
CA CYS D 427 35.38 15.63 36.23
C CYS D 427 36.61 16.51 36.18
N GLY D 428 37.13 16.81 34.99
CA GLY D 428 38.23 17.74 34.87
C GLY D 428 39.62 17.12 35.02
N PHE D 429 39.97 16.17 34.16
CA PHE D 429 41.30 15.61 34.17
C PHE D 429 41.71 15.29 32.73
N LYS D 430 42.97 14.89 32.57
CA LYS D 430 43.49 14.40 31.30
C LYS D 430 43.80 12.93 31.43
N TYR D 431 43.83 12.23 30.29
CA TYR D 431 43.83 10.77 30.32
C TYR D 431 44.65 10.20 29.17
N LYS D 432 45.06 8.94 29.35
CA LYS D 432 45.85 8.21 28.36
C LYS D 432 45.32 6.79 28.25
N LEU D 433 44.72 6.46 27.12
CA LEU D 433 44.04 5.18 26.95
C LEU D 433 45.04 4.05 26.76
N THR D 434 44.85 2.96 27.50
CA THR D 434 45.69 1.77 27.40
C THR D 434 44.82 0.54 27.28
N ILE D 435 45.20 -0.38 26.39
CA ILE D 435 44.54 -1.68 26.31
C ILE D 435 45.13 -2.60 27.36
N VAL D 436 44.28 -3.41 28.00
CA VAL D 436 44.75 -4.36 29.00
C VAL D 436 45.56 -5.46 28.32
N GLY D 437 46.63 -5.89 28.97
CA GLY D 437 47.55 -6.82 28.33
C GLY D 437 47.07 -8.26 28.35
N ASP D 438 46.28 -8.63 29.36
CA ASP D 438 45.86 -10.02 29.49
C ASP D 438 44.77 -10.36 28.48
N GLY D 439 43.91 -9.40 28.17
CA GLY D 439 42.81 -9.64 27.26
C GLY D 439 41.57 -10.23 27.89
N LYS D 440 41.46 -10.19 29.22
CA LYS D 440 40.34 -10.78 29.93
C LYS D 440 39.64 -9.73 30.77
N TYR D 441 38.36 -9.99 31.11
CA TYR D 441 37.59 -9.01 31.87
C TYR D 441 37.92 -9.08 33.34
N GLY D 442 37.99 -10.27 33.91
CA GLY D 442 38.33 -10.40 35.31
C GLY D 442 37.77 -11.63 35.96
N ALA D 443 38.61 -12.32 36.73
CA ALA D 443 38.23 -13.52 37.45
C ALA D 443 39.27 -13.76 38.52
N ARG D 444 38.97 -14.71 39.40
CA ARG D 444 39.83 -15.04 40.52
C ARG D 444 40.19 -16.52 40.46
N ASP D 445 41.48 -16.81 40.43
CA ASP D 445 41.92 -18.20 40.45
C ASP D 445 41.70 -18.79 41.84
N ALA D 446 41.21 -20.03 41.88
CA ALA D 446 40.92 -20.66 43.16
C ALA D 446 42.20 -21.08 43.87
N ASP D 447 43.28 -21.32 43.10
CA ASP D 447 44.51 -21.80 43.71
C ASP D 447 45.37 -20.65 44.21
N THR D 448 45.78 -19.76 43.31
CA THR D 448 46.73 -18.71 43.63
C THR D 448 46.09 -17.45 44.21
N LYS D 449 44.77 -17.31 44.08
CA LYS D 449 43.99 -16.17 44.58
C LYS D 449 44.48 -14.83 44.02
N ILE D 450 44.78 -14.82 42.72
CA ILE D 450 45.31 -13.64 42.05
C ILE D 450 44.32 -13.22 40.98
N TRP D 451 43.90 -11.96 41.02
CA TRP D 451 43.01 -11.41 40.02
C TRP D 451 43.77 -11.14 38.73
N ASN D 452 43.15 -11.42 37.59
CA ASN D 452 43.74 -11.18 36.29
C ASN D 452 42.77 -10.40 35.41
N GLY D 453 43.29 -9.54 34.56
CA GLY D 453 42.42 -8.78 33.68
C GLY D 453 42.33 -7.32 34.05
N MET D 454 41.20 -6.69 33.75
CA MET D 454 41.03 -5.29 34.12
C MET D 454 40.79 -5.13 35.62
N VAL D 455 40.25 -6.16 36.26
CA VAL D 455 40.09 -6.11 37.71
C VAL D 455 41.44 -6.26 38.38
N GLY D 456 42.34 -7.03 37.78
CA GLY D 456 43.65 -7.22 38.37
C GLY D 456 44.52 -5.97 38.31
N GLU D 457 44.26 -5.10 37.34
CA GLU D 457 45.04 -3.87 37.27
C GLU D 457 44.54 -2.85 38.29
N LEU D 458 43.28 -2.93 38.67
CA LEU D 458 42.73 -1.95 39.61
C LEU D 458 43.11 -2.30 41.04
N VAL D 459 43.23 -3.59 41.35
CA VAL D 459 43.54 -3.99 42.72
C VAL D 459 45.02 -3.78 43.01
N TYR D 460 45.90 -4.14 42.07
CA TYR D 460 47.32 -4.08 42.32
C TYR D 460 47.96 -2.77 41.88
N GLY D 461 47.18 -1.83 41.36
CA GLY D 461 47.64 -0.45 41.23
C GLY D 461 48.15 -0.05 39.86
N LYS D 462 48.01 -0.86 38.82
CA LYS D 462 48.60 -0.50 37.54
C LYS D 462 47.72 0.45 36.75
N ALA D 463 46.46 0.62 37.17
CA ALA D 463 45.52 1.48 36.46
C ALA D 463 44.75 2.33 37.47
N ASP D 464 44.04 3.33 36.96
CA ASP D 464 43.35 4.27 37.85
C ASP D 464 41.83 4.20 37.68
N ILE D 465 41.35 3.85 36.49
CA ILE D 465 39.93 3.77 36.21
C ILE D 465 39.75 2.84 35.01
N ALA D 466 38.63 2.12 34.99
CA ALA D 466 38.36 1.14 33.92
C ALA D 466 37.04 1.49 33.26
N ILE D 467 37.11 2.15 32.12
CA ILE D 467 35.92 2.50 31.35
C ILE D 467 35.74 1.42 30.29
N ALA D 468 34.84 0.48 30.55
CA ALA D 468 34.71 -0.72 29.76
C ALA D 468 33.40 -1.40 30.15
N PRO D 469 32.86 -2.27 29.30
CA PRO D 469 31.68 -3.06 29.71
C PRO D 469 32.00 -4.14 30.73
N LEU D 470 32.04 -3.74 31.99
CA LEU D 470 32.39 -4.63 33.07
C LEU D 470 31.13 -4.91 33.89
N THR D 471 30.73 -6.18 33.96
CA THR D 471 29.45 -6.54 34.54
C THR D 471 29.49 -6.44 36.06
N ILE D 472 28.51 -5.75 36.64
CA ILE D 472 28.43 -5.53 38.07
C ILE D 472 27.98 -6.84 38.72
N THR D 473 28.89 -7.51 39.41
CA THR D 473 28.58 -8.75 40.11
C THR D 473 28.92 -8.60 41.59
N LEU D 474 28.63 -9.65 42.36
CA LEU D 474 28.87 -9.60 43.80
C LEU D 474 30.35 -9.82 44.12
N VAL D 475 31.00 -10.71 43.39
CA VAL D 475 32.38 -11.09 43.69
C VAL D 475 33.32 -9.93 43.38
N ARG D 476 33.04 -9.18 42.31
CA ARG D 476 33.88 -8.05 41.97
C ARG D 476 33.59 -6.86 42.87
N GLU D 477 32.42 -6.83 43.50
CA GLU D 477 32.02 -5.69 44.33
C GLU D 477 32.79 -5.67 45.64
N GLU D 478 33.29 -6.82 46.08
CA GLU D 478 33.96 -6.88 47.37
C GLU D 478 35.38 -6.32 47.31
N VAL D 479 35.94 -6.17 46.11
CA VAL D 479 37.33 -5.73 45.99
C VAL D 479 37.45 -4.35 45.38
N ILE D 480 36.55 -3.96 44.47
CA ILE D 480 36.61 -2.63 43.86
C ILE D 480 35.26 -1.95 44.04
N ASP D 481 35.11 -0.74 43.50
CA ASP D 481 33.84 -0.03 43.59
C ASP D 481 33.33 0.32 42.21
N PHE D 482 32.03 0.16 42.01
CA PHE D 482 31.37 0.45 40.75
C PHE D 482 30.56 1.74 40.87
N SER D 483 30.15 2.26 39.73
CA SER D 483 29.19 3.34 39.70
C SER D 483 27.80 2.78 39.46
N LYS D 484 26.85 3.69 39.22
CA LYS D 484 25.53 3.28 38.80
C LYS D 484 25.60 2.78 37.35
N PRO D 485 24.68 1.91 36.93
CA PRO D 485 24.77 1.33 35.58
C PRO D 485 24.53 2.37 34.50
N PHE D 486 25.36 2.30 33.45
CA PHE D 486 25.15 3.19 32.32
C PHE D 486 24.51 2.45 31.15
N MET D 487 24.34 1.14 31.27
CA MET D 487 23.67 0.35 30.26
C MET D 487 23.07 -0.89 30.90
N SER D 488 21.80 -1.16 30.58
CA SER D 488 21.08 -2.30 31.10
C SER D 488 20.89 -3.32 30.00
N LEU D 489 21.09 -4.60 30.33
CA LEU D 489 21.08 -5.66 29.33
C LEU D 489 20.53 -6.94 29.94
N GLY D 490 20.44 -7.97 29.11
CA GLY D 490 19.98 -9.29 29.56
C GLY D 490 20.28 -10.34 28.51
N ILE D 491 19.69 -11.51 28.72
CA ILE D 491 19.86 -12.62 27.78
C ILE D 491 18.70 -12.65 26.80
N SER D 492 19.00 -12.81 25.52
CA SER D 492 17.97 -12.77 24.48
C SER D 492 18.12 -13.96 23.53
N ILE D 493 17.30 -13.96 22.49
CA ILE D 493 17.21 -15.07 21.54
C ILE D 493 17.54 -14.55 20.14
N MET D 494 18.45 -15.23 19.45
CA MET D 494 18.77 -14.94 18.05
C MET D 494 18.24 -16.04 17.16
N ILE D 495 17.46 -15.67 16.14
CA ILE D 495 17.01 -16.61 15.12
C ILE D 495 17.27 -16.01 13.74
N LYS D 496 17.10 -16.84 12.72
CA LYS D 496 17.20 -16.39 11.34
C LYS D 496 15.93 -15.66 10.94
N LYS D 497 16.07 -14.66 10.06
CA LYS D 497 14.94 -13.86 9.62
C LYS D 497 13.95 -14.72 8.83
N PRO D 498 12.64 -14.54 9.03
CA PRO D 498 11.67 -15.24 8.20
C PRO D 498 11.68 -14.71 6.78
N GLN D 499 11.78 -15.62 5.82
CA GLN D 499 11.80 -15.28 4.41
C GLN D 499 10.68 -16.03 3.71
N LYS D 500 10.69 -15.95 2.39
CA LYS D 500 9.78 -16.76 1.60
C LYS D 500 10.19 -18.22 1.70
N SER D 501 9.21 -19.09 1.94
CA SER D 501 9.45 -20.49 2.27
C SER D 501 9.14 -21.37 1.08
N LYS D 502 9.49 -22.64 1.23
CA LYS D 502 9.10 -23.64 0.25
C LYS D 502 7.61 -23.89 0.33
N PRO D 503 6.86 -23.73 -0.75
CA PRO D 503 5.41 -23.97 -0.71
C PRO D 503 5.13 -25.46 -0.62
N GLY D 504 4.12 -25.80 0.18
CA GLY D 504 3.69 -27.19 0.26
C GLY D 504 2.97 -27.62 -0.99
N VAL D 505 2.74 -28.94 -1.10
CA VAL D 505 2.13 -29.47 -2.31
C VAL D 505 0.65 -29.12 -2.36
N PHE D 506 0.02 -28.94 -1.20
CA PHE D 506 -1.39 -28.57 -1.15
C PHE D 506 -1.59 -27.13 -0.69
N SER D 507 -0.72 -26.23 -1.13
CA SER D 507 -0.86 -24.82 -0.80
C SER D 507 -1.75 -24.07 -1.77
N PHE D 508 -2.34 -24.75 -2.75
CA PHE D 508 -3.25 -24.06 -3.66
C PHE D 508 -4.62 -23.84 -3.01
N LEU D 509 -4.93 -24.62 -1.98
CA LEU D 509 -6.19 -24.49 -1.26
C LEU D 509 -6.07 -23.69 0.03
N ASP D 510 -5.07 -22.82 0.11
CA ASP D 510 -4.92 -21.82 1.17
C ASP D 510 -5.92 -20.64 1.24
N PRO D 511 -6.51 -20.12 0.15
CA PRO D 511 -7.48 -19.02 0.34
C PRO D 511 -8.75 -19.40 1.08
N LEU D 512 -9.09 -20.69 1.15
CA LEU D 512 -10.28 -21.12 1.87
C LEU D 512 -9.89 -22.10 2.98
N ALA D 513 -10.60 -21.99 4.10
CA ALA D 513 -10.29 -22.78 5.29
C ALA D 513 -10.78 -24.22 5.12
N TYR D 514 -10.32 -25.08 6.03
CA TYR D 514 -10.60 -26.51 5.89
C TYR D 514 -12.06 -26.84 6.18
N GLU D 515 -12.73 -26.00 6.97
CA GLU D 515 -14.13 -26.27 7.26
C GLU D 515 -15.04 -25.79 6.15
N ILE D 516 -14.52 -25.00 5.20
CA ILE D 516 -15.32 -24.65 4.03
C ILE D 516 -15.27 -25.76 2.99
N TRP D 517 -14.08 -26.36 2.79
CA TRP D 517 -13.93 -27.38 1.77
C TRP D 517 -14.71 -28.64 2.10
N MET D 518 -14.93 -28.92 3.39
CA MET D 518 -15.73 -30.09 3.73
C MET D 518 -17.22 -29.78 3.67
N CYS D 519 -17.60 -28.52 3.83
CA CYS D 519 -19.01 -28.18 3.69
C CYS D 519 -19.42 -28.08 2.23
N ILE D 520 -18.46 -27.88 1.32
CA ILE D 520 -18.76 -27.94 -0.10
C ILE D 520 -19.05 -29.37 -0.52
N VAL D 521 -18.29 -30.32 0.02
CA VAL D 521 -18.49 -31.74 -0.31
C VAL D 521 -19.80 -32.25 0.27
N PHE D 522 -20.12 -31.85 1.51
CA PHE D 522 -21.37 -32.26 2.13
C PHE D 522 -22.57 -31.66 1.42
N ALA D 523 -22.43 -30.44 0.89
CA ALA D 523 -23.53 -29.84 0.14
C ALA D 523 -23.63 -30.43 -1.26
N TYR D 524 -22.51 -30.92 -1.79
CA TYR D 524 -22.52 -31.57 -3.11
C TYR D 524 -23.34 -32.85 -3.09
N ILE D 525 -23.22 -33.61 -2.01
CA ILE D 525 -24.00 -34.84 -1.89
C ILE D 525 -25.46 -34.52 -1.62
N GLY D 526 -25.70 -33.47 -0.83
CA GLY D 526 -27.06 -33.13 -0.44
C GLY D 526 -27.92 -32.63 -1.58
N VAL D 527 -27.34 -31.85 -2.49
CA VAL D 527 -28.09 -31.35 -3.63
C VAL D 527 -28.38 -32.48 -4.62
N SER D 528 -27.44 -33.40 -4.79
CA SER D 528 -27.60 -34.45 -5.79
C SER D 528 -28.59 -35.51 -5.33
N VAL D 529 -28.76 -35.68 -4.02
CA VAL D 529 -29.78 -36.59 -3.51
C VAL D 529 -31.17 -35.99 -3.67
N VAL D 530 -31.31 -34.70 -3.35
CA VAL D 530 -32.60 -34.02 -3.46
C VAL D 530 -33.03 -33.90 -4.92
N LEU D 531 -32.07 -33.74 -5.83
CA LEU D 531 -32.40 -33.65 -7.25
C LEU D 531 -32.85 -35.00 -7.78
N PHE D 532 -32.42 -36.09 -7.14
CA PHE D 532 -32.87 -37.42 -7.55
C PHE D 532 -34.26 -37.73 -7.01
N LEU D 533 -34.49 -37.45 -5.73
CA LEU D 533 -35.77 -37.81 -5.10
C LEU D 533 -36.92 -37.01 -5.67
N VAL D 534 -36.70 -35.72 -5.93
CA VAL D 534 -37.73 -34.87 -6.51
C VAL D 534 -38.07 -35.31 -7.94
N SER D 535 -37.06 -35.74 -8.71
CA SER D 535 -37.30 -36.07 -10.10
C SER D 535 -37.96 -37.43 -10.27
N ARG D 536 -37.95 -38.25 -9.22
CA ARG D 536 -38.43 -39.62 -9.38
C ARG D 536 -39.96 -39.70 -9.35
N PHE D 537 -40.57 -39.34 -8.22
CA PHE D 537 -42.02 -39.54 -8.11
C PHE D 537 -42.79 -38.42 -8.78
N SER D 538 -42.12 -37.32 -9.12
CA SER D 538 -42.72 -36.31 -9.97
C SER D 538 -42.07 -36.36 -11.33
N PRO D 539 -42.68 -37.00 -12.33
CA PRO D 539 -41.98 -37.20 -13.61
C PRO D 539 -41.85 -35.94 -14.44
N TYR D 540 -42.91 -35.14 -14.53
CA TYR D 540 -42.89 -33.94 -15.36
C TYR D 540 -43.68 -32.81 -14.70
N SER D 558 -41.33 -38.85 -19.32
CA SER D 558 -41.23 -40.17 -19.94
C SER D 558 -40.08 -40.96 -19.34
N THR D 559 -38.90 -40.83 -19.95
CA THR D 559 -37.73 -41.54 -19.45
C THR D 559 -37.11 -40.79 -18.27
N ASN D 560 -36.49 -41.55 -17.37
CA ASN D 560 -35.86 -40.96 -16.19
C ASN D 560 -34.42 -40.60 -16.57
N GLU D 561 -34.26 -39.37 -17.06
CA GLU D 561 -32.93 -38.90 -17.44
C GLU D 561 -32.06 -38.64 -16.23
N PHE D 562 -32.68 -38.31 -15.10
CA PHE D 562 -31.94 -38.03 -13.87
C PHE D 562 -32.02 -39.22 -12.95
N GLY D 563 -31.06 -40.12 -13.07
CA GLY D 563 -30.85 -41.17 -12.10
C GLY D 563 -29.95 -40.68 -10.97
N ILE D 564 -29.49 -41.64 -10.16
CA ILE D 564 -28.58 -41.28 -9.08
C ILE D 564 -27.16 -41.11 -9.63
N PHE D 565 -26.88 -41.68 -10.79
CA PHE D 565 -25.56 -41.53 -11.38
C PHE D 565 -25.50 -40.30 -12.30
N ASN D 566 -26.65 -39.90 -12.85
CA ASN D 566 -26.67 -38.71 -13.70
C ASN D 566 -26.82 -37.43 -12.88
N SER D 567 -27.34 -37.55 -11.65
CA SER D 567 -27.47 -36.36 -10.83
C SER D 567 -26.14 -35.93 -10.26
N LEU D 568 -25.23 -36.88 -10.01
CA LEU D 568 -23.90 -36.53 -9.55
C LEU D 568 -23.08 -35.88 -10.67
N TRP D 569 -23.43 -36.18 -11.92
CA TRP D 569 -22.71 -35.61 -13.04
C TRP D 569 -23.25 -34.23 -13.39
N PHE D 570 -24.52 -33.97 -13.12
CA PHE D 570 -25.05 -32.62 -13.30
C PHE D 570 -24.45 -31.66 -12.28
N SER D 571 -24.37 -32.09 -11.02
CA SER D 571 -23.93 -31.19 -9.96
C SER D 571 -22.43 -30.97 -9.99
N LEU D 572 -21.69 -31.90 -10.58
CA LEU D 572 -20.24 -31.72 -10.70
C LEU D 572 -19.92 -30.73 -11.82
N GLY D 573 -20.65 -30.80 -12.93
CA GLY D 573 -20.42 -29.86 -14.01
C GLY D 573 -20.90 -28.47 -13.68
N ALA D 574 -21.81 -28.35 -12.74
CA ALA D 574 -22.32 -27.03 -12.34
C ALA D 574 -21.33 -26.32 -11.44
N PHE D 575 -20.60 -27.06 -10.61
CA PHE D 575 -19.63 -26.43 -9.72
C PHE D 575 -18.38 -26.03 -10.49
N MET D 576 -18.00 -26.81 -11.49
CA MET D 576 -16.75 -26.58 -12.22
C MET D 576 -16.91 -25.60 -13.36
N GLN D 577 -17.98 -24.83 -13.40
CA GLN D 577 -18.32 -23.78 -14.37
C GLN D 577 -18.53 -24.31 -15.78
N GLN D 578 -18.59 -25.62 -15.97
CA GLN D 578 -18.84 -26.17 -17.29
C GLN D 578 -20.33 -26.24 -17.55
N GLY D 579 -20.69 -26.67 -18.74
CA GLY D 579 -22.09 -26.88 -19.06
C GLY D 579 -22.51 -28.32 -18.84
N CYS D 580 -23.82 -28.56 -18.91
CA CYS D 580 -24.36 -29.90 -18.89
C CYS D 580 -25.25 -30.12 -20.10
N ASP D 581 -25.31 -31.38 -20.55
CA ASP D 581 -26.08 -31.70 -21.74
C ASP D 581 -27.58 -31.79 -21.45
N ILE D 582 -27.95 -32.22 -20.25
CA ILE D 582 -29.34 -32.38 -19.85
C ILE D 582 -29.69 -31.31 -18.83
N SER D 583 -30.96 -30.93 -18.80
CA SER D 583 -31.48 -29.92 -17.90
C SER D 583 -32.81 -30.37 -17.30
N PRO D 584 -33.14 -29.92 -16.09
CA PRO D 584 -34.44 -30.27 -15.51
C PRO D 584 -35.59 -29.62 -16.26
N ARG D 585 -36.74 -30.29 -16.25
CA ARG D 585 -37.92 -29.86 -17.00
C ARG D 585 -39.15 -29.68 -16.13
N SER D 586 -39.00 -29.74 -14.81
CA SER D 586 -40.11 -29.59 -13.88
C SER D 586 -39.90 -28.36 -13.02
N LEU D 587 -40.99 -27.86 -12.44
CA LEU D 587 -40.90 -26.68 -11.57
C LEU D 587 -40.13 -27.01 -10.30
N SER D 588 -40.33 -28.21 -9.77
CA SER D 588 -39.64 -28.58 -8.54
C SER D 588 -38.20 -28.98 -8.82
N GLY D 589 -37.88 -29.28 -10.08
CA GLY D 589 -36.50 -29.61 -10.41
C GLY D 589 -35.67 -28.38 -10.72
N ARG D 590 -36.28 -27.36 -11.34
CA ARG D 590 -35.52 -26.20 -11.77
C ARG D 590 -35.20 -25.26 -10.61
N ILE D 591 -35.88 -25.44 -9.47
CA ILE D 591 -35.54 -24.66 -8.28
C ILE D 591 -34.21 -25.15 -7.69
N VAL D 592 -33.98 -26.46 -7.74
CA VAL D 592 -32.74 -27.02 -7.22
C VAL D 592 -31.56 -26.61 -8.09
N GLY D 593 -31.74 -26.62 -9.41
CA GLY D 593 -30.67 -26.17 -10.29
C GLY D 593 -30.44 -24.68 -10.22
N GLY D 594 -31.47 -23.92 -9.88
CA GLY D 594 -31.32 -22.48 -9.83
C GLY D 594 -30.54 -22.00 -8.62
N VAL D 595 -30.75 -22.66 -7.47
CA VAL D 595 -30.08 -22.25 -6.25
C VAL D 595 -28.62 -22.70 -6.26
N TRP D 596 -28.36 -23.89 -6.82
CA TRP D 596 -27.01 -24.41 -6.86
C TRP D 596 -26.13 -23.65 -7.85
N TRP D 597 -26.74 -22.95 -8.80
CA TRP D 597 -25.98 -22.07 -9.68
C TRP D 597 -25.53 -20.81 -8.94
N PHE D 598 -26.37 -20.27 -8.07
CA PHE D 598 -26.01 -19.06 -7.34
C PHE D 598 -25.01 -19.37 -6.24
N PHE D 599 -24.94 -20.64 -5.81
CA PHE D 599 -23.96 -21.03 -4.82
C PHE D 599 -22.55 -20.97 -5.39
N THR D 600 -22.37 -21.48 -6.61
CA THR D 600 -21.02 -21.61 -7.15
C THR D 600 -20.48 -20.28 -7.65
N LEU D 601 -21.37 -19.34 -7.96
CA LEU D 601 -20.92 -18.04 -8.44
C LEU D 601 -20.29 -17.23 -7.32
N ILE D 602 -20.71 -17.48 -6.07
CA ILE D 602 -20.15 -16.76 -4.94
C ILE D 602 -18.85 -17.40 -4.46
N ILE D 603 -18.79 -18.74 -4.51
CA ILE D 603 -17.63 -19.45 -3.96
C ILE D 603 -16.41 -19.28 -4.86
N ILE D 604 -16.59 -19.40 -6.18
CA ILE D 604 -15.47 -19.26 -7.11
C ILE D 604 -14.99 -17.82 -7.15
N SER D 605 -15.90 -16.86 -7.00
CA SER D 605 -15.47 -15.46 -6.97
C SER D 605 -14.79 -15.12 -5.66
N SER D 606 -15.09 -15.85 -4.59
CA SER D 606 -14.40 -15.62 -3.32
C SER D 606 -13.02 -16.26 -3.31
N TYR D 607 -12.82 -17.30 -4.13
CA TYR D 607 -11.51 -17.92 -4.22
C TYR D 607 -10.55 -17.04 -5.01
N THR D 608 -11.01 -16.49 -6.13
CA THR D 608 -10.16 -15.67 -6.97
C THR D 608 -9.82 -14.35 -6.30
N ALA D 609 -10.76 -13.82 -5.50
CA ALA D 609 -10.54 -12.52 -4.87
C ALA D 609 -9.57 -12.63 -3.71
N ASN D 610 -9.45 -13.81 -3.10
CA ASN D 610 -8.57 -13.92 -1.94
C ASN D 610 -7.15 -14.31 -2.33
N LEU D 611 -6.98 -14.96 -3.48
CA LEU D 611 -5.62 -15.14 -4.00
C LEU D 611 -5.01 -13.81 -4.40
N ALA D 612 -5.81 -12.88 -4.89
CA ALA D 612 -5.27 -11.59 -5.29
C ALA D 612 -4.86 -10.76 -4.08
N ALA D 613 -5.42 -11.06 -2.92
CA ALA D 613 -4.98 -10.39 -1.70
C ALA D 613 -3.69 -11.00 -1.18
N PHE D 614 -3.50 -12.31 -1.36
CA PHE D 614 -2.27 -12.96 -0.91
C PHE D 614 -1.08 -12.54 -1.74
N LEU D 615 -1.24 -12.50 -3.06
CA LEU D 615 -0.10 -12.28 -3.93
C LEU D 615 0.31 -10.81 -3.95
N THR D 616 -0.59 -9.92 -3.55
CA THR D 616 -0.27 -8.50 -3.55
C THR D 616 0.47 -8.11 -2.28
N VAL D 617 -0.05 -8.50 -1.12
CA VAL D 617 0.49 -8.09 0.17
C VAL D 617 1.13 -9.31 0.82
N GLU D 618 2.40 -9.19 1.16
CA GLU D 618 3.17 -10.30 1.72
C GLU D 618 3.43 -10.06 3.20
N ARG D 619 2.77 -10.83 4.05
CA ARG D 619 3.02 -10.79 5.49
C ARG D 619 3.67 -12.09 5.93
N MET D 620 4.80 -11.97 6.62
CA MET D 620 5.55 -13.11 7.12
C MET D 620 5.52 -13.10 8.63
N VAL D 621 5.48 -14.28 9.24
CA VAL D 621 5.38 -14.42 10.69
C VAL D 621 6.55 -15.23 11.19
N SER D 622 6.97 -14.95 12.42
CA SER D 622 8.00 -15.74 13.06
C SER D 622 7.36 -16.87 13.86
N PRO D 623 8.02 -18.02 13.96
CA PRO D 623 7.40 -19.14 14.71
C PRO D 623 7.36 -18.91 16.20
N ILE D 624 8.44 -18.41 16.79
CA ILE D 624 8.55 -18.21 18.23
C ILE D 624 8.60 -16.71 18.52
N GLU D 625 8.09 -16.32 19.68
CA GLU D 625 8.20 -14.94 20.14
C GLU D 625 8.42 -14.80 21.65
N SER D 626 8.71 -15.89 22.35
CA SER D 626 8.96 -15.83 23.79
C SER D 626 9.80 -17.04 24.17
N ALA D 627 10.23 -17.05 25.43
CA ALA D 627 11.06 -18.15 25.90
C ALA D 627 10.23 -19.37 26.24
N GLU D 628 8.95 -19.17 26.56
CA GLU D 628 8.10 -20.32 26.92
C GLU D 628 7.69 -21.10 25.68
N ASP D 629 7.83 -20.50 24.50
CA ASP D 629 7.53 -21.22 23.27
C ASP D 629 8.63 -22.21 22.92
N LEU D 630 9.87 -21.90 23.29
CA LEU D 630 10.96 -22.84 23.03
C LEU D 630 10.88 -24.04 23.96
N SER D 631 10.31 -23.87 25.14
CA SER D 631 10.18 -25.00 26.05
C SER D 631 9.09 -25.96 25.61
N LYS D 632 8.10 -25.46 24.87
CA LYS D 632 6.96 -26.26 24.46
C LYS D 632 7.06 -26.81 23.05
N GLN D 633 8.26 -26.87 22.47
CA GLN D 633 8.45 -27.43 21.14
C GLN D 633 9.74 -28.25 21.11
N THR D 634 9.85 -29.10 20.09
CA THR D 634 11.06 -29.86 19.86
C THR D 634 11.53 -29.83 18.40
N GLU D 635 10.90 -29.00 17.56
CA GLU D 635 11.32 -28.89 16.18
C GLU D 635 12.65 -28.13 16.05
N ILE D 636 12.82 -27.06 16.82
CA ILE D 636 13.98 -26.18 16.71
C ILE D 636 14.90 -26.43 17.89
N ALA D 637 16.18 -26.69 17.60
CA ALA D 637 17.17 -26.87 18.65
C ALA D 637 17.74 -25.52 19.07
N TYR D 638 18.33 -25.48 20.27
CA TYR D 638 18.85 -24.24 20.82
C TYR D 638 19.95 -24.51 21.84
N GLY D 639 20.92 -23.62 21.91
CA GLY D 639 22.03 -23.81 22.84
C GLY D 639 22.80 -22.51 23.06
N THR D 640 23.71 -22.57 24.02
CA THR D 640 24.53 -21.44 24.43
C THR D 640 26.00 -21.74 24.21
N LEU D 641 26.84 -20.81 24.63
CA LEU D 641 28.28 -20.99 24.55
C LEU D 641 28.72 -21.92 25.69
N ASP D 642 29.93 -22.49 25.56
CA ASP D 642 30.31 -23.59 26.44
C ASP D 642 30.77 -23.11 27.80
N SER D 643 31.42 -21.95 27.88
CA SER D 643 31.94 -21.46 29.14
C SER D 643 31.65 -19.98 29.29
N GLY D 644 30.94 -19.62 30.34
CA GLY D 644 30.64 -18.23 30.60
C GLY D 644 29.47 -18.11 31.56
N SER D 645 29.00 -16.87 31.70
CA SER D 645 27.92 -16.60 32.66
C SER D 645 26.57 -16.98 32.08
N THR D 646 26.50 -17.21 30.76
CA THR D 646 25.23 -17.57 30.15
C THR D 646 24.87 -19.02 30.45
N LYS D 647 25.85 -19.91 30.42
CA LYS D 647 25.60 -21.30 30.78
C LYS D 647 25.36 -21.46 32.28
N GLU D 648 26.04 -20.65 33.09
CA GLU D 648 25.89 -20.76 34.54
C GLU D 648 24.55 -20.22 35.01
N PHE D 649 23.88 -19.43 34.17
CA PHE D 649 22.54 -18.96 34.51
C PHE D 649 21.52 -20.10 34.42
N PHE D 650 21.64 -20.94 33.40
CA PHE D 650 20.66 -22.00 33.22
C PHE D 650 20.93 -23.18 34.14
N ARG D 651 22.11 -23.25 34.73
CA ARG D 651 22.44 -24.38 35.59
C ARG D 651 21.76 -24.28 36.94
N ARG D 652 21.92 -23.15 37.63
CA ARG D 652 21.47 -23.02 39.00
C ARG D 652 20.14 -22.25 39.11
N SER D 653 19.33 -22.30 38.06
CA SER D 653 18.05 -21.61 38.05
C SER D 653 16.97 -22.52 38.61
N LYS D 654 16.15 -21.98 39.50
CA LYS D 654 15.03 -22.70 40.08
C LYS D 654 13.69 -22.33 39.46
N ILE D 655 13.68 -21.47 38.44
CA ILE D 655 12.44 -21.12 37.76
C ILE D 655 12.00 -22.30 36.91
N ALA D 656 10.69 -22.57 36.89
CA ALA D 656 10.18 -23.80 36.27
C ALA D 656 10.36 -23.79 34.75
N VAL D 657 10.31 -22.61 34.14
CA VAL D 657 10.53 -22.53 32.70
C VAL D 657 12.00 -22.70 32.37
N PHE D 658 12.87 -22.10 33.19
CA PHE D 658 14.30 -22.13 32.89
C PHE D 658 14.93 -23.45 33.33
N ASP D 659 14.23 -24.23 34.15
CA ASP D 659 14.77 -25.52 34.56
C ASP D 659 14.43 -26.60 33.53
N LYS D 660 13.29 -26.46 32.84
CA LYS D 660 12.96 -27.39 31.77
C LYS D 660 13.92 -27.21 30.59
N MET D 661 14.39 -25.98 30.37
CA MET D 661 15.29 -25.72 29.25
C MET D 661 16.67 -26.31 29.50
N TRP D 662 17.06 -26.52 30.77
CA TRP D 662 18.37 -27.07 31.05
C TRP D 662 18.39 -28.59 30.95
N THR D 663 17.25 -29.24 31.24
CA THR D 663 17.17 -30.69 31.07
C THR D 663 17.25 -31.07 29.59
N TYR D 664 16.75 -30.20 28.71
CA TYR D 664 16.88 -30.43 27.28
C TYR D 664 18.31 -30.19 26.81
N MET D 665 18.94 -29.10 27.25
CA MET D 665 20.24 -28.72 26.71
C MET D 665 21.35 -29.63 27.21
N ARG D 666 21.18 -30.24 28.37
CA ARG D 666 22.21 -31.11 28.90
C ARG D 666 22.23 -32.44 28.18
N SER D 667 21.08 -33.12 28.13
CA SER D 667 20.95 -34.40 27.44
C SER D 667 20.42 -34.20 26.02
N ALA D 668 21.27 -33.64 25.17
CA ALA D 668 20.93 -33.42 23.77
C ALA D 668 22.05 -33.95 22.90
N GLU D 669 21.69 -34.75 21.90
CA GLU D 669 22.64 -35.26 20.94
C GLU D 669 22.12 -34.94 19.54
N PRO D 670 22.91 -34.26 18.69
CA PRO D 670 24.27 -33.74 18.88
C PRO D 670 24.34 -32.50 19.79
N SER D 671 25.56 -32.09 20.13
CA SER D 671 25.73 -31.06 21.15
C SER D 671 25.30 -29.69 20.63
N VAL D 672 24.53 -28.96 21.45
CA VAL D 672 24.07 -27.64 21.05
C VAL D 672 25.08 -26.58 21.42
N PHE D 673 26.06 -26.91 22.26
CA PHE D 673 27.02 -25.93 22.73
C PHE D 673 28.11 -25.70 21.69
N VAL D 674 28.62 -24.48 21.64
CA VAL D 674 29.61 -24.08 20.64
C VAL D 674 30.89 -23.67 21.34
N ARG D 675 31.89 -23.31 20.53
CA ARG D 675 33.19 -22.89 21.08
C ARG D 675 33.23 -21.38 21.30
N THR D 676 32.98 -20.60 20.25
CA THR D 676 33.09 -19.15 20.30
C THR D 676 31.77 -18.53 19.89
N THR D 677 31.76 -17.21 19.85
CA THR D 677 30.55 -16.48 19.46
C THR D 677 30.29 -16.61 17.97
N ALA D 678 31.36 -16.55 17.15
CA ALA D 678 31.19 -16.56 15.71
C ALA D 678 30.73 -17.91 15.19
N GLU D 679 31.09 -18.99 15.90
CA GLU D 679 30.60 -20.31 15.53
C GLU D 679 29.12 -20.44 15.85
N GLY D 680 28.67 -19.80 16.93
CA GLY D 680 27.25 -19.85 17.27
C GLY D 680 26.40 -19.04 16.30
N VAL D 681 26.94 -17.94 15.79
CA VAL D 681 26.23 -17.17 14.77
C VAL D 681 26.20 -17.94 13.46
N ALA D 682 27.25 -18.72 13.18
CA ALA D 682 27.35 -19.42 11.91
C ALA D 682 26.37 -20.58 11.81
N ARG D 683 26.03 -21.21 12.94
CA ARG D 683 25.07 -22.31 12.90
C ARG D 683 23.66 -21.78 12.66
N VAL D 684 23.38 -20.55 13.09
CA VAL D 684 22.07 -19.96 12.87
C VAL D 684 21.85 -19.66 11.40
N ARG D 685 22.90 -19.20 10.71
CA ARG D 685 22.75 -18.78 9.33
C ARG D 685 22.67 -19.96 8.36
N LYS D 686 23.25 -21.10 8.74
CA LYS D 686 23.31 -22.24 7.83
C LYS D 686 22.21 -23.27 8.05
N SER D 687 21.56 -23.30 9.21
CA SER D 687 20.64 -24.39 9.51
C SER D 687 19.20 -24.09 9.09
N LYS D 688 19.00 -23.10 8.21
CA LYS D 688 17.72 -22.82 7.55
C LYS D 688 16.60 -22.48 8.54
N GLY D 689 16.98 -21.95 9.69
CA GLY D 689 16.01 -21.61 10.70
C GLY D 689 15.62 -22.74 11.64
N LYS D 690 16.53 -23.66 11.92
CA LYS D 690 16.28 -24.73 12.87
C LYS D 690 17.13 -24.61 14.13
N TYR D 691 17.87 -23.53 14.30
CA TYR D 691 18.73 -23.33 15.45
C TYR D 691 18.58 -21.92 15.96
N ALA D 692 18.55 -21.77 17.28
CA ALA D 692 18.40 -20.48 17.95
C ALA D 692 19.49 -20.34 19.00
N TYR D 693 20.18 -19.21 19.00
CA TYR D 693 21.34 -19.01 19.85
C TYR D 693 21.02 -17.99 20.93
N LEU D 694 21.44 -18.27 22.16
CA LEU D 694 21.10 -17.45 23.32
C LEU D 694 22.34 -16.68 23.76
N LEU D 695 22.28 -15.35 23.68
CA LEU D 695 23.42 -14.52 23.99
C LEU D 695 22.93 -13.22 24.62
N GLU D 696 23.88 -12.33 24.92
CA GLU D 696 23.53 -11.05 25.52
C GLU D 696 22.82 -10.15 24.53
N SER D 697 22.04 -9.21 25.05
CA SER D 697 21.15 -8.44 24.19
C SER D 697 21.91 -7.35 23.44
N THR D 698 23.04 -6.89 23.97
CA THR D 698 23.76 -5.80 23.31
C THR D 698 24.53 -6.31 22.10
N MET D 699 25.03 -7.55 22.15
CA MET D 699 25.64 -8.14 20.97
C MET D 699 24.59 -8.56 19.97
N ASN D 700 23.43 -8.98 20.45
CA ASN D 700 22.38 -9.49 19.57
C ASN D 700 21.79 -8.36 18.72
N GLU D 701 21.83 -7.13 19.23
CA GLU D 701 21.36 -6.00 18.45
C GLU D 701 22.44 -5.53 17.48
N TYR D 702 23.69 -5.87 17.76
CA TYR D 702 24.79 -5.43 16.91
C TYR D 702 24.95 -6.33 15.70
N ILE D 703 24.77 -7.64 15.88
CA ILE D 703 24.87 -8.58 14.76
C ILE D 703 23.72 -8.37 13.78
N GLU D 704 22.58 -7.89 14.29
CA GLU D 704 21.42 -7.65 13.43
C GLU D 704 21.66 -6.51 12.45
N GLN D 705 22.50 -5.55 12.83
CA GLN D 705 22.77 -4.39 11.99
C GLN D 705 24.03 -4.54 11.14
N ARG D 706 24.50 -5.76 10.90
CA ARG D 706 25.68 -5.98 10.08
C ARG D 706 25.38 -6.94 8.93
N LYS D 707 26.24 -6.90 7.92
CA LYS D 707 26.05 -7.71 6.72
C LYS D 707 26.30 -9.18 7.03
N PRO D 708 25.58 -10.10 6.37
CA PRO D 708 24.59 -9.98 5.31
C PRO D 708 23.16 -9.68 5.75
N CYS D 709 22.98 -9.24 7.00
CA CYS D 709 21.68 -8.85 7.57
C CYS D 709 20.68 -10.00 7.51
N ASP D 710 20.97 -11.07 8.25
CA ASP D 710 20.27 -12.33 8.12
C ASP D 710 19.54 -12.73 9.41
N THR D 711 19.89 -12.14 10.54
CA THR D 711 19.38 -12.57 11.83
C THR D 711 18.49 -11.49 12.43
N MET D 712 17.75 -11.85 13.47
CA MET D 712 16.93 -10.90 14.20
C MET D 712 16.78 -11.35 15.65
N LYS D 713 16.24 -10.46 16.49
CA LYS D 713 16.01 -10.75 17.89
C LYS D 713 14.51 -10.88 18.14
N VAL D 714 14.11 -11.89 18.93
CA VAL D 714 12.72 -12.11 19.27
C VAL D 714 12.55 -12.08 20.78
N GLY D 715 11.36 -11.71 21.23
CA GLY D 715 11.04 -11.74 22.63
C GLY D 715 11.69 -10.62 23.42
N GLY D 716 11.73 -10.80 24.74
CA GLY D 716 12.35 -9.85 25.62
C GLY D 716 13.55 -10.48 26.32
N ASN D 717 14.07 -9.75 27.30
CA ASN D 717 15.22 -10.23 28.06
C ASN D 717 14.77 -11.29 29.05
N LEU D 718 15.71 -12.14 29.47
CA LEU D 718 15.38 -13.20 30.42
C LEU D 718 15.75 -12.79 31.83
N ASP D 719 16.87 -12.10 32.02
CA ASP D 719 17.25 -11.56 33.31
C ASP D 719 17.63 -10.09 33.17
N SER D 720 18.22 -9.55 34.24
CA SER D 720 18.64 -8.16 34.27
C SER D 720 20.02 -8.04 34.90
N LYS D 721 20.88 -7.24 34.27
CA LYS D 721 22.20 -6.92 34.79
C LYS D 721 22.65 -5.62 34.14
N GLY D 722 23.80 -5.10 34.59
CA GLY D 722 24.25 -3.81 34.12
C GLY D 722 25.76 -3.74 33.97
N TYR D 723 26.21 -2.66 33.35
CA TYR D 723 27.61 -2.36 33.12
C TYR D 723 27.98 -1.12 33.93
N GLY D 724 29.17 -1.11 34.51
CA GLY D 724 29.56 -0.03 35.38
C GLY D 724 31.00 0.40 35.15
N ILE D 725 31.30 1.60 35.66
CA ILE D 725 32.66 2.11 35.63
C ILE D 725 33.34 1.85 36.96
N ALA D 726 34.52 1.26 36.93
CA ALA D 726 35.16 0.75 38.12
C ALA D 726 36.35 1.62 38.51
N THR D 727 36.48 1.87 39.82
CA THR D 727 37.58 2.59 40.43
C THR D 727 38.13 1.75 41.57
N PRO D 728 39.40 1.96 41.97
CA PRO D 728 39.91 1.24 43.13
C PRO D 728 39.24 1.69 44.41
N LYS D 729 39.22 0.78 45.38
CA LYS D 729 38.53 1.06 46.63
C LYS D 729 39.31 2.08 47.45
N GLY D 730 38.74 3.28 47.58
CA GLY D 730 39.40 4.35 48.29
C GLY D 730 39.98 5.44 47.41
N SER D 731 39.67 5.45 46.12
CA SER D 731 40.15 6.52 45.25
C SER D 731 39.36 7.80 45.50
N SER D 732 39.93 8.91 45.05
CA SER D 732 39.27 10.20 45.12
C SER D 732 38.39 10.47 43.91
N LEU D 733 38.42 9.60 42.91
CA LEU D 733 37.59 9.75 41.72
C LEU D 733 36.24 9.08 41.84
N GLY D 734 35.96 8.39 42.95
CA GLY D 734 34.78 7.52 43.00
C GLY D 734 33.48 8.30 43.02
N THR D 735 33.45 9.43 43.72
CA THR D 735 32.23 10.22 43.80
C THR D 735 31.98 11.11 42.57
N PRO D 736 32.96 11.83 41.99
CA PRO D 736 32.61 12.60 40.78
C PRO D 736 32.35 11.76 39.54
N VAL D 737 32.85 10.53 39.48
CA VAL D 737 32.48 9.64 38.39
C VAL D 737 31.03 9.20 38.53
N ASN D 738 30.60 8.97 39.77
CA ASN D 738 29.24 8.52 40.03
C ASN D 738 28.21 9.60 39.69
N LEU D 739 28.54 10.85 39.99
CA LEU D 739 27.58 11.92 39.72
C LEU D 739 27.59 12.30 38.24
N ALA D 740 28.65 11.96 37.53
CA ALA D 740 28.72 12.28 36.11
C ALA D 740 27.83 11.36 35.29
N VAL D 741 27.73 10.09 35.70
CA VAL D 741 26.94 9.11 34.95
C VAL D 741 25.46 9.41 35.08
N LEU D 742 25.03 9.82 36.28
CA LEU D 742 23.63 10.19 36.48
C LEU D 742 23.30 11.52 35.80
N LYS D 743 24.31 12.34 35.53
CA LYS D 743 24.07 13.60 34.85
C LYS D 743 23.94 13.40 33.36
N LEU D 744 24.76 12.50 32.79
CA LEU D 744 24.67 12.22 31.36
C LEU D 744 23.40 11.46 31.02
N SER D 745 22.91 10.65 31.97
CA SER D 745 21.76 9.81 31.69
C SER D 745 20.47 10.62 31.62
N GLU D 746 20.38 11.69 32.41
CA GLU D 746 19.15 12.48 32.40
C GLU D 746 19.13 13.46 31.23
N GLN D 747 20.29 13.83 30.70
CA GLN D 747 20.36 14.72 29.56
C GLN D 747 20.19 14.00 28.23
N GLY D 748 20.00 12.68 28.26
CA GLY D 748 19.83 11.94 27.03
C GLY D 748 21.09 11.77 26.23
N VAL D 749 22.25 11.88 26.86
CA VAL D 749 23.49 11.77 26.12
C VAL D 749 23.89 10.31 25.94
N LEU D 750 23.52 9.46 26.89
CA LEU D 750 23.85 8.04 26.76
C LEU D 750 22.94 7.36 25.74
N ASP D 751 21.74 7.90 25.53
CA ASP D 751 20.90 7.40 24.45
C ASP D 751 21.35 7.94 23.11
N LYS D 752 22.05 9.08 23.12
CA LYS D 752 22.50 9.67 21.87
C LYS D 752 23.73 8.95 21.34
N LEU D 753 24.50 8.32 22.23
CA LEU D 753 25.71 7.62 21.80
C LEU D 753 25.40 6.20 21.32
N LYS D 754 24.47 5.53 21.99
CA LYS D 754 24.08 4.18 21.57
C LYS D 754 23.33 4.22 20.25
N ASN D 755 22.61 5.31 20.01
CA ASN D 755 21.88 5.47 18.76
C ASN D 755 22.84 5.74 17.60
N LYS D 756 24.05 6.21 17.90
CA LYS D 756 24.96 6.62 16.84
C LYS D 756 25.83 5.45 16.39
N TRP D 757 26.15 4.54 17.31
CA TRP D 757 27.07 3.46 16.99
C TRP D 757 26.33 2.18 16.62
N TRP D 758 25.15 1.95 17.18
CA TRP D 758 24.39 0.75 16.84
C TRP D 758 23.58 0.93 15.56
N TYR D 759 22.95 2.11 15.39
CA TYR D 759 21.96 2.24 14.31
C TYR D 759 22.46 3.08 13.15
N ASP D 760 23.13 4.20 13.43
CA ASP D 760 23.56 5.08 12.35
C ASP D 760 24.75 4.51 11.59
N LYS D 761 25.56 3.70 12.26
CA LYS D 761 26.63 3.00 11.56
C LYS D 761 26.19 1.64 11.07
N GLY D 762 24.88 1.38 11.02
CA GLY D 762 24.41 0.07 10.61
C GLY D 762 24.47 -0.10 9.11
N GLU D 763 24.84 -1.29 8.66
CA GLU D 763 24.99 -1.53 7.23
C GLU D 763 23.63 -1.64 6.56
N CYS D 764 22.62 -2.09 7.28
CA CYS D 764 21.25 -2.11 6.78
C CYS D 764 20.33 -1.45 7.81
N GLY D 765 19.64 -0.40 7.40
CA GLY D 765 18.74 0.28 8.30
C GLY D 765 17.37 -0.36 8.33
N ALA D 766 16.46 0.29 9.07
CA ALA D 766 15.09 -0.19 9.13
C ALA D 766 14.38 0.06 7.81
N LYS D 767 14.71 1.16 7.13
CA LYS D 767 14.05 1.48 5.87
C LYS D 767 14.87 1.00 4.67
N ASP D 768 16.06 0.47 4.92
CA ASP D 768 16.84 -0.15 3.84
C ASP D 768 16.16 -1.40 3.34
N SER D 769 15.72 -2.27 4.26
CA SER D 769 15.00 -3.47 3.87
C SER D 769 13.55 -3.15 3.52
N GLY D 770 13.06 -1.98 3.94
CA GLY D 770 11.66 -1.66 3.75
C GLY D 770 11.34 -1.11 2.38
N SER D 771 12.31 -0.47 1.73
CA SER D 771 12.03 0.22 0.47
C SER D 771 11.99 -0.74 -0.71
N LYS D 772 12.59 -1.92 -0.56
CA LYS D 772 12.72 -2.87 -1.68
C LYS D 772 11.49 -3.77 -1.70
N GLU D 773 10.68 -3.65 -2.76
CA GLU D 773 9.63 -4.60 -3.05
C GLU D 773 9.73 -5.02 -4.51
N LYS D 774 9.29 -6.25 -4.78
CA LYS D 774 9.17 -6.73 -6.15
C LYS D 774 8.09 -7.80 -6.17
N THR D 775 7.57 -8.06 -7.36
CA THR D 775 6.54 -9.07 -7.57
C THR D 775 7.06 -10.11 -8.54
N SER D 776 6.68 -11.37 -8.32
CA SER D 776 7.28 -12.49 -9.03
C SER D 776 6.21 -13.32 -9.72
N ALA D 777 6.60 -13.95 -10.82
CA ALA D 777 5.71 -14.87 -11.51
C ALA D 777 5.55 -16.14 -10.70
N LEU D 778 4.41 -16.81 -10.88
CA LEU D 778 4.18 -18.09 -10.19
C LEU D 778 5.10 -19.16 -10.76
N SER D 779 5.76 -19.87 -9.86
CA SER D 779 6.65 -20.96 -10.23
C SER D 779 5.86 -22.26 -10.31
N LEU D 780 6.53 -23.30 -10.79
CA LEU D 780 5.86 -24.59 -10.94
C LEU D 780 5.64 -25.26 -9.59
N SER D 781 6.43 -24.89 -8.58
CA SER D 781 6.33 -25.53 -7.28
C SER D 781 5.07 -25.09 -6.53
N ASN D 782 4.49 -23.96 -6.92
CA ASN D 782 3.26 -23.49 -6.30
C ASN D 782 2.07 -24.36 -6.67
N VAL D 783 1.91 -24.64 -7.96
CA VAL D 783 0.74 -25.37 -8.43
C VAL D 783 1.12 -26.81 -8.75
N ALA D 784 2.20 -27.30 -8.15
CA ALA D 784 2.69 -28.65 -8.43
C ALA D 784 1.76 -29.73 -7.92
N GLY D 785 0.98 -29.46 -6.88
CA GLY D 785 0.10 -30.48 -6.34
C GLY D 785 -1.11 -30.74 -7.22
N VAL D 786 -1.42 -29.80 -8.10
CA VAL D 786 -2.57 -29.98 -8.99
C VAL D 786 -2.23 -30.95 -10.11
N PHE D 787 -0.95 -30.99 -10.52
CA PHE D 787 -0.51 -31.97 -11.51
C PHE D 787 -0.53 -33.37 -10.94
N TYR D 788 -0.26 -33.52 -9.64
CA TYR D 788 -0.17 -34.84 -9.04
C TYR D 788 -1.54 -35.48 -8.91
N ILE D 789 -2.57 -34.66 -8.68
CA ILE D 789 -3.94 -35.15 -8.64
C ILE D 789 -4.39 -35.54 -10.04
N LEU D 790 -3.90 -34.83 -11.06
CA LEU D 790 -4.28 -35.11 -12.44
C LEU D 790 -3.73 -36.45 -12.92
N VAL D 791 -2.44 -36.71 -12.67
CA VAL D 791 -1.84 -37.97 -13.10
C VAL D 791 -2.35 -39.12 -12.26
N GLY D 792 -2.62 -38.86 -10.98
CA GLY D 792 -3.24 -39.88 -10.14
C GLY D 792 -4.66 -40.19 -10.55
N GLY D 793 -5.36 -39.21 -11.13
CA GLY D 793 -6.68 -39.47 -11.67
C GLY D 793 -6.62 -40.21 -13.00
N LEU D 794 -5.56 -40.01 -13.77
CA LEU D 794 -5.38 -40.74 -15.01
C LEU D 794 -5.07 -42.20 -14.75
N GLY D 795 -4.31 -42.48 -13.69
CA GLY D 795 -3.97 -43.86 -13.38
C GLY D 795 -5.14 -44.62 -12.80
N LEU D 796 -5.97 -43.96 -12.01
CA LEU D 796 -7.10 -44.63 -11.39
C LEU D 796 -8.23 -44.86 -12.39
N ALA D 797 -8.28 -44.05 -13.45
CA ALA D 797 -9.31 -44.22 -14.47
C ALA D 797 -9.06 -45.47 -15.31
N MET D 798 -7.80 -45.88 -15.42
CA MET D 798 -7.50 -47.09 -16.18
C MET D 798 -7.78 -48.34 -15.37
N LEU D 799 -7.69 -48.25 -14.04
CA LEU D 799 -8.01 -49.39 -13.20
C LEU D 799 -9.51 -49.67 -13.17
N VAL D 800 -10.32 -48.63 -13.36
CA VAL D 800 -11.76 -48.82 -13.37
C VAL D 800 -12.20 -49.55 -14.64
N ALA D 801 -11.57 -49.22 -15.77
CA ALA D 801 -11.94 -49.83 -17.04
C ALA D 801 -11.57 -51.31 -17.10
N LEU D 802 -10.59 -51.71 -16.30
CA LEU D 802 -10.22 -53.12 -16.23
C LEU D 802 -11.30 -53.92 -15.52
N ILE D 803 -11.81 -53.40 -14.40
CA ILE D 803 -12.75 -54.19 -13.59
C ILE D 803 -14.17 -54.05 -14.12
N GLU D 804 -14.41 -53.12 -15.04
CA GLU D 804 -15.69 -53.09 -15.72
C GLU D 804 -15.76 -54.17 -16.81
N PHE D 805 -14.64 -54.39 -17.51
CA PHE D 805 -14.60 -55.44 -18.52
C PHE D 805 -14.71 -56.82 -17.91
N CYS D 806 -14.15 -57.01 -16.71
CA CYS D 806 -14.27 -58.28 -16.03
C CYS D 806 -15.70 -58.54 -15.57
N TYR D 807 -16.43 -57.49 -15.23
CA TYR D 807 -17.85 -57.66 -14.93
C TYR D 807 -18.67 -57.79 -16.21
N LYS D 808 -18.11 -57.38 -17.34
CA LYS D 808 -18.78 -57.61 -18.61
C LYS D 808 -18.41 -58.98 -19.19
N SER D 809 -17.27 -59.53 -18.79
CA SER D 809 -16.89 -60.86 -19.26
C SER D 809 -17.64 -61.95 -18.52
N ARG D 810 -17.85 -61.77 -17.21
CA ARG D 810 -18.61 -62.74 -16.44
C ARG D 810 -20.09 -62.70 -16.79
N ALA D 811 -20.60 -61.53 -17.11
CA ALA D 811 -22.00 -61.39 -17.51
C ALA D 811 -22.20 -61.80 -18.96
OAA ZK1 E . 10.12 8.10 42.82
OAB ZK1 E . 8.64 10.22 41.89
OAC ZK1 E . 5.74 10.82 38.25
OAD ZK1 E . 7.76 9.48 38.59
OAE ZK1 E . 7.65 11.77 39.46
FAF ZK1 E . 4.95 3.04 39.66
FAG ZK1 E . 5.91 2.71 41.61
FAH ZK1 E . 3.79 3.30 41.54
CAI ZK1 E . 5.19 7.25 40.60
CAJ ZK1 E . 6.69 5.14 41.55
CAK ZK1 E . 1.88 5.78 37.94
CAL ZK1 E . 0.91 6.19 40.01
CAM ZK1 E . 3.26 5.53 38.51
CAN ZK1 E . 2.21 5.97 40.77
CAO ZK1 E . 6.16 9.86 40.78
NAP ZK1 E . 8.39 6.65 42.17
OAQ ZK1 E . 1.16 6.69 38.73
CAR ZK1 E . 4.69 5.97 40.52
CAS ZK1 E . 5.45 4.90 41.00
CAT ZK1 E . 8.87 7.88 42.26
CAU ZK1 E . 8.12 8.93 41.79
CAV ZK1 E . 7.19 6.45 41.64
CAW ZK1 E . 6.45 7.49 41.17
NAX ZK1 E . 3.37 5.80 39.92
NAY ZK1 E . 6.94 8.74 41.26
CAZ ZK1 E . 5.00 3.46 40.94
PBA ZK1 E . 6.86 10.51 39.18
C1 PCW F . -31.10 -9.65 2.25
C2 PCW F . -31.87 -10.84 1.69
C3 PCW F . -31.26 -11.31 0.36
C4 PCW F . -29.08 -7.59 6.28
C5 PCW F . -27.53 -7.39 6.18
C6 PCW F . -25.39 -7.22 7.23
C7 PCW F . -27.30 -6.57 8.49
C8 PCW F . -27.13 -8.90 8.04
C11 PCW F . -31.18 -10.61 -1.97
C12 PCW F . -30.74 -12.03 -2.41
C13 PCW F . -30.67 -12.15 -3.96
C14 PCW F . -31.81 -13.04 -4.53
C15 PCW F . -32.09 -14.29 -3.65
C16 PCW F . -31.57 -15.62 -4.30
C17 PCW F . -31.89 -15.70 -5.82
C18 PCW F . -31.37 -17.01 -6.49
C19 PCW F . -32.38 -18.18 -6.38
C20 PCW F . -33.31 -18.37 -7.34
C21 PCW F . -34.32 -19.53 -7.24
C22 PCW F . -35.33 -19.57 -8.42
C23 PCW F . -35.99 -18.18 -8.66
C24 PCW F . -37.39 -18.29 -9.32
C25 PCW F . -37.36 -19.09 -10.65
C26 PCW F . -38.79 -19.34 -11.21
C27 PCW F . -38.78 -20.10 -12.56
C28 PCW F . -37.87 -21.35 -12.52
C31 PCW F . -33.00 -11.96 3.42
C32 PCW F . -34.18 -12.88 3.01
C33 PCW F . -34.71 -13.71 4.22
C34 PCW F . -33.68 -14.76 4.71
C35 PCW F . -33.13 -15.62 3.54
C36 PCW F . -33.87 -16.99 3.43
C37 PCW F . -34.98 -16.95 2.36
C38 PCW F . -34.49 -16.34 1.03
C39 PCW F . -34.85 -17.26 -0.17
C40 PCW F . -34.94 -18.58 0.03
C41 PCW F . -35.29 -19.52 -1.16
C42 PCW F . -36.30 -18.87 -2.13
C43 PCW F . -35.83 -18.98 -3.59
C44 PCW F . -35.14 -17.68 -4.07
C45 PCW F . -35.98 -16.93 -5.12
N PCW F . -26.82 -7.54 7.49
O2 PCW F . -31.84 -11.89 2.60
O3 PCW F . -31.50 -10.29 -0.62
O11 PCW F . -31.25 -9.76 -2.80
O31 PCW F . -33.07 -11.33 4.42
O1P PCW F . -32.10 -8.09 4.49
O2P PCW F . -31.10 -9.68 6.07
O3P PCW F . -30.59 -9.97 3.54
O4P PCW F . -29.56 -7.88 4.98
P PCW F . -30.88 -8.90 4.80
C1 PCW G . -34.14 -1.87 2.82
C2 PCW G . -34.77 -2.63 1.64
C3 PCW G . -35.73 -1.70 0.90
C4 PCW G . -30.73 -0.91 5.64
C5 PCW G . -30.86 0.61 5.29
C6 PCW G . -30.45 2.90 5.88
C7 PCW G . -30.67 1.31 7.63
C8 PCW G . -28.71 1.09 6.28
C11 PCW G . -37.53 -0.20 1.33
C12 PCW G . -37.63 0.21 -0.16
C13 PCW G . -39.06 -0.03 -0.73
C14 PCW G . -39.10 -1.28 -1.67
C15 PCW G . -39.84 -2.49 -1.00
C16 PCW G . -39.15 -3.84 -1.31
C17 PCW G . -38.84 -4.01 -2.82
C18 PCW G . -40.14 -4.21 -3.67
C19 PCW G . -41.06 -5.31 -3.06
C20 PCW G . -41.73 -6.13 -3.87
C31 PCW G . -33.73 -4.38 0.41
C32 PCW G . -32.46 -5.22 0.63
C33 PCW G . -32.71 -6.72 0.29
C34 PCW G . -32.12 -7.07 -1.11
C35 PCW G . -33.14 -6.80 -2.25
C36 PCW G . -34.07 -8.02 -2.50
C37 PCW G . -35.54 -7.68 -2.10
C38 PCW G . -36.15 -6.59 -3.02
C39 PCW G . -36.09 -6.98 -4.51
C40 PCW G . -37.17 -7.48 -5.14
C41 PCW G . -38.50 -7.67 -4.39
C42 PCW G . -39.02 -9.14 -4.51
C43 PCW G . -37.93 -10.16 -4.14
C44 PCW G . -38.13 -11.51 -4.87
C45 PCW G . -36.95 -12.49 -4.64
N PCW G . -30.14 1.48 6.26
O2 PCW G . -33.74 -3.01 0.78
O3 PCW G . -36.37 -0.84 1.83
O11 PCW G . -38.44 0.03 2.07
O31 PCW G . -34.70 -4.87 -0.06
O1P PCW G . -32.30 -3.94 4.09
O2P PCW G . -30.36 -2.61 3.33
O3P PCW G . -32.74 -1.85 2.62
O4P PCW G . -31.89 -1.60 5.18
P PCW G . -31.80 -2.54 3.80
C1 PCW H . -48.23 -20.11 -17.87
C2 PCW H . -48.51 -20.26 -16.36
C3 PCW H . -47.19 -20.01 -15.63
C4 PCW H . -46.87 -22.88 -21.77
C5 PCW H . -47.20 -21.71 -22.74
C6 PCW H . -46.20 -22.71 -24.68
C7 PCW H . -48.47 -23.24 -24.20
C8 PCW H . -48.09 -20.99 -24.84
C11 PCW H . -45.55 -21.50 -14.79
C12 PCW H . -44.84 -21.82 -13.44
C13 PCW H . -45.50 -21.08 -12.24
C14 PCW H . -44.55 -20.01 -11.62
C15 PCW H . -44.54 -18.69 -12.47
C16 PCW H . -43.99 -17.48 -11.66
C17 PCW H . -44.59 -17.39 -10.23
C18 PCW H . -43.49 -17.29 -9.13
C19 PCW H . -43.14 -18.67 -8.54
C31 PCW H . -50.61 -19.07 -16.69
C32 PCW H . -50.88 -17.59 -17.10
C33 PCW H . -49.59 -16.73 -17.11
C34 PCW H . -49.49 -15.77 -15.89
C35 PCW H . -48.72 -16.37 -14.68
C36 PCW H . -47.25 -15.85 -14.60
C37 PCW H . -47.17 -14.31 -14.78
C38 PCW H . -45.70 -13.81 -14.76
C39 PCW H . -45.18 -13.58 -13.32
C40 PCW H . -43.87 -13.54 -13.09
C41 PCW H . -43.36 -13.30 -11.64
C42 PCW H . -43.84 -11.93 -11.09
C43 PCW H . -44.30 -12.02 -9.62
C44 PCW H . -43.11 -12.22 -8.65
N PCW H . -47.48 -22.15 -24.15
O2 PCW H . -49.46 -19.36 -15.89
O3 PCW H . -46.91 -21.13 -14.79
O11 PCW H . -44.95 -21.58 -15.81
O31 PCW H . -51.36 -19.91 -17.02
O1P PCW H . -47.59 -23.54 -18.52
O2P PCW H . -48.96 -21.97 -19.86
O3P PCW H . -47.19 -20.99 -18.24
O4P PCW H . -46.46 -22.31 -20.53
P PCW H . -47.58 -22.24 -19.28
C13 PCW I . -30.33 -15.58 11.54
C14 PCW I . -30.83 -17.06 11.52
C15 PCW I . -30.92 -17.62 10.06
C16 PCW I . -32.25 -17.22 9.35
C17 PCW I . -32.71 -18.26 8.29
C18 PCW I . -33.32 -19.54 8.92
C19 PCW I . -32.34 -20.74 8.88
C20 PCW I . -32.78 -22.00 8.72
C21 PCW I . -34.29 -22.31 8.58
C22 PCW I . -34.74 -22.44 7.10
C23 PCW I . -36.09 -23.21 6.97
C12 PCW J . -21.65 -21.60 11.62
C13 PCW J . -22.98 -21.26 10.90
C14 PCW J . -23.67 -22.53 10.29
C15 PCW J . -23.43 -22.67 8.76
C16 PCW J . -23.43 -24.15 8.29
C17 PCW J . -24.86 -24.77 8.27
C18 PCW J . -24.85 -26.22 7.73
C19 PCW J . -24.34 -26.29 6.28
C20 PCW J . -24.41 -27.43 5.56
C21 PCW J . -24.99 -28.71 6.19
C22 PCW J . -26.40 -29.04 5.63
C23 PCW J . -26.33 -30.09 4.48
C24 PCW J . -27.32 -31.27 4.68
C12 PCW K . -29.52 10.79 -19.58
C13 PCW K . -31.07 10.90 -19.81
C14 PCW K . -31.52 10.10 -21.07
C15 PCW K . -31.18 8.57 -20.91
C16 PCW K . -32.05 7.66 -21.83
C17 PCW K . -33.54 8.12 -21.91
C18 PCW K . -34.37 7.22 -22.87
C19 PCW K . -33.96 5.74 -22.78
C20 PCW K . -34.48 4.82 -23.61
C21 PCW K . -35.51 5.22 -24.70
C22 PCW K . -36.59 4.13 -24.92
C23 PCW K . -37.18 3.61 -23.57
C24 PCW K . -38.57 2.92 -23.76
C13 PCW L . -35.09 17.03 -20.42
C14 PCW L . -35.13 15.69 -21.22
C15 PCW L . -35.62 14.49 -20.35
C16 PCW L . -36.36 13.40 -21.19
C17 PCW L . -37.45 14.01 -22.12
C18 PCW L . -37.87 13.02 -23.24
C19 PCW L . -38.71 11.82 -22.70
C20 PCW L . -40.00 11.71 -23.04
C21 PCW L . -40.84 10.52 -22.52
C22 PCW L . -40.21 9.15 -22.92
C23 PCW L . -40.48 8.80 -24.41
OAA ZK1 M . 2.12 46.90 1.48
OAB ZK1 M . -0.14 47.59 0.03
OAC ZK1 M . -3.06 44.57 -2.36
OAD ZK1 M . -0.64 44.84 -2.03
OAE ZK1 M . -2.01 46.77 -2.72
FAF ZK1 M . -0.74 39.57 2.44
FAG ZK1 M . 0.24 40.64 4.11
FAH ZK1 M . -1.94 40.39 4.10
CAI ZK1 M . -2.16 43.49 1.20
CAJ ZK1 M . 0.09 42.78 2.64
CAK ZK1 M . -4.60 39.57 0.67
CAL ZK1 M . -5.61 40.75 2.42
CAM ZK1 M . -3.33 40.43 0.68
CAN ZK1 M . -4.43 41.71 2.59
CAO ZK1 M . -2.28 45.94 -0.12
NAP ZK1 M . 1.10 44.86 2.04
OAQ ZK1 M . -5.72 40.30 1.09
CAR ZK1 M . -2.12 42.28 1.85
CAS ZK1 M . -0.99 41.92 2.58
CAT ZK1 M . 1.04 46.02 1.42
CAU ZK1 M . -0.08 46.36 0.70
CAV ZK1 M . 0.05 44.02 1.98
CAW ZK1 M . -1.07 44.37 1.27
NAX ZK1 M . -3.31 41.43 1.72
NAY ZK1 M . -1.11 45.55 0.63
CAZ ZK1 M . -0.86 40.59 3.32
PBA ZK1 M . -1.98 45.51 -1.90
C1 PCW N . -17.26 4.83 -32.48
C2 PCW N . -16.36 3.67 -32.05
C3 PCW N . -16.16 2.69 -33.22
C4 PCW N . -13.13 6.21 -34.84
C5 PCW N . -12.80 5.17 -35.95
C6 PCW N . -10.97 6.48 -36.82
C7 PCW N . -11.94 4.81 -38.21
C8 PCW N . -13.36 6.65 -37.75
C11 PCW N . -18.13 1.80 -34.25
C12 PCW N . -19.48 1.07 -34.16
C13 PCW N . -20.41 1.68 -33.05
C14 PCW N . -20.20 0.99 -31.66
C15 PCW N . -20.14 -0.57 -31.78
C16 PCW N . -21.33 -1.27 -31.07
C17 PCW N . -22.64 -1.24 -31.93
C18 PCW N . -22.46 -1.93 -33.31
C19 PCW N . -21.94 -3.38 -33.20
C20 PCW N . -22.79 -4.41 -33.11
C21 PCW N . -22.25 -5.85 -33.00
C22 PCW N . -23.40 -6.88 -32.80
C23 PCW N . -23.78 -7.65 -34.10
C24 PCW N . -25.32 -7.76 -34.27
C25 PCW N . -25.77 -9.15 -34.80
C26 PCW N . -26.16 -10.11 -33.64
C27 PCW N . -27.05 -11.29 -34.12
C28 PCW N . -28.32 -10.80 -34.84
C31 PCW N . -15.00 4.28 -30.21
C32 PCW N . -15.31 3.06 -29.30
C33 PCW N . -16.27 3.42 -28.13
C34 PCW N . -16.99 2.17 -27.56
C35 PCW N . -17.50 1.22 -28.68
C36 PCW N . -17.53 -0.27 -28.24
C37 PCW N . -18.70 -0.58 -27.28
C38 PCW N . -19.20 -2.04 -27.45
C39 PCW N . -18.02 -3.04 -27.47
C40 PCW N . -18.22 -4.36 -27.53
C41 PCW N . -19.64 -4.96 -27.60
C42 PCW N . -20.03 -5.38 -29.04
C43 PCW N . -19.09 -6.47 -29.60
C44 PCW N . -19.00 -7.71 -28.69
C45 PCW N . -18.24 -8.87 -29.37
N PCW N . -12.26 5.82 -37.19
O2 PCW N . -15.12 4.17 -31.62
O3 PCW N . -17.20 1.72 -33.18
O11 PCW N . -17.85 2.43 -35.23
O31 PCW N . -14.66 5.32 -29.74
O1P PCW N . -16.45 5.47 -35.19
O2P PCW N . -15.68 7.70 -34.44
O3P PCW N . -16.47 5.99 -32.65
O4P PCW N . -14.13 5.64 -34.00
P PCW N . -15.70 6.22 -34.10
C1 PCW O . -18.81 6.29 -28.49
C2 PCW O . -19.97 5.27 -28.52
C3 PCW O . -20.10 4.64 -29.91
C4 PCW O . -18.07 9.47 -25.14
C5 PCW O . -17.58 9.28 -23.67
C6 PCW O . -18.74 11.21 -22.86
C7 PCW O . -19.90 9.13 -22.88
C8 PCW O . -18.09 9.25 -21.35
C11 PCW O . -22.06 4.80 -31.28
C12 PCW O . -23.10 4.08 -30.39
C13 PCW O . -24.25 3.44 -31.24
C14 PCW O . -25.42 4.44 -31.51
C15 PCW O . -26.79 3.71 -31.64
C16 PCW O . -27.23 3.53 -33.12
C17 PCW O . -26.78 2.15 -33.69
C18 PCW O . -27.91 1.45 -34.49
C19 PCW O . -27.72 -0.09 -34.57
C20 PCW O . -26.56 -0.65 -34.19
C31 PCW O . -20.94 3.82 -26.92
C32 PCW O . -20.91 2.52 -26.06
C33 PCW O . -22.27 1.77 -26.10
C34 PCW O . -22.56 1.20 -27.52
C35 PCW O . -23.93 0.49 -27.62
C36 PCW O . -23.80 -1.01 -28.01
C37 PCW O . -22.89 -1.80 -27.02
C38 PCW O . -23.64 -3.01 -26.39
C39 PCW O . -23.52 -4.28 -27.26
C40 PCW O . -24.11 -5.42 -26.86
C41 PCW O . -24.00 -6.70 -27.72
C42 PCW O . -24.37 -6.43 -29.20
C43 PCW O . -25.87 -6.06 -29.37
C44 PCW O . -26.77 -7.31 -29.43
C45 PCW O . -27.02 -7.76 -30.88
N PCW O . -18.57 9.75 -22.66
O2 PCW O . -19.75 4.28 -27.54
O3 PCW O . -20.95 5.47 -30.69
O11 PCW O . -22.18 4.80 -32.47
O31 PCW O . -21.95 4.41 -27.03
O1P PCW O . -19.91 7.31 -25.90
O2P PCW O . -18.09 6.16 -24.71
O3P PCW O . -18.07 6.10 -27.30
O4P PCW O . -17.56 8.39 -25.92
P PCW O . -18.44 6.98 -25.93
C1 PCW P . -36.67 -13.77 -42.59
C2 PCW P . -35.57 -12.95 -43.27
C3 PCW P . -36.10 -11.55 -43.64
C4 PCW P . -33.45 -17.69 -42.92
C5 PCW P . -32.09 -16.92 -43.02
C6 PCW P . -31.35 -18.13 -44.96
C7 PCW P . -29.73 -17.01 -43.64
C8 PCW P . -30.77 -18.88 -42.59
C11 PCW P . -35.68 -9.36 -42.80
C12 PCW P . -34.27 -8.78 -42.46
C13 PCW P . -34.40 -7.43 -41.68
C14 PCW P . -33.64 -6.27 -42.41
C15 PCW P . -33.83 -4.89 -41.72
C16 PCW P . -33.96 -4.99 -40.17
C17 PCW P . -34.24 -3.61 -39.52
C18 PCW P . -33.14 -2.55 -39.87
C19 PCW P . -33.20 -1.33 -38.94
C31 PCW P . -33.24 -13.23 -42.86
C32 PCW P . -32.02 -13.31 -41.90
C33 PCW P . -31.28 -11.95 -41.80
C34 PCW P . -30.22 -11.74 -42.91
C35 PCW P . -28.76 -11.80 -42.37
C36 PCW P . -28.26 -10.42 -41.90
C37 PCW P . -27.91 -10.40 -40.39
C38 PCW P . -28.12 -9.03 -39.70
C39 PCW P . -28.19 -7.82 -40.67
C40 PCW P . -27.10 -7.10 -41.00
C41 PCW P . -25.69 -7.43 -40.44
C42 PCW P . -24.80 -8.12 -41.51
C43 PCW P . -23.29 -8.06 -41.15
C44 PCW P . -22.79 -6.61 -40.90
N PCW P . -30.99 -17.78 -43.57
O2 PCW P . -34.50 -12.79 -42.37
O3 PCW P . -35.98 -10.71 -42.50
O11 PCW P . -36.49 -8.67 -43.30
O31 PCW P . -33.11 -13.53 -44.00
O1P PCW P . -36.37 -17.29 -41.64
O2P PCW P . -34.79 -15.46 -41.16
O3P PCW P . -36.58 -15.11 -43.04
O4P PCW P . -34.49 -16.83 -43.36
P PCW P . -35.56 -16.17 -42.25
C13 PCW Q . -26.08 11.08 -22.25
C14 PCW Q . -26.65 9.66 -22.47
C15 PCW Q . -27.66 9.59 -23.67
C16 PCW Q . -27.51 8.28 -24.50
C17 PCW Q . -28.09 7.05 -23.75
C18 PCW Q . -28.03 5.76 -24.62
C19 PCW Q . -28.97 5.84 -25.84
C20 PCW Q . -29.15 4.80 -26.66
C21 PCW Q . -28.42 3.45 -26.43
C22 PCW Q . -29.23 2.25 -27.01
C23 PCW Q . -28.32 1.20 -27.68
C13 PCW R . -2.25 2.48 -33.99
C14 PCW R . -3.50 1.59 -34.27
C15 PCW R . -4.76 2.46 -34.61
C16 PCW R . -5.82 1.67 -35.43
C17 PCW R . -5.18 0.77 -36.53
C18 PCW R . -6.10 -0.44 -36.87
C19 PCW R . -7.58 -0.04 -36.96
C20 PCW R . -8.30 -0.29 -38.08
C21 PCW R . -7.65 -0.98 -39.30
C22 PCW R . -8.25 -2.39 -39.55
C23 PCW R . -9.18 -2.42 -40.80
OAA ZK1 S . 28.30 34.27 -4.75
OAB ZK1 S . 29.74 32.09 -3.87
OAC ZK1 S . 28.97 27.46 -3.85
OAD ZK1 S . 27.49 29.41 -3.64
OAE ZK1 S . 29.66 29.39 -2.50
FAF ZK1 S . 24.74 29.77 -10.18
FAG ZK1 S . 25.37 31.84 -10.57
FAH ZK1 S . 26.52 30.19 -11.46
CAI ZK1 S . 28.15 29.55 -7.54
CAJ ZK1 S . 26.72 31.76 -8.40
CAK ZK1 S . 26.71 25.81 -9.57
CAL ZK1 S . 28.62 26.46 -10.69
CAM ZK1 S . 26.37 27.21 -9.08
CAN ZK1 S . 28.47 27.93 -10.33
CAO ZK1 S . 29.71 29.71 -5.22
NAP ZK1 S . 27.54 32.98 -6.56
OAQ ZK1 S . 28.08 25.63 -9.70
CAR ZK1 S . 27.40 29.46 -8.69
CAS ZK1 S . 26.68 30.58 -9.12
CAT ZK1 S . 28.26 33.07 -5.47
CAU ZK1 S . 28.98 31.98 -5.03
CAV ZK1 S . 27.51 31.84 -7.24
CAW ZK1 S . 28.22 30.75 -6.81
NAX ZK1 S . 27.40 28.19 -9.39
NAY ZK1 S . 28.95 30.85 -5.69
CAZ ZK1 S . 25.81 30.58 -10.37
PBA ZK1 S . 28.92 28.96 -3.73
C1 PCW T . 5.97 -17.49 -26.74
C2 PCW T . 5.06 -18.10 -27.81
C3 PCW T . 3.68 -18.45 -27.22
C4 PCW T . 9.17 -13.85 -25.64
C5 PCW T . 8.69 -12.90 -24.49
C6 PCW T . 8.70 -10.76 -23.44
C7 PCW T . 10.63 -11.41 -24.68
C8 PCW T . 8.67 -10.99 -25.98
C11 PCW T . 2.69 -20.15 -25.79
C12 PCW T . 1.27 -19.82 -26.34
C13 PCW T . 0.20 -20.79 -25.75
C14 PCW T . -0.38 -21.74 -26.83
C15 PCW T . -0.61 -21.03 -28.20
C16 PCW T . -2.12 -20.80 -28.52
C17 PCW T . -3.00 -22.04 -28.21
C18 PCW T . -4.51 -21.82 -28.50
C19 PCW T . -4.89 -22.17 -29.96
C20 PCW T . -5.26 -23.43 -30.28
C21 PCW T . -5.65 -23.78 -31.74
C22 PCW T . -6.06 -25.27 -31.91
C23 PCW T . -5.02 -26.24 -31.25
C24 PCW T . -4.94 -27.61 -31.99
C25 PCW T . -6.30 -28.35 -31.99
C26 PCW T . -6.26 -29.63 -32.88
C27 PCW T . -7.64 -30.34 -32.94
C28 PCW T . -8.80 -29.36 -33.24
C31 PCW T . 5.78 -17.41 -29.95
C32 PCW T . 5.31 -18.27 -31.15
C33 PCW T . 5.73 -17.62 -32.51
C34 PCW T . 4.99 -16.29 -32.79
C35 PCW T . 3.46 -16.39 -32.52
C36 PCW T . 2.64 -16.60 -33.83
C37 PCW T . 2.41 -18.11 -34.15
C38 PCW T . 1.99 -18.90 -32.88
C39 PCW T . 0.72 -19.75 -33.14
C40 PCW T . -0.02 -19.54 -34.24
C41 PCW T . -1.29 -20.38 -34.48
C42 PCW T . -1.02 -21.90 -34.33
C43 PCW T . -2.22 -22.63 -33.69
C44 PCW T . -2.07 -22.74 -32.16
C45 PCW T . -1.92 -24.20 -31.70
N PCW T . 9.14 -11.49 -24.66
O2 PCW T . 4.89 -17.18 -28.86
O3 PCW T . 3.86 -19.57 -26.36
O11 PCW T . 2.78 -20.89 -24.87
O31 PCW T . 6.87 -16.95 -29.93
O1P PCW T . 8.79 -17.03 -27.17
O2P PCW T . 8.30 -14.87 -28.23
O3P PCW T . 6.35 -16.18 -27.13
O4P PCW T . 8.31 -15.00 -25.62
P PCW T . 7.97 -15.77 -27.07
C1 PCW U . 12.81 -21.15 -23.51
C2 PCW U . 11.76 -22.16 -23.99
C3 PCW U . 12.27 -23.57 -23.71
C4 PCW U . 13.94 -17.07 -21.88
C5 PCW U . 14.82 -17.76 -20.79
C6 PCW U . 16.62 -17.62 -19.20
C7 PCW U . 16.69 -16.20 -21.10
C8 PCW U . 14.97 -15.71 -19.52
C11 PCW U . 14.21 -24.94 -23.97
C12 PCW U . 13.61 -26.07 -23.11
C13 PCW U . 13.60 -27.43 -23.87
C14 PCW U . 12.18 -27.77 -24.41
C15 PCW U . 12.08 -27.50 -25.95
C16 PCW U . 10.71 -26.90 -26.37
C17 PCW U . 9.52 -27.68 -25.75
C18 PCW U . 9.34 -29.08 -26.38
C19 PCW U . 9.37 -29.03 -27.93
C20 PCW U . 8.53 -29.80 -28.64
C31 PCW U . 9.41 -21.85 -24.04
C32 PCW U . 8.52 -20.59 -23.91
C33 PCW U . 7.37 -20.60 -24.95
C34 PCW U . 6.03 -21.01 -24.29
C35 PCW U . 5.83 -22.55 -24.25
C36 PCW U . 5.19 -23.10 -25.54
C37 PCW U . 6.23 -23.84 -26.43
C38 PCW U . 6.74 -25.14 -25.76
C39 PCW U . 5.57 -26.09 -25.41
C40 PCW U . 5.25 -27.13 -26.19
C41 PCW U . 6.05 -27.41 -27.49
C42 PCW U . 5.12 -27.56 -28.71
C43 PCW U . 4.13 -26.36 -28.83
C44 PCW U . 2.84 -26.74 -29.58
C45 PCW U . 1.80 -25.58 -29.60
N PCW U . 15.77 -16.81 -20.11
O2 PCW U . 10.59 -21.94 -23.25
O3 PCW U . 13.68 -23.62 -23.89
O11 PCW U . 15.13 -25.16 -24.70
O31 PCW U . 9.10 -22.72 -24.78
O1P PCW U . 11.49 -18.53 -24.32
O2P PCW U . 11.19 -17.97 -21.92
O3P PCW U . 12.18 -20.30 -22.56
O4P PCW U . 13.62 -18.03 -22.88
P PCW U . 12.08 -18.68 -22.93
C1 PCW V . -7.47 -40.65 -37.01
C2 PCW V . -6.45 -39.70 -37.66
C3 PCW V . -6.53 -38.33 -36.95
C4 PCW V . -12.30 -41.42 -36.29
C5 PCW V . -12.07 -42.58 -35.26
C6 PCW V . -14.43 -43.01 -35.07
C7 PCW V . -13.21 -44.19 -36.72
C8 PCW V . -12.66 -44.76 -34.50
C11 PCW V . -7.27 -36.20 -37.70
C12 PCW V . -6.76 -34.75 -37.84
C13 PCW V . -5.20 -34.68 -37.92
C14 PCW V . -4.63 -33.47 -37.14
C15 PCW V . -4.70 -33.66 -35.60
C16 PCW V . -3.36 -34.14 -34.98
C17 PCW V . -2.13 -33.33 -35.48
C18 PCW V . -2.09 -31.88 -34.94
C19 PCW V . -2.40 -30.83 -36.04
C31 PCW V . -4.93 -41.56 -37.86
C32 PCW V . -4.25 -42.47 -36.81
C33 PCW V . -3.77 -41.63 -35.59
C34 PCW V . -2.33 -41.07 -35.80
C35 PCW V . -2.29 -39.51 -35.86
C36 PCW V . -2.90 -38.88 -34.59
C37 PCW V . -2.03 -39.15 -33.33
C38 PCW V . -2.32 -38.14 -32.19
C39 PCW V . -1.39 -36.90 -32.23
C40 PCW V . -1.70 -35.83 -31.50
C41 PCW V . -0.79 -34.59 -31.53
C42 PCW V . 0.63 -34.90 -30.98
C43 PCW V . 1.75 -34.19 -31.77
C44 PCW V . 1.70 -32.65 -31.61
N PCW V . -13.12 -43.64 -35.36
O2 PCW V . -5.14 -40.19 -37.55
O3 PCW V . -6.40 -37.31 -37.93
O11 PCW V . -8.40 -36.42 -37.40
O31 PCW V . -5.22 -42.01 -38.93
O1P PCW V . -10.47 -39.48 -38.43
O2P PCW V . -9.87 -41.82 -37.89
O3P PCW V . -8.63 -39.92 -36.66
O4P PCW V . -11.25 -40.46 -36.15
P PCW V . -10.07 -40.43 -37.32
C13 PCW W . 7.46 -9.56 -34.00
C14 PCW W . 6.26 -8.91 -34.76
C15 PCW W . 5.59 -9.86 -35.80
C16 PCW W . 5.57 -11.36 -35.36
C17 PCW W . 4.28 -12.11 -35.80
C18 PCW W . 3.99 -12.00 -37.33
C19 PCW W . 2.75 -11.11 -37.62
C20 PCW W . 2.00 -11.29 -38.72
C21 PCW W . 2.34 -12.39 -39.76
C22 PCW W . 1.43 -13.64 -39.61
C23 PCW W . 1.34 -14.44 -40.94
C12 PCW X . 0.01 -1.71 -32.60
C13 PCW X . 0.35 -3.18 -32.97
C14 PCW X . -0.66 -3.78 -34.00
C15 PCW X . -1.84 -4.55 -33.32
C16 PCW X . -3.15 -4.49 -34.15
C17 PCW X . -3.06 -5.36 -35.44
C18 PCW X . -4.41 -5.37 -36.22
C19 PCW X . -5.55 -6.00 -35.38
C20 PCW X . -6.76 -6.24 -35.93
C21 PCW X . -7.04 -5.91 -37.41
C22 PCW X . -7.10 -7.18 -38.29
C23 PCW X . -8.57 -7.65 -38.51
C24 PCW X . -8.89 -7.91 -40.01
C13 PCW Y . 11.74 -42.16 -2.26
C14 PCW Y . 10.32 -42.41 -2.89
C15 PCW Y . 10.21 -41.87 -4.34
C16 PCW Y . 9.21 -42.68 -5.21
C17 PCW Y . 9.45 -44.21 -5.13
C18 PCW Y . 8.23 -45.03 -5.63
C19 PCW Y . 8.04 -44.94 -7.17
C20 PCW Y . 8.21 -46.05 -7.92
C21 PCW Y . 8.03 -45.98 -9.45
C22 PCW Y . 6.61 -45.49 -9.85
C23 PCW Y . 5.53 -46.59 -9.66
C13 PCW Z . -18.83 -25.13 13.55
C14 PCW Z . -19.15 -25.97 12.27
C15 PCW Z . -18.31 -27.27 12.21
C16 PCW Z . -18.97 -28.38 11.33
C17 PCW Z . -20.51 -28.47 11.55
C18 PCW Z . -21.23 -29.03 10.28
C19 PCW Z . -20.46 -30.22 9.66
C20 PCW Z . -21.07 -31.42 9.49
C21 PCW Z . -22.54 -31.63 9.89
C22 PCW Z . -23.45 -31.87 8.66
C23 PCW Z . -23.91 -33.35 8.54
OAA ZK1 AA . 32.33 -8.86 32.69
OAB ZK1 AA . 32.76 -11.57 32.30
OAC ZK1 AA . 30.28 -14.48 29.37
OAD ZK1 AA . 29.78 -12.65 30.92
OAE ZK1 AA . 31.19 -14.52 31.65
FAF ZK1 AA . 28.93 -8.38 25.55
FAG ZK1 AA . 30.32 -6.83 26.26
FAH ZK1 AA . 30.97 -8.25 24.71
CAI ZK1 AA . 31.40 -11.15 27.80
CAJ ZK1 AA . 30.96 -8.45 28.17
CAK ZK1 AA . 29.29 -12.35 23.87
CAL ZK1 AA . 31.56 -12.12 23.37
CAM ZK1 AA . 29.39 -11.57 25.19
CAN ZK1 AA . 31.87 -11.33 24.64
CAO ZK1 AA . 32.32 -12.74 29.91
NAP ZK1 AA . 31.66 -8.68 30.43
OAQ ZK1 AA . 30.49 -13.02 23.58
CAR ZK1 AA . 30.94 -10.39 26.75
CAS ZK1 AA . 30.72 -9.02 26.93
CAT ZK1 AA . 32.08 -9.42 31.44
CAU ZK1 AA . 32.30 -10.77 31.24
CAV ZK1 AA . 31.43 -9.24 29.24
CAW ZK1 AA . 31.64 -10.57 29.06
NAX ZK1 AA . 30.72 -11.08 25.50
NAY ZK1 AA . 32.08 -11.32 30.08
CAZ ZK1 AA . 30.22 -8.11 25.83
PBA ZK1 AA . 30.82 -13.64 30.49
C1 PCW BA . -10.75 -35.06 5.22
C2 PCW BA . -11.61 -33.85 4.82
C3 PCW BA . -13.08 -34.27 4.73
C4 PCW BA . -12.77 -34.16 9.64
C5 PCW BA . -14.32 -34.41 9.57
C6 PCW BA . -14.62 -34.06 11.94
C7 PCW BA . -16.29 -35.27 10.74
C8 PCW BA . -14.20 -36.39 10.93
C11 PCW BA . -13.63 -36.12 3.31
C12 PCW BA . -13.58 -36.83 1.93
C13 PCW BA . -12.13 -36.85 1.33
C14 PCW BA . -11.81 -35.60 0.47
C15 PCW BA . -12.98 -35.25 -0.51
C16 PCW BA . -12.58 -35.44 -2.00
C17 PCW BA . -12.63 -36.93 -2.45
C18 PCW BA . -14.04 -37.57 -2.30
C19 PCW BA . -15.15 -36.75 -3.00
C20 PCW BA . -15.51 -37.04 -4.27
C21 PCW BA . -16.62 -36.23 -4.97
C22 PCW BA . -16.82 -36.67 -6.44
C23 PCW BA . -17.94 -37.72 -6.60
C24 PCW BA . -17.58 -38.77 -7.70
C25 PCW BA . -18.75 -39.04 -8.69
C26 PCW BA . -18.57 -38.29 -10.04
C27 PCW BA . -19.28 -39.01 -11.20
C28 PCW BA . -18.78 -40.47 -11.34
C31 PCW BA . -10.54 -31.82 5.40
C32 PCW BA . -10.70 -31.10 4.04
C33 PCW BA . -9.37 -31.05 3.22
C34 PCW BA . -9.61 -30.87 1.70
C35 PCW BA . -10.77 -31.77 1.18
C36 PCW BA . -11.52 -31.12 -0.02
C37 PCW BA . -10.70 -31.18 -1.34
C38 PCW BA . -11.63 -31.31 -2.58
C39 PCW BA . -12.78 -30.27 -2.52
C40 PCW BA . -13.65 -30.15 -3.53
C41 PCW BA . -13.57 -31.04 -4.79
C42 PCW BA . -14.62 -32.18 -4.79
C43 PCW BA . -16.07 -31.64 -4.71
C44 PCW BA . -16.40 -30.65 -5.85
C45 PCW BA . -17.88 -30.25 -5.86
N PCW BA . -14.83 -35.04 10.83
O2 PCW BA . -11.46 -32.83 5.78
O3 PCW BA . -13.34 -34.73 3.40
O11 PCW BA . -13.92 -36.75 4.28
O31 PCW BA . -9.65 -31.52 6.14
O1P PCW BA . -12.29 -36.49 7.20
O2P PCW BA . -10.57 -36.01 8.91
O3P PCW BA . -10.34 -34.91 6.57
O4P PCW BA . -12.28 -34.13 8.31
P PCW BA . -11.37 -35.43 7.76
C1 PCW CA . -6.71 -33.77 3.65
C2 PCW CA . -7.00 -34.31 2.25
C3 PCW CA . -8.24 -35.21 2.28
C4 PCW CA . -2.67 -31.76 5.03
C5 PCW CA . -2.09 -30.35 4.67
C6 PCW CA . 0.18 -30.98 5.16
C7 PCW CA . -0.64 -31.38 2.96
C8 PCW CA . -0.41 -29.09 3.54
C11 PCW CA . -8.25 -37.55 1.73
C12 PCW CA . -7.83 -37.50 0.24
C13 PCW CA . -8.38 -38.72 -0.56
C14 PCW CA . -7.42 -39.95 -0.52
C15 PCW CA . -7.51 -40.81 -1.81
C16 PCW CA . -8.39 -42.08 -1.62
C17 PCW CA . -9.87 -41.82 -2.05
C18 PCW CA . -10.43 -42.96 -2.94
C19 PCW CA . -11.62 -42.51 -3.83
C20 PCW CA . -12.19 -41.31 -3.63
C31 PCW CA . -6.63 -33.45 0.07
C32 PCW CA . -7.14 -32.63 -1.13
C33 PCW CA . -7.07 -33.45 -2.46
C34 PCW CA . -8.09 -34.62 -2.46
C35 PCW CA . -8.20 -35.33 -3.84
C36 PCW CA . -9.59 -35.15 -4.50
C37 PCW CA . -9.87 -33.66 -4.87
C38 PCW CA . -10.04 -33.46 -6.40
C39 PCW CA . -11.50 -33.65 -6.88
C40 PCW CA . -11.78 -33.54 -8.18
C41 PCW CA . -13.25 -33.73 -8.66
C42 PCW CA . -13.88 -35.03 -8.12
C43 PCW CA . -13.19 -36.30 -8.69
C44 PCW CA . -13.68 -36.63 -10.10
C45 PCW CA . -14.89 -37.58 -10.08
N PCW CA . -0.71 -30.43 4.10
O2 PCW CA . -7.20 -33.24 1.36
O3 PCW CA . -7.83 -36.53 2.64
O11 PCW CA . -8.92 -38.44 2.13
O31 PCW CA . -5.77 -34.26 -0.08
O1P PCW CA . -3.95 -33.10 2.74
O2P PCW CA . -4.62 -30.74 2.55
O3P PCW CA . -6.35 -32.40 3.55
O4P PCW CA . -4.09 -31.70 4.90
P PCW CA . -4.74 -31.99 3.39
C1 PCW DA . -22.75 -50.78 -15.54
C2 PCW DA . -22.99 -50.66 -14.03
C3 PCW DA . -22.09 -51.66 -13.28
C4 PCW DA . -26.84 -47.83 -16.10
C5 PCW DA . -26.89 -47.16 -14.70
C6 PCW DA . -29.20 -47.67 -14.31
C7 PCW DA . -28.21 -45.93 -13.05
C8 PCW DA . -28.45 -45.46 -15.37
C11 PCW DA . -20.10 -51.40 -11.97
C12 PCW DA . -20.13 -50.42 -10.77
C13 PCW DA . -18.71 -50.16 -10.20
C14 PCW DA . -18.63 -50.43 -8.67
C15 PCW DA . -17.16 -50.43 -8.12
C16 PCW DA . -16.24 -49.43 -8.85
C17 PCW DA . -14.77 -49.52 -8.35
C18 PCW DA . -14.65 -49.27 -6.82
C19 PCW DA . -13.20 -48.96 -6.39
C31 PCW DA . -23.74 -48.67 -12.99
C32 PCW DA . -23.63 -47.13 -12.73
C33 PCW DA . -22.70 -46.83 -11.51
C34 PCW DA . -23.39 -47.13 -10.15
C35 PCW DA . -24.03 -45.87 -9.51
C36 PCW DA . -23.24 -45.39 -8.26
C37 PCW DA . -22.51 -44.04 -8.51
C38 PCW DA . -21.00 -44.06 -8.12
C39 PCW DA . -20.66 -45.05 -6.99
C40 PCW DA . -20.67 -44.71 -5.70
C41 PCW DA . -21.05 -43.28 -5.22
C42 PCW DA . -22.52 -43.22 -4.71
C43 PCW DA . -22.82 -41.94 -3.89
C44 PCW DA . -21.86 -41.77 -2.69
N PCW DA . -28.23 -46.56 -14.39
O2 PCW DA . -22.67 -49.36 -13.63
O3 PCW DA . -20.79 -51.08 -13.17
O11 PCW DA . -19.49 -52.41 -11.89
O31 PCW DA . -24.72 -49.25 -12.65
O1P PCW DA . -24.70 -49.12 -18.15
O2P PCW DA . -23.73 -48.11 -16.12
O3P PCW DA . -23.99 -50.70 -16.22
O4P PCW DA . -26.15 -49.07 -15.99
P PCW DA . -24.62 -49.22 -16.64
C13 PCW EA . 3.18 -35.73 0.01
C14 PCW EA . 2.26 -35.93 -1.23
C15 PCW EA . 1.84 -37.42 -1.44
C16 PCW EA . 0.36 -37.56 -1.92
C17 PCW EA . 0.19 -37.15 -3.40
C18 PCW EA . -1.27 -37.39 -3.90
C19 PCW EA . -1.62 -38.88 -3.95
C20 PCW EA . -2.79 -39.31 -4.47
C21 PCW EA . -3.85 -38.32 -5.02
C22 PCW EA . -4.74 -38.98 -6.11
C23 PCW EA . -6.22 -38.55 -6.00
C12 PCW FA . 5.90 -36.23 -3.37
C13 PCW FA . 6.40 -37.47 -4.16
C14 PCW FA . 5.23 -38.44 -4.51
C15 PCW FA . 4.15 -37.74 -5.39
C16 PCW FA . 3.27 -38.73 -6.19
C17 PCW FA . 4.08 -39.92 -6.78
C18 PCW FA . 3.16 -40.93 -7.53
C19 PCW FA . 2.04 -40.21 -8.32
C20 PCW FA . 1.08 -40.92 -8.94
C21 PCW FA . 1.08 -42.48 -8.91
C22 PCW FA . 0.55 -43.10 -10.23
C23 PCW FA . 1.30 -42.54 -11.47
C24 PCW FA . 1.15 -43.46 -12.73
#